data_4QB6
# 
_entry.id   4QB6 
# 
_audit_conform.dict_name       mmcif_pdbx.dic 
_audit_conform.dict_version    5.379 
_audit_conform.dict_location   http://mmcif.pdb.org/dictionaries/ascii/mmcif_pdbx.dic 
# 
loop_
_database_2.database_id 
_database_2.database_code 
_database_2.pdbx_database_accession 
_database_2.pdbx_DOI 
PDB   4QB6         pdb_00004qb6 10.2210/pdb4qb6/pdb 
RCSB  RCSB085833   ?            ?                   
WWPDB D_1000085833 ?            ?                   
# 
loop_
_pdbx_database_related.db_name 
_pdbx_database_related.db_id 
_pdbx_database_related.details 
_pdbx_database_related.content_type 
PDB 4QAW GH30-CBM35                   unspecified 
PDB 4QB1 'CBM35 without ligand'       unspecified 
PDB 4QB2 'CBM35 with glucuronic acid' unspecified 
# 
_pdbx_database_status.status_code                     REL 
_pdbx_database_status.entry_id                        4QB6 
_pdbx_database_status.recvd_initial_deposition_date   2014-05-06 
_pdbx_database_status.deposit_site                    RCSB 
_pdbx_database_status.process_site                    RCSB 
_pdbx_database_status.status_code_sf                  REL 
_pdbx_database_status.status_code_mr                  ? 
_pdbx_database_status.SG_entry                        ? 
_pdbx_database_status.status_code_cs                  ? 
_pdbx_database_status.methods_development_category    ? 
_pdbx_database_status.pdb_format_compatible           Y 
_pdbx_database_status.status_code_nmr_data            ? 
# 
loop_
_audit_author.name 
_audit_author.pdbx_ordinal 
'Sainz-Polo, M.A.'  1 
'Sanz-Aparicio, J.' 2 
# 
_citation.id                        primary 
_citation.title                     
;Structural Analysis of Glucuronoxylan-specific Xyn30D and Its Attached CBM35 Domain Gives Insights into the Role of Modularity in Specificity.
;
_citation.journal_abbrev            J.Biol.Chem. 
_citation.journal_volume            289 
_citation.page_first                31088 
_citation.page_last                 31101 
_citation.year                      2014 
_citation.journal_id_ASTM           JBCHA3 
_citation.country                   US 
_citation.journal_id_ISSN           0021-9258 
_citation.journal_id_CSD            0071 
_citation.book_publisher            ? 
_citation.pdbx_database_id_PubMed   25202007 
_citation.pdbx_database_id_DOI      10.1074/jbc.M114.597732 
# 
loop_
_citation_author.citation_id 
_citation_author.name 
_citation_author.ordinal 
_citation_author.identifier_ORCID 
primary 'Sainz-Polo, M.A.'  1 ? 
primary 'Valenzuela, S.V.'  2 ? 
primary 'Gonzalez, B.'      3 ? 
primary 'Pastor, F.I.'      4 ? 
primary 'Sanz-Aparicio, J.' 5 ? 
# 
_cell.entry_id           4QB6 
_cell.length_a           39.780 
_cell.length_b           47.350 
_cell.length_c           103.030 
_cell.angle_alpha        90.00 
_cell.angle_beta         90.00 
_cell.angle_gamma        90.00 
_cell.Z_PDB              4 
_cell.pdbx_unique_axis   ? 
_cell.length_a_esd       ? 
_cell.length_b_esd       ? 
_cell.length_c_esd       ? 
_cell.angle_alpha_esd    ? 
_cell.angle_beta_esd     ? 
_cell.angle_gamma_esd    ? 
# 
_symmetry.entry_id                         4QB6 
_symmetry.space_group_name_H-M             'P 21 21 21' 
_symmetry.pdbx_full_space_group_name_H-M   ? 
_symmetry.cell_setting                     ? 
_symmetry.Int_Tables_number                19 
_symmetry.space_group_name_Hall            ? 
# 
loop_
_entity.id 
_entity.type 
_entity.src_method 
_entity.pdbx_description 
_entity.formula_weight 
_entity.pdbx_number_of_molecules 
_entity.pdbx_ec 
_entity.pdbx_mutation 
_entity.pdbx_fragment 
_entity.details 
1 polymer     man Xyn30D                                                    17424.920 1   3.2.1.8 ? ? ? 
2 branched    man 'alpha-D-glucopyranuronic acid-(1-2)-beta-D-xylopyranose' 326.254   1   ?       ? ? ? 
3 non-polymer syn 'CALCIUM ION'                                             40.078    2   ?       ? ? ? 
4 water       nat water                                                     18.015    100 ?       ? ? ? 
# 
_entity_poly.entity_id                      1 
_entity_poly.type                           'polypeptide(L)' 
_entity_poly.nstd_linkage                   no 
_entity_poly.nstd_monomer                   no 
_entity_poly.pdbx_seq_one_letter_code       
;MGSSHHHHHHSSGLVPRGHSMASLSGGNSGGGNVNTGTTYEAETGTTLTDAVVETLYPGYTGSGYVNFNAYTNSAIEWNA
INNMTTGTKNVKFRYALESGTRNLDIYVNGTKVLSNEPFTETGSWSTWGEKTIQVAMNSGVNTLRIVTTGTEGPNMDNIT
VTAS
;
_entity_poly.pdbx_seq_one_letter_code_can   
;MGSSHHHHHHSSGLVPRGHSMASLSGGNSGGGNVNTGTTYEAETGTTLTDAVVETLYPGYTGSGYVNFNAYTNSAIEWNA
INNMTTGTKNVKFRYALESGTRNLDIYVNGTKVLSNEPFTETGSWSTWGEKTIQVAMNSGVNTLRIVTTGTEGPNMDNIT
VTAS
;
_entity_poly.pdbx_strand_id                 A 
_entity_poly.pdbx_target_identifier         ? 
# 
loop_
_entity_poly_seq.entity_id 
_entity_poly_seq.num 
_entity_poly_seq.mon_id 
_entity_poly_seq.hetero 
1 1   MET n 
1 2   GLY n 
1 3   SER n 
1 4   SER n 
1 5   HIS n 
1 6   HIS n 
1 7   HIS n 
1 8   HIS n 
1 9   HIS n 
1 10  HIS n 
1 11  SER n 
1 12  SER n 
1 13  GLY n 
1 14  LEU n 
1 15  VAL n 
1 16  PRO n 
1 17  ARG n 
1 18  GLY n 
1 19  HIS n 
1 20  SER n 
1 21  MET n 
1 22  ALA n 
1 23  SER n 
1 24  LEU n 
1 25  SER n 
1 26  GLY n 
1 27  GLY n 
1 28  ASN n 
1 29  SER n 
1 30  GLY n 
1 31  GLY n 
1 32  GLY n 
1 33  ASN n 
1 34  VAL n 
1 35  ASN n 
1 36  THR n 
1 37  GLY n 
1 38  THR n 
1 39  THR n 
1 40  TYR n 
1 41  GLU n 
1 42  ALA n 
1 43  GLU n 
1 44  THR n 
1 45  GLY n 
1 46  THR n 
1 47  THR n 
1 48  LEU n 
1 49  THR n 
1 50  ASP n 
1 51  ALA n 
1 52  VAL n 
1 53  VAL n 
1 54  GLU n 
1 55  THR n 
1 56  LEU n 
1 57  TYR n 
1 58  PRO n 
1 59  GLY n 
1 60  TYR n 
1 61  THR n 
1 62  GLY n 
1 63  SER n 
1 64  GLY n 
1 65  TYR n 
1 66  VAL n 
1 67  ASN n 
1 68  PHE n 
1 69  ASN n 
1 70  ALA n 
1 71  TYR n 
1 72  THR n 
1 73  ASN n 
1 74  SER n 
1 75  ALA n 
1 76  ILE n 
1 77  GLU n 
1 78  TRP n 
1 79  ASN n 
1 80  ALA n 
1 81  ILE n 
1 82  ASN n 
1 83  ASN n 
1 84  MET n 
1 85  THR n 
1 86  THR n 
1 87  GLY n 
1 88  THR n 
1 89  LYS n 
1 90  ASN n 
1 91  VAL n 
1 92  LYS n 
1 93  PHE n 
1 94  ARG n 
1 95  TYR n 
1 96  ALA n 
1 97  LEU n 
1 98  GLU n 
1 99  SER n 
1 100 GLY n 
1 101 THR n 
1 102 ARG n 
1 103 ASN n 
1 104 LEU n 
1 105 ASP n 
1 106 ILE n 
1 107 TYR n 
1 108 VAL n 
1 109 ASN n 
1 110 GLY n 
1 111 THR n 
1 112 LYS n 
1 113 VAL n 
1 114 LEU n 
1 115 SER n 
1 116 ASN n 
1 117 GLU n 
1 118 PRO n 
1 119 PHE n 
1 120 THR n 
1 121 GLU n 
1 122 THR n 
1 123 GLY n 
1 124 SER n 
1 125 TRP n 
1 126 SER n 
1 127 THR n 
1 128 TRP n 
1 129 GLY n 
1 130 GLU n 
1 131 LYS n 
1 132 THR n 
1 133 ILE n 
1 134 GLN n 
1 135 VAL n 
1 136 ALA n 
1 137 MET n 
1 138 ASN n 
1 139 SER n 
1 140 GLY n 
1 141 VAL n 
1 142 ASN n 
1 143 THR n 
1 144 LEU n 
1 145 ARG n 
1 146 ILE n 
1 147 VAL n 
1 148 THR n 
1 149 THR n 
1 150 GLY n 
1 151 THR n 
1 152 GLU n 
1 153 GLY n 
1 154 PRO n 
1 155 ASN n 
1 156 MET n 
1 157 ASP n 
1 158 ASN n 
1 159 ILE n 
1 160 THR n 
1 161 VAL n 
1 162 THR n 
1 163 ALA n 
1 164 SER n 
# 
_entity_src_gen.entity_id                          1 
_entity_src_gen.pdbx_src_id                        1 
_entity_src_gen.pdbx_alt_source_flag               sample 
_entity_src_gen.pdbx_seq_type                      ? 
_entity_src_gen.pdbx_beg_seq_num                   ? 
_entity_src_gen.pdbx_end_seq_num                   ? 
_entity_src_gen.gene_src_common_name               ? 
_entity_src_gen.gene_src_genus                     ? 
_entity_src_gen.pdbx_gene_src_gene                 xyn30d 
_entity_src_gen.gene_src_species                   ? 
_entity_src_gen.gene_src_strain                    ? 
_entity_src_gen.gene_src_tissue                    ? 
_entity_src_gen.gene_src_tissue_fraction           ? 
_entity_src_gen.gene_src_details                   ? 
_entity_src_gen.pdbx_gene_src_fragment             ? 
_entity_src_gen.pdbx_gene_src_scientific_name      'Paenibacillus barcinonensis' 
_entity_src_gen.pdbx_gene_src_ncbi_taxonomy_id     198119 
_entity_src_gen.pdbx_gene_src_variant              ? 
_entity_src_gen.pdbx_gene_src_cell_line            ? 
_entity_src_gen.pdbx_gene_src_atcc                 ? 
_entity_src_gen.pdbx_gene_src_organ                ? 
_entity_src_gen.pdbx_gene_src_organelle            ? 
_entity_src_gen.pdbx_gene_src_cell                 ? 
_entity_src_gen.pdbx_gene_src_cellular_location    ? 
_entity_src_gen.host_org_common_name               ? 
_entity_src_gen.pdbx_host_org_scientific_name      'Escherichia coli' 
_entity_src_gen.pdbx_host_org_ncbi_taxonomy_id     469008 
_entity_src_gen.host_org_genus                     ? 
_entity_src_gen.pdbx_host_org_gene                 ? 
_entity_src_gen.pdbx_host_org_organ                ? 
_entity_src_gen.host_org_species                   ? 
_entity_src_gen.pdbx_host_org_tissue               ? 
_entity_src_gen.pdbx_host_org_tissue_fraction      ? 
_entity_src_gen.pdbx_host_org_strain               'BL21(de3)' 
_entity_src_gen.pdbx_host_org_variant              ? 
_entity_src_gen.pdbx_host_org_cell_line            ? 
_entity_src_gen.pdbx_host_org_atcc                 ? 
_entity_src_gen.pdbx_host_org_culture_collection   ? 
_entity_src_gen.pdbx_host_org_cell                 ? 
_entity_src_gen.pdbx_host_org_organelle            ? 
_entity_src_gen.pdbx_host_org_cellular_location    ? 
_entity_src_gen.pdbx_host_org_vector_type          PLASMID 
_entity_src_gen.pdbx_host_org_vector               ? 
_entity_src_gen.host_org_details                   ? 
_entity_src_gen.expression_system_id               ? 
_entity_src_gen.plasmid_name                       pET28a 
_entity_src_gen.plasmid_details                    ? 
_entity_src_gen.pdbx_description                   ? 
# 
_struct_ref.id                         1 
_struct_ref.db_name                    UNP 
_struct_ref.db_code                    H6WCZ0_PAEBA 
_struct_ref.pdbx_db_accession          H6WCZ0 
_struct_ref.entity_id                  1 
_struct_ref.pdbx_seq_one_letter_code   
;LSGGNSGGGNVNTGTTYEAETGTTLTDAVVETLYPGYTGSGYVNFNAYTNSAIEWNAINNMTTGTKNVKFRYALESGTRN
LDIYVNGTKVLSNEPFTETGSWSTWGEKTIQVAMNSGVNTLRIVTTGTEGPNMDNITVTAS
;
_struct_ref.pdbx_align_begin           422 
_struct_ref.pdbx_db_isoform            ? 
# 
_struct_ref_seq.align_id                      1 
_struct_ref_seq.ref_id                        1 
_struct_ref_seq.pdbx_PDB_id_code              4QB6 
_struct_ref_seq.pdbx_strand_id                A 
_struct_ref_seq.seq_align_beg                 24 
_struct_ref_seq.pdbx_seq_align_beg_ins_code   ? 
_struct_ref_seq.seq_align_end                 164 
_struct_ref_seq.pdbx_seq_align_end_ins_code   ? 
_struct_ref_seq.pdbx_db_accession             H6WCZ0 
_struct_ref_seq.db_align_beg                  422 
_struct_ref_seq.pdbx_db_align_beg_ins_code    ? 
_struct_ref_seq.db_align_end                  562 
_struct_ref_seq.pdbx_db_align_end_ins_code    ? 
_struct_ref_seq.pdbx_auth_seq_align_beg       1 
_struct_ref_seq.pdbx_auth_seq_align_end       141 
# 
loop_
_struct_ref_seq_dif.align_id 
_struct_ref_seq_dif.pdbx_pdb_id_code 
_struct_ref_seq_dif.mon_id 
_struct_ref_seq_dif.pdbx_pdb_strand_id 
_struct_ref_seq_dif.seq_num 
_struct_ref_seq_dif.pdbx_pdb_ins_code 
_struct_ref_seq_dif.pdbx_seq_db_name 
_struct_ref_seq_dif.pdbx_seq_db_accession_code 
_struct_ref_seq_dif.db_mon_id 
_struct_ref_seq_dif.pdbx_seq_db_seq_num 
_struct_ref_seq_dif.details 
_struct_ref_seq_dif.pdbx_auth_seq_num 
_struct_ref_seq_dif.pdbx_ordinal 
1 4QB6 MET A 1  ? UNP H6WCZ0 ? ? 'initiating methionine' -22 1  
1 4QB6 GLY A 2  ? UNP H6WCZ0 ? ? 'expression tag'        -21 2  
1 4QB6 SER A 3  ? UNP H6WCZ0 ? ? 'expression tag'        -20 3  
1 4QB6 SER A 4  ? UNP H6WCZ0 ? ? 'expression tag'        -19 4  
1 4QB6 HIS A 5  ? UNP H6WCZ0 ? ? 'expression tag'        -18 5  
1 4QB6 HIS A 6  ? UNP H6WCZ0 ? ? 'expression tag'        -17 6  
1 4QB6 HIS A 7  ? UNP H6WCZ0 ? ? 'expression tag'        -16 7  
1 4QB6 HIS A 8  ? UNP H6WCZ0 ? ? 'expression tag'        -15 8  
1 4QB6 HIS A 9  ? UNP H6WCZ0 ? ? 'expression tag'        -14 9  
1 4QB6 HIS A 10 ? UNP H6WCZ0 ? ? 'expression tag'        -13 10 
1 4QB6 SER A 11 ? UNP H6WCZ0 ? ? 'expression tag'        -12 11 
1 4QB6 SER A 12 ? UNP H6WCZ0 ? ? 'expression tag'        -11 12 
1 4QB6 GLY A 13 ? UNP H6WCZ0 ? ? 'expression tag'        -10 13 
1 4QB6 LEU A 14 ? UNP H6WCZ0 ? ? 'expression tag'        -9  14 
1 4QB6 VAL A 15 ? UNP H6WCZ0 ? ? 'expression tag'        -8  15 
1 4QB6 PRO A 16 ? UNP H6WCZ0 ? ? 'expression tag'        -7  16 
1 4QB6 ARG A 17 ? UNP H6WCZ0 ? ? 'expression tag'        -6  17 
1 4QB6 GLY A 18 ? UNP H6WCZ0 ? ? 'expression tag'        -5  18 
1 4QB6 HIS A 19 ? UNP H6WCZ0 ? ? 'expression tag'        -4  19 
1 4QB6 SER A 20 ? UNP H6WCZ0 ? ? 'expression tag'        -3  20 
1 4QB6 MET A 21 ? UNP H6WCZ0 ? ? 'expression tag'        -2  21 
1 4QB6 ALA A 22 ? UNP H6WCZ0 ? ? 'expression tag'        -1  22 
1 4QB6 SER A 23 ? UNP H6WCZ0 ? ? 'expression tag'        0   23 
# 
loop_
_chem_comp.id 
_chem_comp.type 
_chem_comp.mon_nstd_flag 
_chem_comp.name 
_chem_comp.pdbx_synonyms 
_chem_comp.formula 
_chem_comp.formula_weight 
ALA 'L-peptide linking'           y ALANINE                         ?                                                             
'C3 H7 N O2'     89.093  
ARG 'L-peptide linking'           y ARGININE                        ?                                                             
'C6 H15 N4 O2 1' 175.209 
ASN 'L-peptide linking'           y ASPARAGINE                      ?                                                             
'C4 H8 N2 O3'    132.118 
ASP 'L-peptide linking'           y 'ASPARTIC ACID'                 ?                                                             
'C4 H7 N O4'     133.103 
CA  non-polymer                   . 'CALCIUM ION'                   ?                                                             
'Ca 2'           40.078  
GCU 'D-saccharide, alpha linking' . 'alpha-D-glucopyranuronic acid' 'alpha-D-glucuronic acid; D-glucuronic acid; glucuronic acid' 
'C6 H10 O7'      194.139 
GLN 'L-peptide linking'           y GLUTAMINE                       ?                                                             
'C5 H10 N2 O3'   146.144 
GLU 'L-peptide linking'           y 'GLUTAMIC ACID'                 ?                                                             
'C5 H9 N O4'     147.129 
GLY 'peptide linking'             y GLYCINE                         ?                                                             
'C2 H5 N O2'     75.067  
HIS 'L-peptide linking'           y HISTIDINE                       ?                                                             
'C6 H10 N3 O2 1' 156.162 
HOH non-polymer                   . WATER                           ?                                                             
'H2 O'           18.015  
ILE 'L-peptide linking'           y ISOLEUCINE                      ?                                                             
'C6 H13 N O2'    131.173 
LEU 'L-peptide linking'           y LEUCINE                         ?                                                             
'C6 H13 N O2'    131.173 
LYS 'L-peptide linking'           y LYSINE                          ?                                                             
'C6 H15 N2 O2 1' 147.195 
MET 'L-peptide linking'           y METHIONINE                      ?                                                             
'C5 H11 N O2 S'  149.211 
PHE 'L-peptide linking'           y PHENYLALANINE                   ?                                                             
'C9 H11 N O2'    165.189 
PRO 'L-peptide linking'           y PROLINE                         ?                                                             
'C5 H9 N O2'     115.130 
SER 'L-peptide linking'           y SERINE                          ?                                                             
'C3 H7 N O3'     105.093 
THR 'L-peptide linking'           y THREONINE                       ?                                                             
'C4 H9 N O3'     119.119 
TRP 'L-peptide linking'           y TRYPTOPHAN                      ?                                                             
'C11 H12 N2 O2'  204.225 
TYR 'L-peptide linking'           y TYROSINE                        ?                                                             
'C9 H11 N O3'    181.189 
VAL 'L-peptide linking'           y VALINE                          ?                                                             
'C5 H11 N O2'    117.146 
XYP 'D-saccharide, beta linking'  . beta-D-xylopyranose             'beta-D-xylose; D-xylose; xylose'                             
'C5 H10 O5'      150.130 
# 
_exptl.entry_id          4QB6 
_exptl.method            'X-RAY DIFFRACTION' 
_exptl.crystals_number   1 
# 
_exptl_crystal.id                    1 
_exptl_crystal.density_meas          ? 
_exptl_crystal.density_Matthews      2.78 
_exptl_crystal.density_percent_sol   55.82 
_exptl_crystal.description           ? 
_exptl_crystal.F_000                 ? 
_exptl_crystal.preparation           ? 
# 
_exptl_crystal_grow.crystal_id      1 
_exptl_crystal_grow.method          'VAPOR DIFFUSION, SITTING DROP' 
_exptl_crystal_grow.temp            293 
_exptl_crystal_grow.temp_details    ? 
_exptl_crystal_grow.pH              7 
_exptl_crystal_grow.pdbx_pH_range   ? 
_exptl_crystal_grow.pdbx_details    
'20% PEG 6000, 0.2M Calcium chloride, 0.1M HEPES, pH 7, VAPOR DIFFUSION, SITTING DROP, temperature 293K' 
# 
_diffrn.id                     1 
_diffrn.ambient_temp           120 
_diffrn.ambient_temp_details   ? 
_diffrn.crystal_id             1 
# 
_diffrn_detector.diffrn_id              1 
_diffrn_detector.detector               PIXEL 
_diffrn_detector.type                   'DECTRIS PILATUS 6M-F' 
_diffrn_detector.pdbx_collection_date   2014-03-13 
_diffrn_detector.details                ? 
# 
_diffrn_radiation.diffrn_id                        1 
_diffrn_radiation.wavelength_id                    1 
_diffrn_radiation.pdbx_monochromatic_or_laue_m_l   M 
_diffrn_radiation.monochromator                    
;Double crystal 
Si-111
;
_diffrn_radiation.pdbx_diffrn_protocol             'SINGLE WAVELENGTH' 
_diffrn_radiation.pdbx_scattering_type             x-ray 
# 
_diffrn_radiation_wavelength.id           1 
_diffrn_radiation_wavelength.wavelength   0.976250 
_diffrn_radiation_wavelength.wt           1.0 
# 
_diffrn_source.diffrn_id                   1 
_diffrn_source.source                      SYNCHROTRON 
_diffrn_source.type                        'DIAMOND BEAMLINE I03' 
_diffrn_source.pdbx_synchrotron_site       Diamond 
_diffrn_source.pdbx_synchrotron_beamline   I03 
_diffrn_source.pdbx_wavelength             ? 
_diffrn_source.pdbx_wavelength_list        0.976250 
# 
_reflns.pdbx_diffrn_id               1 
_reflns.pdbx_ordinal                 1 
_reflns.entry_id                     4QB6 
_reflns.observed_criterion_sigma_I   1.0 
_reflns.observed_criterion_sigma_F   1.0 
_reflns.d_resolution_low             31.485 
_reflns.d_resolution_high            1.35 
_reflns.number_obs                   43659 
_reflns.number_all                   502825 
_reflns.percent_possible_obs         100 
_reflns.pdbx_Rmerge_I_obs            0.084 
_reflns.pdbx_Rsym_value              0.026 
_reflns.pdbx_netI_over_sigmaI        17.3 
_reflns.B_iso_Wilson_estimate        ? 
_reflns.pdbx_redundancy              11.5 
_reflns.R_free_details               ? 
_reflns.limit_h_max                  ? 
_reflns.limit_h_min                  ? 
_reflns.limit_k_max                  ? 
_reflns.limit_k_min                  ? 
_reflns.limit_l_max                  ? 
_reflns.limit_l_min                  ? 
_reflns.observed_criterion_F_max     ? 
_reflns.observed_criterion_F_min     ? 
_reflns.pdbx_chi_squared             ? 
_reflns.pdbx_scaling_rejects         ? 
_reflns.pdbx_CC_half                 ? 
_reflns.pdbx_Rpim_I_all              ? 
_reflns.pdbx_Rrim_I_all              ? 
# 
_reflns_shell.pdbx_diffrn_id         1 
_reflns_shell.pdbx_ordinal           1 
_reflns_shell.d_res_high             1.35 
_reflns_shell.d_res_low              1.42 
_reflns_shell.percent_possible_all   100 
_reflns_shell.Rmerge_I_obs           0.427 
_reflns_shell.pdbx_Rsym_value        0.13 
_reflns_shell.meanI_over_sigI_obs    6.6 
_reflns_shell.pdbx_redundancy        11.7 
_reflns_shell.percent_possible_obs   ? 
_reflns_shell.number_unique_all      ? 
_reflns_shell.number_measured_all    ? 
_reflns_shell.number_measured_obs    ? 
_reflns_shell.number_unique_obs      ? 
_reflns_shell.pdbx_chi_squared       ? 
_reflns_shell.pdbx_CC_half           ? 
_reflns_shell.pdbx_Rpim_I_all        ? 
_reflns_shell.pdbx_Rrim_I_all        ? 
# 
_refine.pdbx_refine_id                           'X-RAY DIFFRACTION' 
_refine.entry_id                                 4QB6 
_refine.pdbx_diffrn_id                           1 
_refine.pdbx_TLS_residual_ADP_flag               ? 
_refine.ls_number_reflns_obs                     41390 
_refine.ls_number_reflns_all                     502825 
_refine.pdbx_ls_sigma_I                          ? 
_refine.pdbx_ls_sigma_F                          . 
_refine.pdbx_data_cutoff_high_absF               ? 
_refine.pdbx_data_cutoff_low_absF                ? 
_refine.pdbx_data_cutoff_high_rms_absF           ? 
_refine.ls_d_res_low                             51.51 
_refine.ls_d_res_high                            1.35 
_refine.ls_percent_reflns_obs                    99.96 
_refine.ls_R_factor_obs                          0.16505 
_refine.ls_R_factor_all                          ? 
_refine.ls_R_factor_R_work                       0.16439 
_refine.ls_R_factor_R_free                       0.17736 
_refine.ls_R_factor_R_free_error                 ? 
_refine.ls_R_factor_R_free_error_details         ? 
_refine.ls_percent_reflns_R_free                 5.0 
_refine.ls_number_reflns_R_free                  2192 
_refine.ls_number_parameters                     ? 
_refine.ls_number_restraints                     ? 
_refine.occupancy_min                            ? 
_refine.occupancy_max                            ? 
_refine.correlation_coeff_Fo_to_Fc               0.964 
_refine.correlation_coeff_Fo_to_Fc_free          0.956 
_refine.B_iso_mean                               11.661 
_refine.aniso_B[1][1]                            0.65 
_refine.aniso_B[2][2]                            0.17 
_refine.aniso_B[3][3]                            -0.82 
_refine.aniso_B[1][2]                            0.00 
_refine.aniso_B[1][3]                            0.00 
_refine.aniso_B[2][3]                            0.00 
_refine.solvent_model_details                    MASK 
_refine.solvent_model_param_ksol                 ? 
_refine.solvent_model_param_bsol                 ? 
_refine.pdbx_solvent_vdw_probe_radii             1.20 
_refine.pdbx_solvent_ion_probe_radii             0.80 
_refine.pdbx_solvent_shrinkage_radii             0.80 
_refine.pdbx_ls_cross_valid_method               THROUGHOUT 
_refine.details                                  'HYDROGENS HAVE BEEN ADDED IN THE RIDING POSITIONS' 
_refine.pdbx_starting_model                      4QB1 
_refine.pdbx_method_to_determine_struct          'MOLECULAR REPLACEMENT' 
_refine.pdbx_isotropic_thermal_model             ? 
_refine.pdbx_stereochemistry_target_values       'MAXIMUM LIKELIHOOD' 
_refine.pdbx_stereochem_target_val_spec_case     ? 
_refine.pdbx_R_Free_selection_details            RANDOM 
_refine.pdbx_overall_ESU_R                       0.042 
_refine.pdbx_overall_ESU_R_Free                  0.043 
_refine.overall_SU_ML                            0.024 
_refine.pdbx_overall_phase_error                 ? 
_refine.overall_SU_B                             0.551 
_refine.overall_SU_R_Cruickshank_DPI             ? 
_refine.pdbx_overall_SU_R_free_Cruickshank_DPI   ? 
_refine.pdbx_overall_SU_R_Blow_DPI               ? 
_refine.pdbx_overall_SU_R_free_Blow_DPI          ? 
_refine.ls_redundancy_reflns_obs                 ? 
_refine.B_iso_min                                ? 
_refine.B_iso_max                                ? 
_refine.overall_SU_R_free                        ? 
_refine.ls_wR_factor_R_free                      ? 
_refine.ls_wR_factor_R_work                      ? 
_refine.overall_FOM_free_R_set                   ? 
_refine.overall_FOM_work_R_set                   ? 
# 
_refine_hist.pdbx_refine_id                   'X-RAY DIFFRACTION' 
_refine_hist.cycle_id                         LAST 
_refine_hist.pdbx_number_atoms_protein        980 
_refine_hist.pdbx_number_atoms_nucleic_acid   0 
_refine_hist.pdbx_number_atoms_ligand         23 
_refine_hist.number_atoms_solvent             100 
_refine_hist.number_atoms_total               1103 
_refine_hist.d_res_high                       1.35 
_refine_hist.d_res_low                        51.51 
# 
loop_
_refine_ls_restr.type 
_refine_ls_restr.dev_ideal 
_refine_ls_restr.dev_ideal_target 
_refine_ls_restr.weight 
_refine_ls_restr.number 
_refine_ls_restr.pdbx_refine_id 
_refine_ls_restr.pdbx_restraint_function 
r_bond_refined_d             0.014  0.020  ? 1209 'X-RAY DIFFRACTION' ? 
r_bond_other_d               0.001  0.020  ? 1055 'X-RAY DIFFRACTION' ? 
r_angle_refined_deg          1.577  1.943  ? 1682 'X-RAY DIFFRACTION' ? 
r_angle_other_deg            0.795  3.000  ? 2447 'X-RAY DIFFRACTION' ? 
r_dihedral_angle_1_deg       7.032  5.000  ? 168  'X-RAY DIFFRACTION' ? 
r_dihedral_angle_2_deg       36.577 25.962 ? 52   'X-RAY DIFFRACTION' ? 
r_dihedral_angle_3_deg       11.064 15.000 ? 181  'X-RAY DIFFRACTION' ? 
r_dihedral_angle_4_deg       15.884 15.000 ? 4    'X-RAY DIFFRACTION' ? 
r_chiral_restr               0.096  0.200  ? 199  'X-RAY DIFFRACTION' ? 
r_gen_planes_refined         0.008  0.020  ? 1495 'X-RAY DIFFRACTION' ? 
r_gen_planes_other           0.003  0.020  ? 281  'X-RAY DIFFRACTION' ? 
r_nbd_refined                ?      ?      ? ?    'X-RAY DIFFRACTION' ? 
r_nbd_other                  ?      ?      ? ?    'X-RAY DIFFRACTION' ? 
r_nbtor_refined              ?      ?      ? ?    'X-RAY DIFFRACTION' ? 
r_nbtor_other                ?      ?      ? ?    'X-RAY DIFFRACTION' ? 
r_xyhbond_nbd_refined        ?      ?      ? ?    'X-RAY DIFFRACTION' ? 
r_xyhbond_nbd_other          ?      ?      ? ?    'X-RAY DIFFRACTION' ? 
r_metal_ion_refined          ?      ?      ? ?    'X-RAY DIFFRACTION' ? 
r_metal_ion_other            ?      ?      ? ?    'X-RAY DIFFRACTION' ? 
r_symmetry_vdw_refined       ?      ?      ? ?    'X-RAY DIFFRACTION' ? 
r_symmetry_vdw_other         ?      ?      ? ?    'X-RAY DIFFRACTION' ? 
r_symmetry_hbond_refined     ?      ?      ? ?    'X-RAY DIFFRACTION' ? 
r_symmetry_hbond_other       ?      ?      ? ?    'X-RAY DIFFRACTION' ? 
r_symmetry_metal_ion_refined ?      ?      ? ?    'X-RAY DIFFRACTION' ? 
r_symmetry_metal_ion_other   ?      ?      ? ?    'X-RAY DIFFRACTION' ? 
r_mcbond_it                  1.030  1.040  ? 621  'X-RAY DIFFRACTION' ? 
r_mcbond_other               1.002  1.037  ? 620  'X-RAY DIFFRACTION' ? 
r_mcangle_it                 1.694  1.560  ? 806  'X-RAY DIFFRACTION' ? 
r_mcangle_other              1.703  1.563  ? 807  'X-RAY DIFFRACTION' ? 
r_scbond_it                  1.531  1.195  ? 588  'X-RAY DIFFRACTION' ? 
r_scbond_other               1.530  1.199  ? 589  'X-RAY DIFFRACTION' ? 
r_scangle_it                 ?      ?      ? ?    'X-RAY DIFFRACTION' ? 
r_scangle_other              2.277  1.751  ? 877  'X-RAY DIFFRACTION' ? 
r_long_range_B_refined       4.138  9.191  ? 1314 'X-RAY DIFFRACTION' ? 
r_long_range_B_other         3.933  8.893  ? 1279 'X-RAY DIFFRACTION' ? 
r_rigid_bond_restr           ?      ?      ? ?    'X-RAY DIFFRACTION' ? 
r_sphericity_free            ?      ?      ? ?    'X-RAY DIFFRACTION' ? 
r_sphericity_bonded          ?      ?      ? ?    'X-RAY DIFFRACTION' ? 
# 
_refine_ls_shell.pdbx_refine_id                   'X-RAY DIFFRACTION' 
_refine_ls_shell.pdbx_total_number_of_bins_used   20 
_refine_ls_shell.d_res_high                       1.350 
_refine_ls_shell.d_res_low                        1.385 
_refine_ls_shell.number_reflns_R_work             3028 
_refine_ls_shell.R_factor_R_work                  0.179 
_refine_ls_shell.percent_reflns_obs               99.81 
_refine_ls_shell.R_factor_R_free                  0.196 
_refine_ls_shell.R_factor_R_free_error            ? 
_refine_ls_shell.percent_reflns_R_free            ? 
_refine_ls_shell.number_reflns_R_free             154 
_refine_ls_shell.number_reflns_all                ? 
_refine_ls_shell.R_factor_all                     ? 
_refine_ls_shell.redundancy_reflns_obs            ? 
_refine_ls_shell.number_reflns_obs                ? 
_refine_ls_shell.R_factor_obs                     ? 
# 
_struct.entry_id                  4QB6 
_struct.title                     'Structure of CBM35 in complex with aldouronic acid' 
_struct.pdbx_model_details        ? 
_struct.pdbx_CASP_flag            ? 
_struct.pdbx_model_type_details   ? 
# 
_struct_keywords.entry_id        4QB6 
_struct_keywords.pdbx_keywords   'SUGAR BINDING PROTEIN' 
_struct_keywords.text            'BETA-STRUCTURE, CARBOHYDRATE BINDING MODULE, CALCIUM BINDING, CELL WALL, SUGAR BINDING PROTEIN' 
# 
loop_
_struct_asym.id 
_struct_asym.pdbx_blank_PDB_chainid_flag 
_struct_asym.pdbx_modified 
_struct_asym.entity_id 
_struct_asym.details 
A N N 1 ? 
B N N 2 ? 
C N N 3 ? 
D N N 3 ? 
E N N 4 ? 
# 
loop_
_struct_conn.id 
_struct_conn.conn_type_id 
_struct_conn.pdbx_leaving_atom_flag 
_struct_conn.pdbx_PDB_id 
_struct_conn.ptnr1_label_asym_id 
_struct_conn.ptnr1_label_comp_id 
_struct_conn.ptnr1_label_seq_id 
_struct_conn.ptnr1_label_atom_id 
_struct_conn.pdbx_ptnr1_label_alt_id 
_struct_conn.pdbx_ptnr1_PDB_ins_code 
_struct_conn.pdbx_ptnr1_standard_comp_id 
_struct_conn.ptnr1_symmetry 
_struct_conn.ptnr2_label_asym_id 
_struct_conn.ptnr2_label_comp_id 
_struct_conn.ptnr2_label_seq_id 
_struct_conn.ptnr2_label_atom_id 
_struct_conn.pdbx_ptnr2_label_alt_id 
_struct_conn.pdbx_ptnr2_PDB_ins_code 
_struct_conn.ptnr1_auth_asym_id 
_struct_conn.ptnr1_auth_comp_id 
_struct_conn.ptnr1_auth_seq_id 
_struct_conn.ptnr2_auth_asym_id 
_struct_conn.ptnr2_auth_comp_id 
_struct_conn.ptnr2_auth_seq_id 
_struct_conn.ptnr2_symmetry 
_struct_conn.pdbx_ptnr3_label_atom_id 
_struct_conn.pdbx_ptnr3_label_seq_id 
_struct_conn.pdbx_ptnr3_label_comp_id 
_struct_conn.pdbx_ptnr3_label_asym_id 
_struct_conn.pdbx_ptnr3_label_alt_id 
_struct_conn.pdbx_ptnr3_PDB_ins_code 
_struct_conn.details 
_struct_conn.pdbx_dist_value 
_struct_conn.pdbx_value_order 
_struct_conn.pdbx_role 
covale1  covale both ? B XYP .   O2  ? ? ? 1_555 B GCU . C1  ? ? B XYP 1   B GCU 2   1_555 ? ? ? ? ? ? ? 1.444 sing ? 
metalc1  metalc ?    ? A GLU 41  OE1 A ? ? 1_555 D CA  . CA  ? ? A GLU 18  A CA  204 1_555 ? ? ? ? ? ? ? 2.259 ?    ? 
metalc2  metalc ?    ? A GLU 41  OE1 B ? ? 1_555 D CA  . CA  ? ? A GLU 18  A CA  204 1_555 ? ? ? ? ? ? ? 2.368 ?    ? 
metalc3  metalc ?    ? A GLU 43  OE2 ? ? ? 1_555 D CA  . CA  ? ? A GLU 20  A CA  204 1_555 ? ? ? ? ? ? ? 2.426 ?    ? 
metalc4  metalc ?    ? A GLU 43  OE1 ? ? ? 1_555 D CA  . CA  ? ? A GLU 20  A CA  204 1_555 ? ? ? ? ? ? ? 2.518 ?    ? 
metalc5  metalc ?    ? A THR 61  O   A ? ? 1_555 D CA  . CA  ? ? A THR 38  A CA  204 1_555 ? ? ? ? ? ? ? 2.356 ?    ? 
metalc6  metalc ?    ? A THR 61  O   B ? ? 1_555 D CA  . CA  ? ? A THR 38  A CA  204 1_555 ? ? ? ? ? ? ? 2.408 ?    ? 
metalc7  metalc ?    ? A GLY 64  O   ? ? ? 1_555 D CA  . CA  ? ? A GLY 41  A CA  204 1_555 ? ? ? ? ? ? ? 2.373 ?    ? 
metalc8  metalc ?    ? A ASN 67  OD1 ? ? ? 1_555 C CA  . CA  ? ? A ASN 44  A CA  203 1_555 ? ? ? ? ? ? ? 2.358 ?    ? 
metalc9  metalc ?    ? A PHE 68  O   ? ? ? 1_555 C CA  . CA  ? ? A PHE 45  A CA  203 1_555 ? ? ? ? ? ? ? 2.389 ?    ? 
metalc10 metalc ?    ? A GLU 152 OE2 ? ? ? 1_555 C CA  . CA  ? ? A GLU 129 A CA  203 1_555 ? ? ? ? ? ? ? 2.433 ?    ? 
metalc11 metalc ?    ? A GLU 152 OE1 ? ? ? 1_555 C CA  . CA  ? ? A GLU 129 A CA  203 1_555 ? ? ? ? ? ? ? 2.554 ?    ? 
metalc12 metalc ?    ? A ASP 157 OD1 ? ? ? 1_555 D CA  . CA  ? ? A ASP 134 A CA  204 1_555 ? ? ? ? ? ? ? 2.260 ?    ? 
metalc13 metalc ?    ? A ASP 157 O   ? ? ? 1_555 D CA  . CA  ? ? A ASP 134 A CA  204 1_555 ? ? ? ? ? ? ? 2.588 ?    ? 
metalc14 metalc ?    ? C CA  .   CA  ? ? ? 1_555 E HOH . O   ? ? A CA  203 A HOH 303 1_555 ? ? ? ? ? ? ? 2.459 ?    ? 
metalc15 metalc ?    ? C CA  .   CA  ? ? ? 1_555 E HOH . O   ? ? A CA  203 A HOH 315 1_555 ? ? ? ? ? ? ? 2.409 ?    ? 
metalc16 metalc ?    ? C CA  .   CA  ? ? ? 1_555 B GCU . O6A ? ? A CA  203 B GCU 2   1_555 ? ? ? ? ? ? ? 2.358 ?    ? 
metalc17 metalc ?    ? C CA  .   CA  ? ? ? 1_555 B GCU . O4  ? ? A CA  203 B GCU 2   1_555 ? ? ? ? ? ? ? 2.484 ?    ? 
# 
loop_
_struct_conn_type.id 
_struct_conn_type.criteria 
_struct_conn_type.reference 
covale ? ? 
metalc ? ? 
# 
loop_
_struct_sheet.id 
_struct_sheet.type 
_struct_sheet.number_strands 
_struct_sheet.details 
A ? 4 ? 
B ? 5 ? 
C ? 2 ? 
# 
loop_
_struct_sheet_order.sheet_id 
_struct_sheet_order.range_id_1 
_struct_sheet_order.range_id_2 
_struct_sheet_order.offset 
_struct_sheet_order.sense 
A 1 2 ? anti-parallel 
A 2 3 ? anti-parallel 
A 3 4 ? anti-parallel 
B 1 2 ? anti-parallel 
B 2 3 ? anti-parallel 
B 3 4 ? anti-parallel 
B 4 5 ? anti-parallel 
C 1 2 ? anti-parallel 
# 
loop_
_struct_sheet_range.sheet_id 
_struct_sheet_range.id 
_struct_sheet_range.beg_label_comp_id 
_struct_sheet_range.beg_label_asym_id 
_struct_sheet_range.beg_label_seq_id 
_struct_sheet_range.pdbx_beg_PDB_ins_code 
_struct_sheet_range.end_label_comp_id 
_struct_sheet_range.end_label_asym_id 
_struct_sheet_range.end_label_seq_id 
_struct_sheet_range.pdbx_end_PDB_ins_code 
_struct_sheet_range.beg_auth_comp_id 
_struct_sheet_range.beg_auth_asym_id 
_struct_sheet_range.beg_auth_seq_id 
_struct_sheet_range.end_auth_comp_id 
_struct_sheet_range.end_auth_asym_id 
_struct_sheet_range.end_auth_seq_id 
A 1 THR A 38  ? GLU A 41  ? THR A 15  GLU A 18  
A 2 ASN A 155 ? ALA A 163 ? ASN A 132 ALA A 140 
A 3 GLY A 87  ? ALA A 96  ? GLY A 64  ALA A 73  
A 4 TRP A 128 ? MET A 137 ? TRP A 105 MET A 114 
B 1 THR A 46  ? THR A 49  ? THR A 23  THR A 26  
B 2 THR A 72  ? ASN A 83  ? THR A 49  ASN A 60  
B 3 GLY A 140 ? THR A 149 ? GLY A 117 THR A 126 
B 4 ARG A 102 ? VAL A 108 ? ARG A 79  VAL A 85  
B 5 THR A 111 ? PHE A 119 ? THR A 88  PHE A 96  
C 1 ALA A 51  ? GLU A 54  ? ALA A 28  GLU A 31  
C 2 TYR A 65  ? PHE A 68  ? TYR A 42  PHE A 45  
# 
loop_
_pdbx_struct_sheet_hbond.sheet_id 
_pdbx_struct_sheet_hbond.range_id_1 
_pdbx_struct_sheet_hbond.range_id_2 
_pdbx_struct_sheet_hbond.range_1_label_atom_id 
_pdbx_struct_sheet_hbond.range_1_label_comp_id 
_pdbx_struct_sheet_hbond.range_1_label_asym_id 
_pdbx_struct_sheet_hbond.range_1_label_seq_id 
_pdbx_struct_sheet_hbond.range_1_PDB_ins_code 
_pdbx_struct_sheet_hbond.range_1_auth_atom_id 
_pdbx_struct_sheet_hbond.range_1_auth_comp_id 
_pdbx_struct_sheet_hbond.range_1_auth_asym_id 
_pdbx_struct_sheet_hbond.range_1_auth_seq_id 
_pdbx_struct_sheet_hbond.range_2_label_atom_id 
_pdbx_struct_sheet_hbond.range_2_label_comp_id 
_pdbx_struct_sheet_hbond.range_2_label_asym_id 
_pdbx_struct_sheet_hbond.range_2_label_seq_id 
_pdbx_struct_sheet_hbond.range_2_PDB_ins_code 
_pdbx_struct_sheet_hbond.range_2_auth_atom_id 
_pdbx_struct_sheet_hbond.range_2_auth_comp_id 
_pdbx_struct_sheet_hbond.range_2_auth_asym_id 
_pdbx_struct_sheet_hbond.range_2_auth_seq_id 
A 1 2 N TYR A 40  ? N TYR A 17  O ILE A 159 ? O ILE A 136 
A 2 3 O THR A 160 ? O THR A 137 N LYS A 92  ? N LYS A 69  
A 3 4 N LYS A 89  ? N LYS A 66  O VAL A 135 ? O VAL A 112 
B 1 2 N THR A 49  ? N THR A 26  O ALA A 75  ? O ALA A 52  
B 2 3 N TRP A 78  ? N TRP A 55  O LEU A 144 ? O LEU A 121 
B 3 4 O ARG A 145 ? O ARG A 122 N TYR A 107 ? N TYR A 84  
B 4 5 N ILE A 106 ? N ILE A 83  O VAL A 113 ? O VAL A 90  
C 1 2 N VAL A 52  ? N VAL A 29  O ASN A 67  ? O ASN A 44  
# 
_atom_sites.entry_id                    4QB6 
_atom_sites.fract_transf_matrix[1][1]   0.02171091 
_atom_sites.fract_transf_matrix[1][2]   -0.01267090 
_atom_sites.fract_transf_matrix[1][3]   -0.00006135 
_atom_sites.fract_transf_matrix[2][1]   0.00800054 
_atom_sites.fract_transf_matrix[2][2]   0.01364073 
_atom_sites.fract_transf_matrix[2][3]   0.01399765 
_atom_sites.fract_transf_matrix[3][1]   -0.00322734 
_atom_sites.fract_transf_matrix[3][2]   -0.00556506 
_atom_sites.fract_transf_matrix[3][3]   0.00726779 
_atom_sites.fract_transf_vector[1]      -0.088188 
_atom_sites.fract_transf_vector[2]      0.298290 
_atom_sites.fract_transf_vector[3]      -0.133409 
# 
loop_
_atom_type.symbol 
C  
CA 
N  
O  
S  
# 
loop_
_atom_site.group_PDB 
_atom_site.id 
_atom_site.type_symbol 
_atom_site.label_atom_id 
_atom_site.label_alt_id 
_atom_site.label_comp_id 
_atom_site.label_asym_id 
_atom_site.label_entity_id 
_atom_site.label_seq_id 
_atom_site.pdbx_PDB_ins_code 
_atom_site.Cartn_x 
_atom_site.Cartn_y 
_atom_site.Cartn_z 
_atom_site.occupancy 
_atom_site.B_iso_or_equiv 
_atom_site.pdbx_formal_charge 
_atom_site.auth_seq_id 
_atom_site.auth_comp_id 
_atom_site.auth_asym_id 
_atom_site.auth_atom_id 
_atom_site.pdbx_PDB_model_num 
ATOM   1    N  N   . THR A 1 36  ? -14.007 -13.943 -3.650  1.00 41.09 ? 13  THR A N   1 
ATOM   2    C  CA  . THR A 1 36  ? -13.110 -12.962 -4.334  1.00 39.15 ? 13  THR A CA  1 
ATOM   3    C  C   . THR A 1 36  ? -12.902 -11.696 -3.495  1.00 34.71 ? 13  THR A C   1 
ATOM   4    O  O   . THR A 1 36  ? -13.455 -11.566 -2.399  1.00 39.74 ? 13  THR A O   1 
ATOM   5    C  CB  . THR A 1 36  ? -13.626 -12.587 -5.738  1.00 41.41 ? 13  THR A CB  1 
ATOM   6    O  OG1 . THR A 1 36  ? -12.586 -11.910 -6.458  1.00 42.51 ? 13  THR A OG1 1 
ATOM   7    C  CG2 . THR A 1 36  ? -14.878 -11.695 -5.657  1.00 42.08 ? 13  THR A CG2 1 
ATOM   8    N  N   . GLY A 1 37  ? -12.123 -10.760 -4.027  1.00 27.26 ? 14  GLY A N   1 
ATOM   9    C  CA  . GLY A 1 37  ? -11.600 -9.658  -3.222  1.00 23.04 ? 14  GLY A CA  1 
ATOM   10   C  C   . GLY A 1 37  ? -12.284 -8.326  -3.391  1.00 20.15 ? 14  GLY A C   1 
ATOM   11   O  O   . GLY A 1 37  ? -13.278 -8.178  -4.120  1.00 20.71 ? 14  GLY A O   1 
ATOM   12   N  N   . THR A 1 38  ? -11.740 -7.347  -2.692  1.00 15.31 ? 15  THR A N   1 
ATOM   13   C  CA  . THR A 1 38  ? -12.182 -5.977  -2.774  1.00 13.76 ? 15  THR A CA  1 
ATOM   14   C  C   . THR A 1 38  ? -10.956 -5.111  -3.039  1.00 12.31 ? 15  THR A C   1 
ATOM   15   O  O   . THR A 1 38  ? -9.945  -5.248  -2.349  1.00 11.05 ? 15  THR A O   1 
ATOM   16   C  CB  . THR A 1 38  ? -12.825 -5.511  -1.453  1.00 14.73 ? 15  THR A CB  1 
ATOM   17   O  OG1 . THR A 1 38  ? -13.899 -6.410  -1.116  1.00 17.91 ? 15  THR A OG1 1 
ATOM   18   C  CG2 . THR A 1 38  ? -13.367 -4.114  -1.570  1.00 15.09 ? 15  THR A CG2 1 
ATOM   19   N  N   . THR A 1 39  ? -11.056 -4.222  -3.998  1.00 11.17 ? 16  THR A N   1 
ATOM   20   C  CA  . THR A 1 39  ? -9.991  -3.281  -4.321  1.00 11.18 ? 16  THR A CA  1 
ATOM   21   C  C   . THR A 1 39  ? -10.285 -1.942  -3.675  1.00 10.73 ? 16  THR A C   1 
ATOM   22   O  O   . THR A 1 39  ? -11.424 -1.444  -3.699  1.00 12.72 ? 16  THR A O   1 
ATOM   23   C  CB  . THR A 1 39  ? -9.793  -3.166  -5.847  1.00 12.82 ? 16  THR A CB  1 
ATOM   24   O  OG1 . THR A 1 39  ? -9.376  -4.444  -6.350  1.00 14.89 ? 16  THR A OG1 1 
ATOM   25   C  CG2 . THR A 1 39  ? -8.716  -2.165  -6.215  1.00 13.22 ? 16  THR A CG2 1 
ATOM   26   N  N   . TYR A 1 40  ? -9.271  -1.352  -3.074  1.00 9.22  ? 17  TYR A N   1 
ATOM   27   C  CA  . TYR A 1 40  ? -9.332  -0.043  -2.422  1.00 9.41  ? 17  TYR A CA  1 
ATOM   28   C  C   . TYR A 1 40  ? -8.281  0.826   -3.082  1.00 9.36  ? 17  TYR A C   1 
ATOM   29   O  O   . TYR A 1 40  ? -7.086  0.485   -3.057  1.00 9.82  ? 17  TYR A O   1 
ATOM   30   C  CB  . TYR A 1 40  ? -9.019  -0.163  -0.950  1.00 9.60  ? 17  TYR A CB  1 
ATOM   31   C  CG  . TYR A 1 40  ? -9.932  -1.094  -0.174  1.00 10.03 ? 17  TYR A CG  1 
ATOM   32   C  CD1 . TYR A 1 40  ? -9.659  -2.435  -0.084  1.00 10.26 ? 17  TYR A CD1 1 
ATOM   33   C  CD2 . TYR A 1 40  ? -11.109 -0.635  0.415   1.00 10.87 ? 17  TYR A CD2 1 
ATOM   34   C  CE1 . TYR A 1 40  ? -10.502 -3.321  0.604   1.00 10.46 ? 17  TYR A CE1 1 
ATOM   35   C  CE2 . TYR A 1 40  ? -11.946 -1.490  1.107   1.00 11.21 ? 17  TYR A CE2 1 
ATOM   36   C  CZ  . TYR A 1 40  ? -11.627 -2.817  1.217   1.00 11.01 ? 17  TYR A CZ  1 
ATOM   37   O  OH  . TYR A 1 40  ? -12.487 -3.685  1.899   1.00 12.11 ? 17  TYR A OH  1 
ATOM   38   N  N   A GLU A 1 41  ? -8.677  1.951   -3.680  0.50 8.88  ? 18  GLU A N   1 
ATOM   39   N  N   B GLU A 1 41  ? -8.668  1.912   -3.715  0.50 9.09  ? 18  GLU A N   1 
ATOM   40   C  CA  A GLU A 1 41  ? -7.736  2.903   -4.268  0.50 9.02  ? 18  GLU A CA  1 
ATOM   41   C  CA  B GLU A 1 41  ? -7.692  2.766   -4.330  0.50 9.42  ? 18  GLU A CA  1 
ATOM   42   C  C   A GLU A 1 41  ? -6.832  3.541   -3.218  0.50 8.85  ? 18  GLU A C   1 
ATOM   43   C  C   B GLU A 1 41  ? -6.822  3.426   -3.233  0.50 8.94  ? 18  GLU A C   1 
ATOM   44   O  O   A GLU A 1 41  ? -7.242  3.846   -2.114  0.50 9.46  ? 18  GLU A O   1 
ATOM   45   O  O   B GLU A 1 41  ? -7.220  3.499   -2.076  0.50 8.98  ? 18  GLU A O   1 
ATOM   46   C  CB  A GLU A 1 41  ? -8.481  4.020   -4.985  0.50 9.23  ? 18  GLU A CB  1 
ATOM   47   C  CB  B GLU A 1 41  ? -8.427  3.739   -5.232  0.50 10.01 ? 18  GLU A CB  1 
ATOM   48   C  CG  A GLU A 1 41  ? -9.220  3.603   -6.247  0.50 9.17  ? 18  GLU A CG  1 
ATOM   49   C  CG  B GLU A 1 41  ? -9.155  3.045   -6.373  0.50 10.61 ? 18  GLU A CG  1 
ATOM   50   C  CD  A GLU A 1 41  ? -8.334  2.942   -7.305  0.50 9.16  ? 18  GLU A CD  1 
ATOM   51   C  CD  B GLU A 1 41  ? -8.213  2.297   -7.296  0.50 11.17 ? 18  GLU A CD  1 
ATOM   52   O  OE1 A GLU A 1 41  ? -7.086  3.111   -7.238  0.50 9.02  ? 18  GLU A OE1 1 
ATOM   53   O  OE1 B GLU A 1 41  ? -7.078  2.778   -7.508  0.50 10.70 ? 18  GLU A OE1 1 
ATOM   54   O  OE2 A GLU A 1 41  ? -8.847  2.232   -8.209  0.50 9.69  ? 18  GLU A OE2 1 
ATOM   55   O  OE2 B GLU A 1 41  ? -8.596  1.230   -7.830  0.50 13.48 ? 18  GLU A OE2 1 
ATOM   56   N  N   . ALA A 1 42  ? -5.583  3.779   -3.570  1.00 8.57  ? 19  ALA A N   1 
ATOM   57   C  CA  . ALA A 1 42  ? -4.686  4.468   -2.624  1.00 8.93  ? 19  ALA A CA  1 
ATOM   58   C  C   . ALA A 1 42  ? -5.023  5.934   -2.472  1.00 9.79  ? 19  ALA A C   1 
ATOM   59   O  O   . ALA A 1 42  ? -4.756  6.516   -1.426  1.00 9.85  ? 19  ALA A O   1 
ATOM   60   C  CB  . ALA A 1 42  ? -3.254  4.303   -3.098  1.00 8.86  ? 19  ALA A CB  1 
ATOM   61   N  N   . GLU A 1 43  ? -5.598  6.523   -3.514  1.00 10.58 ? 20  GLU A N   1 
ATOM   62   C  CA  . GLU A 1 43  ? -5.759  7.960   -3.618  1.00 12.99 ? 20  GLU A CA  1 
ATOM   63   C  C   . GLU A 1 43  ? -7.051  8.482   -3.026  1.00 15.47 ? 20  GLU A C   1 
ATOM   64   O  O   . GLU A 1 43  ? -7.146  9.711   -2.843  1.00 18.74 ? 20  GLU A O   1 
ATOM   65   C  CB  . GLU A 1 43  ? -5.653  8.418   -5.079  1.00 12.88 ? 20  GLU A CB  1 
ATOM   66   C  CG  . GLU A 1 43  ? -6.717  7.875   -6.014  1.00 12.63 ? 20  GLU A CG  1 
ATOM   67   C  CD  . GLU A 1 43  ? -6.366  6.557   -6.659  1.00 11.10 ? 20  GLU A CD  1 
ATOM   68   O  OE1 . GLU A 1 43  ? -6.985  6.197   -7.657  1.00 10.72 ? 20  GLU A OE1 1 
ATOM   69   O  OE2 . GLU A 1 43  ? -5.460  5.813   -6.164  1.00 9.61  ? 20  GLU A OE2 1 
ATOM   70   N  N   A THR A 1 44  ? -8.017  7.627   -2.742  0.50 16.31 ? 21  THR A N   1 
ATOM   71   N  N   B THR A 1 44  ? -7.993  7.569   -2.753  0.50 16.59 ? 21  THR A N   1 
ATOM   72   C  CA  A THR A 1 44  ? -9.306  8.065   -2.170  0.50 18.01 ? 21  THR A CA  1 
ATOM   73   C  CA  B THR A 1 44  ? -9.334  7.843   -2.165  0.50 18.79 ? 21  THR A CA  1 
ATOM   74   C  C   A THR A 1 44  ? -9.699  7.015   -1.097  0.50 19.01 ? 21  THR A C   1 
ATOM   75   C  C   B THR A 1 44  ? -9.594  6.945   -0.971  0.50 19.18 ? 21  THR A C   1 
ATOM   76   O  O   A THR A 1 44  ? -9.374  5.855   -1.251  0.50 22.44 ? 21  THR A O   1 
ATOM   77   O  O   B THR A 1 44  ? -9.119  5.813   -0.909  0.50 21.00 ? 21  THR A O   1 
ATOM   78   C  CB  A THR A 1 44  ? -10.353 8.217   -3.307  0.50 18.39 ? 21  THR A CB  1 
ATOM   79   C  CB  B THR A 1 44  ? -10.462 7.492   -3.149  0.50 19.51 ? 21  THR A CB  1 
ATOM   80   O  OG1 A THR A 1 44  ? -10.407 7.007   -4.081  0.50 17.02 ? 21  THR A OG1 1 
ATOM   81   O  OG1 B THR A 1 44  ? -10.776 6.101   -3.046  0.50 20.89 ? 21  THR A OG1 1 
ATOM   82   C  CG2 A THR A 1 44  ? -10.018 9.386   -4.230  0.50 18.63 ? 21  THR A CG2 1 
ATOM   83   C  CG2 B THR A 1 44  ? -10.046 7.786   -4.544  0.50 18.52 ? 21  THR A CG2 1 
ATOM   84   N  N   . GLY A 1 45  ? -10.369 7.426   -0.001  1.00 20.72 ? 22  GLY A N   1 
ATOM   85   C  CA  . GLY A 1 45  ? -10.659 6.563   1.178   1.00 20.17 ? 22  GLY A CA  1 
ATOM   86   C  C   . GLY A 1 45  ? -9.467  6.377   2.136   1.00 17.36 ? 22  GLY A C   1 
ATOM   87   O  O   . GLY A 1 45  ? -9.421  5.447   3.009   1.00 19.03 ? 22  GLY A O   1 
ATOM   88   N  N   . THR A 1 46  ? -8.504  7.308   1.980   1.00 15.04 ? 23  THR A N   1 
ATOM   89   C  CA  . THR A 1 46  ? -7.268  7.233   2.697   1.00 12.49 ? 23  THR A CA  1 
ATOM   90   C  C   . THR A 1 46  ? -6.891  8.576   3.320   1.00 12.21 ? 23  THR A C   1 
ATOM   91   O  O   . THR A 1 46  ? -7.343  9.660   2.881   1.00 13.90 ? 23  THR A O   1 
ATOM   92   C  CB  . THR A 1 46  ? -6.110  6.801   1.763   1.00 11.66 ? 23  THR A CB  1 
ATOM   93   O  OG1 . THR A 1 46  ? -6.017  7.732   0.676   1.00 11.52 ? 23  THR A OG1 1 
ATOM   94   C  CG2 . THR A 1 46  ? -6.308  5.404   1.237   1.00 12.40 ? 23  THR A CG2 1 
ATOM   95   N  N   . THR A 1 47  ? -6.055  8.473   4.327   1.00 11.20 ? 24  THR A N   1 
ATOM   96   C  CA  . THR A 1 47  ? -5.391  9.641   4.912   1.00 12.06 ? 24  THR A CA  1 
ATOM   97   C  C   . THR A 1 47  ? -3.924  9.569   4.514   1.00 10.83 ? 24  THR A C   1 
ATOM   98   O  O   . THR A 1 47  ? -3.272  8.516   4.695   1.00 10.35 ? 24  THR A O   1 
ATOM   99   C  CB  . THR A 1 47  ? -5.534  9.608   6.434   1.00 13.62 ? 24  THR A CB  1 
ATOM   100  O  OG1 . THR A 1 47  ? -6.933  9.641   6.757   1.00 15.83 ? 24  THR A OG1 1 
ATOM   101  C  CG2 . THR A 1 47  ? -4.805  10.769  7.078   1.00 14.95 ? 24  THR A CG2 1 
ATOM   102  N  N   . LEU A 1 48  ? -3.405  10.647  3.983   1.00 10.02 ? 25  LEU A N   1 
ATOM   103  C  CA  . LEU A 1 48  ? -2.033  10.730  3.497   1.00 9.95  ? 25  LEU A CA  1 
ATOM   104  C  C   . LEU A 1 48  ? -1.192  11.568  4.408   1.00 10.34 ? 25  LEU A C   1 
ATOM   105  O  O   . LEU A 1 48  ? -1.678  12.622  4.897   1.00 12.81 ? 25  LEU A O   1 
ATOM   106  C  CB  . LEU A 1 48  ? -2.016  11.337  2.095   1.00 10.52 ? 25  LEU A CB  1 
ATOM   107  C  CG  . LEU A 1 48  ? -2.892  10.618  1.070   1.00 10.74 ? 25  LEU A CG  1 
ATOM   108  C  CD1 . LEU A 1 48  ? -2.757  11.239  -0.303  1.00 11.90 ? 25  LEU A CD1 1 
ATOM   109  C  CD2 . LEU A 1 48  ? -2.507  9.130   1.000   1.00 11.07 ? 25  LEU A CD2 1 
ATOM   110  N  N   . THR A 1 49  ? 0.036   11.157  4.648   1.00 10.21 ? 26  THR A N   1 
ATOM   111  C  CA  . THR A 1 49  ? 1.004   11.925  5.445   1.00 10.69 ? 26  THR A CA  1 
ATOM   112  C  C   . THR A 1 49  ? 2.247   12.099  4.612   1.00 9.92  ? 26  THR A C   1 
ATOM   113  O  O   . THR A 1 49  ? 2.887   11.124  4.223   1.00 9.43  ? 26  THR A O   1 
ATOM   114  C  CB  . THR A 1 49  ? 1.348   11.190  6.743   1.00 11.96 ? 26  THR A CB  1 
ATOM   115  O  OG1 . THR A 1 49  ? 0.141   10.953  7.479   1.00 14.47 ? 26  THR A OG1 1 
ATOM   116  C  CG2 . THR A 1 49  ? 2.283   12.027  7.617   1.00 13.22 ? 26  THR A CG2 1 
ATOM   117  N  N   . ASP A 1 50  ? 2.598   13.344  4.292   1.00 9.92  ? 27  ASP A N   1 
ATOM   118  C  CA  . ASP A 1 50  ? 3.752   13.622  3.439   1.00 10.23 ? 27  ASP A CA  1 
ATOM   119  C  C   . ASP A 1 50  ? 3.730   12.753  2.166   1.00 9.00  ? 27  ASP A C   1 
ATOM   120  O  O   . ASP A 1 50  ? 4.746   12.185  1.763   1.00 9.32  ? 27  ASP A O   1 
ATOM   121  C  CB  . ASP A 1 50  ? 5.077   13.457  4.198   1.00 11.64 ? 27  ASP A CB  1 
ATOM   122  C  CG  . ASP A 1 50  ? 5.309   14.572  5.208   1.00 14.70 ? 27  ASP A CG  1 
ATOM   123  O  OD1 . ASP A 1 50  ? 5.229   15.761  4.829   1.00 18.69 ? 27  ASP A OD1 1 
ATOM   124  O  OD2 . ASP A 1 50  ? 5.637   14.240  6.357   1.00 19.90 ? 27  ASP A OD2 1 
ATOM   125  N  N   . ALA A 1 51  ? 2.571   12.747  1.535   1.00 9.02  ? 28  ALA A N   1 
ATOM   126  C  CA  . ALA A 1 51  ? 2.321   11.945  0.320   1.00 9.01  ? 28  ALA A CA  1 
ATOM   127  C  C   . ALA A 1 51  ? 1.224   12.647  -0.423  1.00 10.01 ? 28  ALA A C   1 
ATOM   128  O  O   . ALA A 1 51  ? 0.356   13.259  0.226   1.00 12.50 ? 28  ALA A O   1 
ATOM   129  C  CB  . ALA A 1 51  ? 1.917   10.524  0.671   1.00 8.76  ? 28  ALA A CB  1 
ATOM   130  N  N   . VAL A 1 52  ? 1.231   12.565  -1.740  1.00 9.84  ? 29  VAL A N   1 
ATOM   131  C  CA  . VAL A 1 52  ? 0.313   13.316  -2.576  1.00 10.78 ? 29  VAL A CA  1 
ATOM   132  C  C   . VAL A 1 52  ? -0.260  12.452  -3.681  1.00 10.78 ? 29  VAL A C   1 
ATOM   133  O  O   . VAL A 1 52  ? 0.363   11.489  -4.125  1.00 10.78 ? 29  VAL A O   1 
ATOM   134  C  CB  . VAL A 1 52  ? 0.996   14.557  -3.192  1.00 11.60 ? 29  VAL A CB  1 
ATOM   135  C  CG1 . VAL A 1 52  ? 1.418   15.548  -2.102  1.00 13.04 ? 29  VAL A CG1 1 
ATOM   136  C  CG2 . VAL A 1 52  ? 2.176   14.189  -4.056  1.00 11.84 ? 29  VAL A CG2 1 
ATOM   137  N  N   . VAL A 1 53  ? -1.453  12.780  -4.133  1.00 11.20 ? 30  VAL A N   1 
ATOM   138  C  CA  . VAL A 1 53  ? -2.065  12.134  -5.265  1.00 11.54 ? 30  VAL A CA  1 
ATOM   139  C  C   . VAL A 1 53  ? -1.510  12.714  -6.556  1.00 12.48 ? 30  VAL A C   1 
ATOM   140  O  O   . VAL A 1 53  ? -1.416  13.951  -6.698  1.00 14.93 ? 30  VAL A O   1 
ATOM   141  C  CB  . VAL A 1 53  ? -3.601  12.301  -5.229  1.00 12.59 ? 30  VAL A CB  1 
ATOM   142  C  CG1 . VAL A 1 53  ? -4.244  11.660  -6.452  1.00 13.18 ? 30  VAL A CG1 1 
ATOM   143  C  CG2 . VAL A 1 53  ? -4.154  11.672  -3.970  1.00 12.69 ? 30  VAL A CG2 1 
ATOM   144  N  N   A GLU A 1 54  ? -1.173  11.843  -7.502  0.50 11.88 ? 31  GLU A N   1 
ATOM   145  N  N   B GLU A 1 54  ? -1.111  11.833  -7.487  0.50 12.13 ? 31  GLU A N   1 
ATOM   146  C  CA  A GLU A 1 54  ? -0.690  12.277  -8.792  0.50 11.87 ? 31  GLU A CA  1 
ATOM   147  C  CA  B GLU A 1 54  ? -0.355  12.163  -8.711  0.50 12.30 ? 31  GLU A CA  1 
ATOM   148  C  C   A GLU A 1 54  ? -1.216  11.418  -9.900  0.50 12.03 ? 31  GLU A C   1 
ATOM   149  C  C   B GLU A 1 54  ? -1.001  11.367  -9.881  0.50 12.27 ? 31  GLU A C   1 
ATOM   150  O  O   A GLU A 1 54  ? -1.863  10.373  -9.687  0.50 11.26 ? 31  GLU A O   1 
ATOM   151  O  O   B GLU A 1 54  ? -1.556  10.297  -9.668  0.50 11.51 ? 31  GLU A O   1 
ATOM   152  C  CB  A GLU A 1 54  ? 0.835   12.307  -8.815  0.50 12.08 ? 31  GLU A CB  1 
ATOM   153  C  CB  B GLU A 1 54  ? 1.143   11.816  -8.483  0.50 12.99 ? 31  GLU A CB  1 
ATOM   154  C  CG  A GLU A 1 54  ? 1.383   13.389  -7.878  0.50 12.61 ? 31  GLU A CG  1 
ATOM   155  C  CG  B GLU A 1 54  ? 2.121   12.159  -9.609  0.50 13.56 ? 31  GLU A CG  1 
ATOM   156  C  CD  A GLU A 1 54  ? 2.886   13.469  -7.841  0.50 13.86 ? 31  GLU A CD  1 
ATOM   157  C  CD  B GLU A 1 54  ? 3.613   11.928  -9.299  0.50 13.23 ? 31  GLU A CD  1 
ATOM   158  O  OE1 A GLU A 1 54  ? 3.511   12.413  -8.098  0.50 13.76 ? 31  GLU A OE1 1 
ATOM   159  O  OE1 B GLU A 1 54  ? 4.187   12.747  -8.539  0.50 14.83 ? 31  GLU A OE1 1 
ATOM   160  O  OE2 A GLU A 1 54  ? 3.409   14.586  -7.502  0.50 15.21 ? 31  GLU A OE2 1 
ATOM   161  O  OE2 B GLU A 1 54  ? 4.259   10.999  -9.876  0.50 10.72 ? 31  GLU A OE2 1 
ATOM   162  N  N   . THR A 1 55  ? -0.955  11.912  -11.107 1.00 12.07 ? 32  THR A N   1 
ATOM   163  C  CA  . THR A 1 55  ? -1.465  11.278  -12.321 1.00 13.15 ? 32  THR A CA  1 
ATOM   164  C  C   . THR A 1 55  ? -0.428  11.330  -13.440 1.00 13.55 ? 32  THR A C   1 
ATOM   165  O  O   . THR A 1 55  ? -0.755  11.061  -14.598 1.00 15.28 ? 32  THR A O   1 
ATOM   166  C  CB  . THR A 1 55  ? -2.745  11.961  -12.802 1.00 14.35 ? 32  THR A CB  1 
ATOM   167  O  OG1 . THR A 1 55  ? -2.461  13.347  -13.061 1.00 16.23 ? 32  THR A OG1 1 
ATOM   168  C  CG2 . THR A 1 55  ? -3.875  11.829  -11.789 1.00 15.76 ? 32  THR A CG2 1 
ATOM   169  N  N   . LEU A 1 56  ? 0.824   11.607  -13.122 1.00 12.70 ? 33  LEU A N   1 
ATOM   170  C  CA  . LEU A 1 56  ? 1.853   11.847  -14.145 1.00 14.09 ? 33  LEU A CA  1 
ATOM   171  C  C   . LEU A 1 56  ? 2.088   10.610  -14.996 1.00 13.34 ? 33  LEU A C   1 
ATOM   172  O  O   . LEU A 1 56  ? 2.190   10.696  -16.230 1.00 15.41 ? 33  LEU A O   1 
ATOM   173  C  CB  . LEU A 1 56  ? 3.153   12.275  -13.458 1.00 16.05 ? 33  LEU A CB  1 
ATOM   174  C  CG  . LEU A 1 56  ? 4.378   12.495  -14.339 1.00 18.66 ? 33  LEU A CG  1 
ATOM   175  C  CD1 . LEU A 1 56  ? 4.089   13.592  -15.358 1.00 20.56 ? 33  LEU A CD1 1 
ATOM   176  C  CD2 . LEU A 1 56  ? 5.574   12.840  -13.464 1.00 19.90 ? 33  LEU A CD2 1 
ATOM   177  N  N   . TYR A 1 57  ? 2.258   9.456   -14.370 1.00 10.88 ? 34  TYR A N   1 
ATOM   178  C  CA  . TYR A 1 57  ? 2.572   8.201   -15.089 1.00 10.84 ? 34  TYR A CA  1 
ATOM   179  C  C   . TYR A 1 57  ? 1.287   7.456   -15.360 1.00 10.17 ? 34  TYR A C   1 
ATOM   180  O  O   . TYR A 1 57  ? 0.462   7.258   -14.468 1.00 11.38 ? 34  TYR A O   1 
ATOM   181  C  CB  . TYR A 1 57  ? 3.536   7.338   -14.283 1.00 11.09 ? 34  TYR A CB  1 
ATOM   182  C  CG  . TYR A 1 57  ? 4.843   8.020   -14.119 1.00 12.12 ? 34  TYR A CG  1 
ATOM   183  C  CD1 . TYR A 1 57  ? 5.683   8.210   -15.205 1.00 13.36 ? 34  TYR A CD1 1 
ATOM   184  C  CD2 . TYR A 1 57  ? 5.214   8.569   -12.900 1.00 13.09 ? 34  TYR A CD2 1 
ATOM   185  C  CE1 . TYR A 1 57  ? 6.892   8.895   -15.067 1.00 14.98 ? 34  TYR A CE1 1 
ATOM   186  C  CE2 . TYR A 1 57  ? 6.401   9.243   -12.764 1.00 13.99 ? 34  TYR A CE2 1 
ATOM   187  C  CZ  . TYR A 1 57  ? 7.208   9.422   -13.845 1.00 14.49 ? 34  TYR A CZ  1 
ATOM   188  O  OH  . TYR A 1 57  ? 8.414   10.098  -13.664 1.00 18.66 ? 34  TYR A OH  1 
ATOM   189  N  N   . PRO A 1 58  ? 1.075   7.033   -16.608 1.00 9.53  ? 35  PRO A N   1 
ATOM   190  C  CA  . PRO A 1 58  ? -0.155  6.380   -16.995 1.00 9.55  ? 35  PRO A CA  1 
ATOM   191  C  C   . PRO A 1 58  ? -0.233  4.932   -16.494 1.00 9.18  ? 35  PRO A C   1 
ATOM   192  O  O   . PRO A 1 58  ? 0.773   4.327   -16.162 1.00 9.26  ? 35  PRO A O   1 
ATOM   193  C  CB  . PRO A 1 58  ? -0.095  6.444   -18.522 1.00 9.85  ? 35  PRO A CB  1 
ATOM   194  C  CG  . PRO A 1 58  ? 1.330   6.417   -18.817 1.00 10.12 ? 35  PRO A CG  1 
ATOM   195  C  CD  . PRO A 1 58  ? 1.981   7.239   -17.746 1.00 9.60  ? 35  PRO A CD  1 
ATOM   196  N  N   . GLY A 1 59  ? -1.456  4.418   -16.449 1.00 9.22  ? 36  GLY A N   1 
ATOM   197  C  CA  . GLY A 1 59  ? -1.695  3.023   -16.181 1.00 9.33  ? 36  GLY A CA  1 
ATOM   198  C  C   . GLY A 1 59  ? -2.294  2.689   -14.840 1.00 9.76  ? 36  GLY A C   1 
ATOM   199  O  O   . GLY A 1 59  ? -2.570  1.533   -14.567 1.00 10.49 ? 36  GLY A O   1 
ATOM   200  N  N   . TYR A 1 60  ? -2.471  3.716   -14.000 1.00 9.54  ? 37  TYR A N   1 
ATOM   201  C  CA  . TYR A 1 60  ? -3.123  3.567   -12.706 1.00 9.73  ? 37  TYR A CA  1 
ATOM   202  C  C   . TYR A 1 60  ? -4.602  3.271   -12.864 1.00 10.56 ? 37  TYR A C   1 
ATOM   203  O  O   . TYR A 1 60  ? -5.230  3.600   -13.877 1.00 12.04 ? 37  TYR A O   1 
ATOM   204  C  CB  . TYR A 1 60  ? -2.917  4.843   -11.865 1.00 9.66  ? 37  TYR A CB  1 
ATOM   205  C  CG  . TYR A 1 60  ? -3.361  6.100   -12.582 1.00 9.90  ? 37  TYR A CG  1 
ATOM   206  C  CD1 . TYR A 1 60  ? -4.700  6.461   -12.607 1.00 10.76 ? 37  TYR A CD1 1 
ATOM   207  C  CD2 . TYR A 1 60  ? -2.461  6.900   -13.273 1.00 10.36 ? 37  TYR A CD2 1 
ATOM   208  C  CE1 . TYR A 1 60  ? -5.139  7.594   -13.282 1.00 11.70 ? 37  TYR A CE1 1 
ATOM   209  C  CE2 . TYR A 1 60  ? -2.892  8.035   -13.971 1.00 11.24 ? 37  TYR A CE2 1 
ATOM   210  C  CZ  . TYR A 1 60  ? -4.222  8.367   -13.940 1.00 12.14 ? 37  TYR A CZ  1 
ATOM   211  O  OH  . TYR A 1 60  ? -4.667  9.496   -14.633 1.00 15.01 ? 37  TYR A OH  1 
ATOM   212  N  N   A THR A 1 61  ? -5.170  2.750   -11.791 0.50 10.90 ? 38  THR A N   1 
ATOM   213  N  N   B THR A 1 61  ? -5.169  2.580   -11.896 0.50 10.12 ? 38  THR A N   1 
ATOM   214  C  CA  A THR A 1 61  ? -6.584  2.412   -11.656 0.50 11.59 ? 38  THR A CA  1 
ATOM   215  C  CA  B THR A 1 61  ? -6.623  2.499   -11.772 0.50 10.51 ? 38  THR A CA  1 
ATOM   216  C  C   A THR A 1 61  ? -7.196  3.596   -10.896 0.50 11.59 ? 38  THR A C   1 
ATOM   217  C  C   B THR A 1 61  ? -7.181  3.652   -10.960 0.50 10.83 ? 38  THR A C   1 
ATOM   218  O  O   A THR A 1 61  ? -6.507  4.287   -10.130 0.50 10.95 ? 38  THR A O   1 
ATOM   219  O  O   B THR A 1 61  ? -6.471  4.345   -10.209 0.50 10.19 ? 38  THR A O   1 
ATOM   220  C  CB  A THR A 1 61  ? -6.744  1.088   -10.849 0.50 12.92 ? 38  THR A CB  1 
ATOM   221  C  CB  B THR A 1 61  ? -7.073  1.209   -11.087 0.50 10.53 ? 38  THR A CB  1 
ATOM   222  O  OG1 A THR A 1 61  ? -6.184  -0.023  -11.561 0.50 12.82 ? 38  THR A OG1 1 
ATOM   223  O  OG1 B THR A 1 61  ? -8.503  1.123   -11.123 0.50 15.74 ? 38  THR A OG1 1 
ATOM   224  C  CG2 A THR A 1 61  ? -8.167  0.741   -10.554 0.50 13.76 ? 38  THR A CG2 1 
ATOM   225  C  CG2 B THR A 1 61  ? -6.563  1.186   -9.626  0.50 8.91  ? 38  THR A CG2 1 
ATOM   226  N  N   . GLY A 1 62  ? -8.485  3.859   -11.079 1.00 12.01 ? 39  GLY A N   1 
ATOM   227  C  CA  . GLY A 1 62  ? -9.118  4.963   -10.397 1.00 12.76 ? 39  GLY A CA  1 
ATOM   228  C  C   . GLY A 1 62  ? -8.684  6.309   -10.895 1.00 12.79 ? 39  GLY A C   1 
ATOM   229  O  O   . GLY A 1 62  ? -8.353  6.463   -12.062 1.00 14.66 ? 39  GLY A O   1 
ATOM   230  N  N   . SER A 1 63  ? -8.629  7.289   -10.019 1.00 12.77 ? 40  SER A N   1 
ATOM   231  C  CA  . SER A 1 63  ? -8.323  8.646   -10.413 1.00 13.23 ? 40  SER A CA  1 
ATOM   232  C  C   . SER A 1 63  ? -6.855  9.029   -10.341 1.00 12.61 ? 40  SER A C   1 
ATOM   233  O  O   . SER A 1 63  ? -6.477  10.126  -10.728 1.00 14.23 ? 40  SER A O   1 
ATOM   234  C  CB  . SER A 1 63  ? -9.142  9.625   -9.579  1.00 14.52 ? 40  SER A CB  1 
ATOM   235  O  OG  . SER A 1 63  ? -8.840  9.473   -8.210  1.00 16.62 ? 40  SER A OG  1 
ATOM   236  N  N   . GLY A 1 64  ? -6.000  8.131   -9.833  1.00 10.71 ? 41  GLY A N   1 
ATOM   237  C  CA  . GLY A 1 64  ? -4.586  8.420   -9.760  1.00 10.01 ? 41  GLY A CA  1 
ATOM   238  C  C   . GLY A 1 64  ? -3.848  7.379   -8.956  1.00 8.51  ? 41  GLY A C   1 
ATOM   239  O  O   . GLY A 1 64  ? -4.256  6.243   -8.894  1.00 8.70  ? 41  GLY A O   1 
ATOM   240  N  N   . TYR A 1 65  ? -2.740  7.824   -8.368  1.00 8.29  ? 42  TYR A N   1 
ATOM   241  C  CA  . TYR A 1 65  ? -1.928  6.991   -7.489  1.00 7.92  ? 42  TYR A CA  1 
ATOM   242  C  C   . TYR A 1 65  ? -1.327  7.903   -6.457  1.00 7.98  ? 42  TYR A C   1 
ATOM   243  O  O   . TYR A 1 65  ? -1.409  9.134   -6.565  1.00 8.96  ? 42  TYR A O   1 
ATOM   244  C  CB  . TYR A 1 65  ? -0.849  6.211   -8.270  1.00 8.15  ? 42  TYR A CB  1 
ATOM   245  C  CG  . TYR A 1 65  ? 0.061   7.092   -9.071  1.00 8.33  ? 42  TYR A CG  1 
ATOM   246  C  CD1 . TYR A 1 65  ? 1.185   7.668   -8.513  1.00 8.49  ? 42  TYR A CD1 1 
ATOM   247  C  CD2 . TYR A 1 65  ? -0.197  7.365   -10.414 1.00 8.81  ? 42  TYR A CD2 1 
ATOM   248  C  CE1 . TYR A 1 65  ? 1.997   8.512   -9.229  1.00 9.59  ? 42  TYR A CE1 1 
ATOM   249  C  CE2 . TYR A 1 65  ? 0.613   8.192   -11.153 1.00 9.42  ? 42  TYR A CE2 1 
ATOM   250  C  CZ  . TYR A 1 65  ? 1.721   8.763   -10.557 1.00 9.52  ? 42  TYR A CZ  1 
ATOM   251  O  OH  . TYR A 1 65  ? 2.508   9.606   -11.317 1.00 11.56 ? 42  TYR A OH  1 
ATOM   252  N  N   . VAL A 1 66  ? -0.704  7.309   -5.447  1.00 7.33  ? 43  VAL A N   1 
ATOM   253  C  CA  . VAL A 1 66  ? -0.073  8.115   -4.381  1.00 7.46  ? 43  VAL A CA  1 
ATOM   254  C  C   . VAL A 1 66  ? 1.436   8.071   -4.534  1.00 7.45  ? 43  VAL A C   1 
ATOM   255  O  O   . VAL A 1 66  ? 2.025   6.986   -4.698  1.00 7.87  ? 43  VAL A O   1 
ATOM   256  C  CB  . VAL A 1 66  ? -0.504  7.630   -3.005  1.00 8.11  ? 43  VAL A CB  1 
ATOM   257  C  CG1 . VAL A 1 66  ? 0.293   8.343   -1.920  1.00 8.26  ? 43  VAL A CG1 1 
ATOM   258  C  CG2 . VAL A 1 66  ? -1.992  7.849   -2.827  1.00 8.61  ? 43  VAL A CG2 1 
ATOM   259  N  N   . ASN A 1 67  ? 2.056   9.238   -4.443  1.00 7.49  ? 44  ASN A N   1 
ATOM   260  C  CA  . ASN A 1 67  ? 3.471   9.391   -4.441  1.00 7.93  ? 44  ASN A CA  1 
ATOM   261  C  C   . ASN A 1 67  ? 3.915   9.727   -3.024  1.00 7.81  ? 44  ASN A C   1 
ATOM   262  O  O   . ASN A 1 67  ? 3.505   10.758  -2.471  1.00 8.60  ? 44  ASN A O   1 
ATOM   263  C  CB  . ASN A 1 67  ? 3.815   10.523  -5.421  1.00 8.65  ? 44  ASN A CB  1 
ATOM   264  C  CG  . ASN A 1 67  ? 5.274   10.786  -5.499  1.00 9.93  ? 44  ASN A CG  1 
ATOM   265  O  OD1 . ASN A 1 67  ? 6.044   10.220  -4.755  1.00 9.46  ? 44  ASN A OD1 1 
ATOM   266  N  ND2 . ASN A 1 67  ? 5.683   11.677  -6.390  1.00 12.37 ? 44  ASN A ND2 1 
ATOM   267  N  N   . PHE A 1 68  ? 4.681   8.849   -2.376  1.00 7.55  ? 45  PHE A N   1 
ATOM   268  C  CA  . PHE A 1 68  ? 5.285   9.173   -1.069  1.00 7.95  ? 45  PHE A CA  1 
ATOM   269  C  C   . PHE A 1 68  ? 6.341   10.228  -1.273  1.00 8.14  ? 45  PHE A C   1 
ATOM   270  O  O   . PHE A 1 68  ? 7.169   10.089  -2.135  1.00 8.90  ? 45  PHE A O   1 
ATOM   271  C  CB  . PHE A 1 68  ? 5.953   7.936   -0.449  1.00 7.86  ? 45  PHE A CB  1 
ATOM   272  C  CG  . PHE A 1 68  ? 5.037   6.768   -0.134  1.00 7.91  ? 45  PHE A CG  1 
ATOM   273  C  CD1 . PHE A 1 68  ? 4.437   6.643   1.121   1.00 8.37  ? 45  PHE A CD1 1 
ATOM   274  C  CD2 . PHE A 1 68  ? 4.848   5.741   -1.065  1.00 8.54  ? 45  PHE A CD2 1 
ATOM   275  C  CE1 . PHE A 1 68  ? 3.700   5.531   1.423   1.00 8.62  ? 45  PHE A CE1 1 
ATOM   276  C  CE2 . PHE A 1 68  ? 4.082   4.638   -0.731  1.00 8.67  ? 45  PHE A CE2 1 
ATOM   277  C  CZ  . PHE A 1 68  ? 3.496   4.543   0.496   1.00 8.82  ? 45  PHE A CZ  1 
ATOM   278  N  N   . ASN A 1 69  ? 6.355   11.266  -0.450  1.00 8.52  ? 46  ASN A N   1 
ATOM   279  C  CA  . ASN A 1 69  ? 7.389   12.291  -0.640  1.00 9.57  ? 46  ASN A CA  1 
ATOM   280  C  C   . ASN A 1 69  ? 8.575   12.232  0.267   1.00 9.28  ? 46  ASN A C   1 
ATOM   281  O  O   . ASN A 1 69  ? 9.671   12.668  -0.128  1.00 10.76 ? 46  ASN A O   1 
ATOM   282  C  CB  . ASN A 1 69  ? 6.784   13.670  -0.558  1.00 12.12 ? 46  ASN A CB  1 
ATOM   283  C  CG  . ASN A 1 69  ? 5.830   13.932  -1.690  1.00 14.73 ? 46  ASN A CG  1 
ATOM   284  O  OD1 . ASN A 1 69  ? 4.687   14.256  -1.457  1.00 17.95 ? 46  ASN A OD1 1 
ATOM   285  N  ND2 . ASN A 1 69  ? 6.281   13.691  -2.920  1.00 15.83 ? 46  ASN A ND2 1 
ATOM   286  N  N   . ALA A 1 70  ? 8.420   11.692  1.451   1.00 8.59  ? 47  ALA A N   1 
ATOM   287  C  CA  . ALA A 1 70  ? 9.501   11.685  2.447   1.00 8.56  ? 47  ALA A CA  1 
ATOM   288  C  C   . ALA A 1 70  ? 10.152  10.329  2.534   1.00 8.04  ? 47  ALA A C   1 
ATOM   289  O  O   . ALA A 1 70  ? 9.477   9.272   2.495   1.00 8.42  ? 47  ALA A O   1 
ATOM   290  C  CB  . ALA A 1 70  ? 8.993   12.095  3.808   1.00 8.68  ? 47  ALA A CB  1 
ATOM   291  N  N   . TYR A 1 71  ? 11.458  10.318  2.728   1.00 7.62  ? 48  TYR A N   1 
ATOM   292  C  CA  . TYR A 1 71  ? 12.182  9.080   2.835   1.00 7.62  ? 48  TYR A CA  1 
ATOM   293  C  C   . TYR A 1 71  ? 11.763  8.281   4.055   1.00 7.75  ? 48  TYR A C   1 
ATOM   294  O  O   . TYR A 1 71  ? 11.788  7.031   3.995   1.00 8.32  ? 48  TYR A O   1 
ATOM   295  C  CB  . TYR A 1 71  ? 13.711  9.280   2.800   1.00 8.11  ? 48  TYR A CB  1 
ATOM   296  C  CG  . TYR A 1 71  ? 14.225  9.286   1.388   1.00 8.69  ? 48  TYR A CG  1 
ATOM   297  C  CD1 . TYR A 1 71  ? 14.001  10.357  0.538   1.00 9.87  ? 48  TYR A CD1 1 
ATOM   298  C  CD2 . TYR A 1 71  ? 14.935  8.202   0.895   1.00 8.91  ? 48  TYR A CD2 1 
ATOM   299  C  CE1 . TYR A 1 71  ? 14.471  10.327  -0.772  1.00 10.80 ? 48  TYR A CE1 1 
ATOM   300  C  CE2 . TYR A 1 71  ? 15.374  8.172   -0.408  1.00 10.29 ? 48  TYR A CE2 1 
ATOM   301  C  CZ  . TYR A 1 71  ? 15.142  9.231   -1.219  1.00 11.43 ? 48  TYR A CZ  1 
ATOM   302  O  OH  . TYR A 1 71  ? 15.611  9.186   -2.522  1.00 15.57 ? 48  TYR A OH  1 
ATOM   303  N  N   A THR A 1 72  ? 11.397  8.976   5.146   0.50 8.20  ? 49  THR A N   1 
ATOM   304  N  N   B THR A 1 72  ? 11.386  8.959   5.136   0.50 7.48  ? 49  THR A N   1 
ATOM   305  C  CA  A THR A 1 72  ? 10.833  8.357   6.340   0.50 9.13  ? 49  THR A CA  1 
ATOM   306  C  CA  B THR A 1 72  ? 10.862  8.263   6.271   0.50 7.77  ? 49  THR A CA  1 
ATOM   307  C  C   A THR A 1 72  ? 9.564   9.047   6.749   0.50 8.73  ? 49  THR A C   1 
ATOM   308  C  C   B THR A 1 72  ? 9.633   9.007   6.801   0.50 7.99  ? 49  THR A C   1 
ATOM   309  O  O   A THR A 1 72  ? 9.397   10.258  6.569   0.50 9.04  ? 49  THR A O   1 
ATOM   310  O  O   B THR A 1 72  ? 9.544   10.216  6.705   0.50 8.35  ? 49  THR A O   1 
ATOM   311  C  CB  A THR A 1 72  ? 11.778  8.408   7.558   0.50 10.34 ? 49  THR A CB  1 
ATOM   312  C  CB  B THR A 1 72  ? 11.960  7.990   7.320   0.50 8.08  ? 49  THR A CB  1 
ATOM   313  O  OG1 A THR A 1 72  ? 11.995  9.744   8.017   0.50 14.16 ? 49  THR A OG1 1 
ATOM   314  O  OG1 B THR A 1 72  ? 11.383  7.159   8.319   0.50 8.24  ? 49  THR A OG1 1 
ATOM   315  C  CG2 A THR A 1 72  ? 13.026  7.812   7.204   0.50 11.12 ? 49  THR A CG2 1 
ATOM   316  C  CG2 B THR A 1 72  ? 12.507  9.231   7.971   0.50 8.39  ? 49  THR A CG2 1 
ATOM   317  N  N   . ASN A 1 73  ? 8.655   8.249   7.298   1.00 8.50  ? 50  ASN A N   1 
ATOM   318  C  CA  . ASN A 1 73  ? 7.447   8.761   7.908   1.00 9.37  ? 50  ASN A CA  1 
ATOM   319  C  C   . ASN A 1 73  ? 6.394   9.324   6.978   1.00 9.31  ? 50  ASN A C   1 
ATOM   320  O  O   . ASN A 1 73  ? 5.440   9.970   7.419   1.00 11.78 ? 50  ASN A O   1 
ATOM   321  C  CB  . ASN A 1 73  ? 7.751   9.699   9.120   1.00 10.64 ? 50  ASN A CB  1 
ATOM   322  C  CG  . ASN A 1 73  ? 8.383   8.952   10.258  1.00 13.63 ? 50  ASN A CG  1 
ATOM   323  O  OD1 . ASN A 1 73  ? 9.280   9.489   10.941  1.00 20.76 ? 50  ASN A OD1 1 
ATOM   324  N  ND2 . ASN A 1 73  ? 7.978   7.742   10.460  1.00 14.07 ? 50  ASN A ND2 1 
ATOM   325  N  N   A SER A 1 74  ? 6.494   9.082   5.671   0.50 8.17  ? 51  SER A N   1 
ATOM   326  N  N   B SER A 1 74  ? 6.514   8.993   5.698   0.50 8.19  ? 51  SER A N   1 
ATOM   327  C  CA  A SER A 1 74  ? 5.342   9.300   4.801   0.50 7.97  ? 51  SER A CA  1 
ATOM   328  C  CA  B SER A 1 74  ? 5.469   9.193   4.708   0.50 7.98  ? 51  SER A CA  1 
ATOM   329  C  C   A SER A 1 74  ? 4.453   8.086   4.943   0.50 7.56  ? 51  SER A C   1 
ATOM   330  C  C   B SER A 1 74  ? 4.480   8.019   4.748   0.50 7.61  ? 51  SER A C   1 
ATOM   331  O  O   A SER A 1 74  ? 4.931   6.998   5.244   0.50 7.32  ? 51  SER A O   1 
ATOM   332  O  O   B SER A 1 74  ? 4.925   6.870   4.752   0.50 7.50  ? 51  SER A O   1 
ATOM   333  C  CB  A SER A 1 74  ? 5.698   9.486   3.327   0.50 8.11  ? 51  SER A CB  1 
ATOM   334  C  CB  B SER A 1 74  ? 6.116   9.269   3.330   0.50 8.26  ? 51  SER A CB  1 
ATOM   335  O  OG  A SER A 1 74  ? 6.356   10.704  3.041   0.50 8.88  ? 51  SER A OG  1 
ATOM   336  O  OG  B SER A 1 74  ? 5.130   9.511   2.357   0.50 8.72  ? 51  SER A OG  1 
ATOM   337  N  N   . ALA A 1 75  ? 3.171   8.279   4.730   1.00 7.45  ? 52  ALA A N   1 
ATOM   338  C  CA  . ALA A 1 75  ? 2.209   7.193   5.007   1.00 7.87  ? 52  ALA A CA  1 
ATOM   339  C  C   . ALA A 1 75  ? 0.962   7.296   4.187   1.00 7.60  ? 52  ALA A C   1 
ATOM   340  O  O   . ALA A 1 75  ? 0.509   8.391   3.825   1.00 8.21  ? 52  ALA A O   1 
ATOM   341  C  CB  . ALA A 1 75  ? 1.839   7.152   6.480   1.00 8.60  ? 52  ALA A CB  1 
ATOM   342  N  N   . ILE A 1 76  ? 0.378   6.129   3.912   1.00 7.34  ? 53  ILE A N   1 
ATOM   343  C  CA  . ILE A 1 76  ? -0.984  5.998   3.429   1.00 7.45  ? 53  ILE A CA  1 
ATOM   344  C  C   . ILE A 1 76  ? -1.747  5.147   4.419   1.00 7.75  ? 53  ILE A C   1 
ATOM   345  O  O   . ILE A 1 76  ? -1.289  4.048   4.758   1.00 8.09  ? 53  ILE A O   1 
ATOM   346  C  CB  . ILE A 1 76  ? -1.022  5.290   2.048   1.00 7.63  ? 53  ILE A CB  1 
ATOM   347  C  CG1 . ILE A 1 76  ? -0.145  5.984   1.030   1.00 7.99  ? 53  ILE A CG1 1 
ATOM   348  C  CG2 . ILE A 1 76  ? -2.466  5.169   1.580   1.00 8.11  ? 53  ILE A CG2 1 
ATOM   349  C  CD1 . ILE A 1 76  ? 0.032   5.180   -0.255  1.00 8.40  ? 53  ILE A CD1 1 
ATOM   350  N  N   . GLU A 1 77  ? -2.885  5.636   4.908   1.00 8.33  ? 54  GLU A N   1 
ATOM   351  C  CA  . GLU A 1 77  ? -3.725  4.867   5.803   1.00 9.26  ? 54  GLU A CA  1 
ATOM   352  C  C   . GLU A 1 77  ? -5.096  4.677   5.206   1.00 9.07  ? 54  GLU A C   1 
ATOM   353  O  O   . GLU A 1 77  ? -5.772  5.656   4.883   1.00 9.79  ? 54  GLU A O   1 
ATOM   354  C  CB  . GLU A 1 77  ? -3.870  5.603   7.135   1.00 11.36 ? 54  GLU A CB  1 
ATOM   355  C  CG  . GLU A 1 77  ? -4.698  4.817   8.150   1.00 14.80 ? 54  GLU A CG  1 
ATOM   356  C  CD  . GLU A 1 77  ? -4.945  5.511   9.482   1.00 21.07 ? 54  GLU A CD  1 
ATOM   357  O  OE1 . GLU A 1 77  ? -4.742  6.736   9.587   1.00 27.46 ? 54  GLU A OE1 1 
ATOM   358  O  OE2 . GLU A 1 77  ? -5.447  4.819   10.414  1.00 26.06 ? 54  GLU A OE2 1 
ATOM   359  N  N   . TRP A 1 78  ? -5.478  3.419   5.003   1.00 9.03  ? 55  TRP A N   1 
ATOM   360  C  CA  . TRP A 1 78  ? -6.840  3.040   4.640   1.00 9.69  ? 55  TRP A CA  1 
ATOM   361  C  C   . TRP A 1 78  ? -7.622  2.904   5.920   1.00 11.18 ? 55  TRP A C   1 
ATOM   362  O  O   . TRP A 1 78  ? -7.257  2.174   6.819   1.00 10.90 ? 55  TRP A O   1 
ATOM   363  C  CB  . TRP A 1 78  ? -6.835  1.721   3.873   1.00 9.18  ? 55  TRP A CB  1 
ATOM   364  C  CG  . TRP A 1 78  ? -6.332  1.810   2.482   1.00 8.99  ? 55  TRP A CG  1 
ATOM   365  C  CD1 . TRP A 1 78  ? -7.082  2.020   1.361   1.00 9.32  ? 55  TRP A CD1 1 
ATOM   366  C  CD2 . TRP A 1 78  ? -4.973  1.681   2.040   1.00 9.21  ? 55  TRP A CD2 1 
ATOM   367  N  NE1 . TRP A 1 78  ? -6.281  2.027   0.262   1.00 9.65  ? 55  TRP A NE1 1 
ATOM   368  C  CE2 . TRP A 1 78  ? -4.985  1.829   0.640   1.00 9.36  ? 55  TRP A CE2 1 
ATOM   369  C  CE3 . TRP A 1 78  ? -3.747  1.465   2.682   1.00 9.17  ? 55  TRP A CE3 1 
ATOM   370  C  CZ2 . TRP A 1 78  ? -3.840  1.727   -0.130  1.00 9.24  ? 55  TRP A CZ2 1 
ATOM   371  C  CZ3 . TRP A 1 78  ? -2.608  1.375   1.925   1.00 9.62  ? 55  TRP A CZ3 1 
ATOM   372  C  CH2 . TRP A 1 78  ? -2.655  1.523   0.522   1.00 9.89  ? 55  TRP A CH2 1 
ATOM   373  N  N   B ASN A 1 79  ? -8.744  3.611   5.884   0.38 12.39 ? 56  ASN A N   1 
ATOM   374  N  N   C ASN A 1 79  ? -8.747  3.585   6.075   0.62 14.59 ? 56  ASN A N   1 
ATOM   375  C  CA  B ASN A 1 79  ? -9.563  3.849   7.027   0.38 13.30 ? 56  ASN A CA  1 
ATOM   376  C  CA  C ASN A 1 79  ? -9.483  3.471   7.353   0.62 17.07 ? 56  ASN A CA  1 
ATOM   377  C  C   B ASN A 1 79  ? -10.722 2.850   7.153   0.38 13.88 ? 56  ASN A C   1 
ATOM   378  C  C   C ASN A 1 79  ? -10.753 2.656   7.237   0.62 16.17 ? 56  ASN A C   1 
ATOM   379  O  O   B ASN A 1 79  ? -11.310 2.751   8.243   0.38 15.24 ? 56  ASN A O   1 
ATOM   380  O  O   C ASN A 1 79  ? -11.534 2.540   8.207   0.62 18.13 ? 56  ASN A O   1 
ATOM   381  C  CB  B ASN A 1 79  ? -10.064 5.306   6.966   0.38 13.26 ? 56  ASN A CB  1 
ATOM   382  C  CB  C ASN A 1 79  ? -9.878  4.850   7.852   0.62 19.72 ? 56  ASN A CB  1 
ATOM   383  C  CG  B ASN A 1 79  ? -8.929  6.328   7.115   0.38 13.62 ? 56  ASN A CG  1 
ATOM   384  C  CG  C ASN A 1 79  ? -10.751 5.569   6.847   0.62 22.30 ? 56  ASN A CG  1 
ATOM   385  O  OD1 B ASN A 1 79  ? -8.774  7.235   6.294   0.38 14.56 ? 56  ASN A OD1 1 
ATOM   386  O  OD1 C ASN A 1 79  ? -10.263 6.009   5.802   0.62 27.24 ? 56  ASN A OD1 1 
ATOM   387  N  ND2 B ASN A 1 79  ? -8.116  6.164   8.152   0.38 13.50 ? 56  ASN A ND2 1 
ATOM   388  N  ND2 C ASN A 1 79  ? -12.051 5.652   7.128   0.62 26.24 ? 56  ASN A ND2 1 
ATOM   389  N  N   . ALA A 1 80  ? -11.018 2.113   6.068   1.00 14.20 ? 57  ALA A N   1 
ATOM   390  C  CA  . ALA A 1 80  ? -12.256 1.356   5.905   1.00 14.71 ? 57  ALA A CA  1 
ATOM   391  C  C   . ALA A 1 80  ? -12.131 0.062   5.094   1.00 13.86 ? 57  ALA A C   1 
ATOM   392  O  O   . ALA A 1 80  ? -12.892 -0.181  4.186   1.00 15.89 ? 57  ALA A O   1 
ATOM   393  C  CB  . ALA A 1 80  ? -13.320 2.251   5.305   1.00 17.23 ? 57  ALA A CB  1 
ATOM   394  N  N   A ILE A 1 81  ? -11.208 -0.799  5.508   0.50 11.58 ? 58  ILE A N   1 
ATOM   395  N  N   B ILE A 1 81  ? -11.185 -0.775  5.491   0.50 12.78 ? 58  ILE A N   1 
ATOM   396  C  CA  A ILE A 1 81  ? -11.115 -2.122  4.898   0.50 10.76 ? 58  ILE A CA  1 
ATOM   397  C  CA  B ILE A 1 81  ? -11.024 -2.093  4.898   0.50 12.65 ? 58  ILE A CA  1 
ATOM   398  C  C   A ILE A 1 81  ? -12.026 -3.084  5.622   0.50 10.39 ? 58  ILE A C   1 
ATOM   399  C  C   B ILE A 1 81  ? -12.191 -2.937  5.488   0.50 13.08 ? 58  ILE A C   1 
ATOM   400  O  O   A ILE A 1 81  ? -11.891 -3.362  6.821   0.50 10.30 ? 58  ILE A O   1 
ATOM   401  O  O   B ILE A 1 81  ? -12.320 -2.984  6.713   0.50 13.67 ? 58  ILE A O   1 
ATOM   402  C  CB  A ILE A 1 81  ? -9.726  -2.702  4.931   0.50 10.18 ? 58  ILE A CB  1 
ATOM   403  C  CB  B ILE A 1 81  ? -9.621  -2.657  5.259   0.50 12.02 ? 58  ILE A CB  1 
ATOM   404  C  CG1 A ILE A 1 81  ? -8.838  -1.890  4.010   0.50 10.10 ? 58  ILE A CG1 1 
ATOM   405  C  CG1 B ILE A 1 81  ? -8.471  -1.720  4.793   0.50 11.86 ? 58  ILE A CG1 1 
ATOM   406  C  CG2 A ILE A 1 81  ? -9.763  -4.159  4.489   0.50 10.24 ? 58  ILE A CG2 1 
ATOM   407  C  CG2 B ILE A 1 81  ? -9.441  -4.056  4.707   0.50 12.00 ? 58  ILE A CG2 1 
ATOM   408  C  CD1 A ILE A 1 81  ? -7.393  -2.124  4.315   0.50 10.29 ? 58  ILE A CD1 1 
ATOM   409  C  CD1 B ILE A 1 81  ? -8.436  -1.452  3.305   0.50 11.99 ? 58  ILE A CD1 1 
ATOM   410  N  N   A ASN A 1 82  ? -12.949 -3.592  4.856   0.50 9.91  ? 59  ASN A N   1 
ATOM   411  N  N   B ASN A 1 82  ? -13.073 -3.493  4.652   0.50 13.45 ? 59  ASN A N   1 
ATOM   412  C  CA  A ASN A 1 82  ? -14.116 -4.182  5.398   0.50 10.26 ? 59  ASN A CA  1 
ATOM   413  C  CA  B ASN A 1 82  ? -14.246 -4.252  5.133   0.50 14.29 ? 59  ASN A CA  1 
ATOM   414  C  C   A ASN A 1 82  ? -14.151 -5.642  4.975   0.50 10.75 ? 59  ASN A C   1 
ATOM   415  C  C   B ASN A 1 82  ? -14.049 -5.743  4.903   0.50 13.17 ? 59  ASN A C   1 
ATOM   416  O  O   A ASN A 1 82  ? -14.337 -5.923  3.797   0.50 10.56 ? 59  ASN A O   1 
ATOM   417  O  O   B ASN A 1 82  ? -13.987 -6.186  3.775   0.50 14.05 ? 59  ASN A O   1 
ATOM   418  C  CB  A ASN A 1 82  ? -15.278 -3.360  4.854   0.50 9.91  ? 59  ASN A CB  1 
ATOM   419  C  CB  B ASN A 1 82  ? -15.546 -3.830  4.410   0.50 16.02 ? 59  ASN A CB  1 
ATOM   420  C  CG  A ASN A 1 82  ? -16.572 -3.665  5.525   0.50 9.70  ? 59  ASN A CG  1 
ATOM   421  C  CG  B ASN A 1 82  ? -15.914 -2.371  4.622   0.50 17.35 ? 59  ASN A CG  1 
ATOM   422  O  OD1 A ASN A 1 82  ? -17.459 -2.812  5.578   0.50 10.23 ? 59  ASN A OD1 1 
ATOM   423  O  OD1 B ASN A 1 82  ? -16.256 -1.949  5.721   0.50 19.79 ? 59  ASN A OD1 1 
ATOM   424  N  ND2 A ASN A 1 82  ? -16.723 -4.872  5.987   0.50 9.10  ? 59  ASN A ND2 1 
ATOM   425  N  ND2 B ASN A 1 82  ? -15.885 -1.600  3.550   0.50 18.98 ? 59  ASN A ND2 1 
ATOM   426  N  N   . ASN A 1 83  ? -13.963 -6.530  5.962   1.00 11.42 ? 60  ASN A N   1 
ATOM   427  C  CA  . ASN A 1 83  ? -13.798 -7.966  5.778   1.00 11.63 ? 60  ASN A CA  1 
ATOM   428  C  C   . ASN A 1 83  ? -15.004 -8.767  6.272   1.00 11.97 ? 60  ASN A C   1 
ATOM   429  O  O   . ASN A 1 83  ? -15.645 -8.391  7.253   1.00 12.74 ? 60  ASN A O   1 
ATOM   430  C  CB  . ASN A 1 83  ? -12.555 -8.452  6.527   1.00 12.30 ? 60  ASN A CB  1 
ATOM   431  C  CG  . ASN A 1 83  ? -11.273 -7.843  5.995   1.00 11.83 ? 60  ASN A CG  1 
ATOM   432  O  OD1 . ASN A 1 83  ? -11.124 -7.628  4.787   1.00 13.67 ? 60  ASN A OD1 1 
ATOM   433  N  ND2 . ASN A 1 83  ? -10.363 -7.552  6.886   1.00 11.81 ? 60  ASN A ND2 1 
ATOM   434  N  N   . MET A 1 84  ? -15.297 -9.888  5.630   1.00 11.31 ? 61  MET A N   1 
ATOM   435  C  CA  . MET A 1 84  ? -16.420 -10.749 6.056   1.00 11.58 ? 61  MET A CA  1 
ATOM   436  C  C   . MET A 1 84  ? -16.079 -11.583 7.268   1.00 11.94 ? 61  MET A C   1 
ATOM   437  O  O   . MET A 1 84  ? -16.942 -11.886 8.115   1.00 11.30 ? 61  MET A O   1 
ATOM   438  C  CB  . MET A 1 84  ? -16.846 -11.706 4.946   1.00 11.92 ? 61  MET A CB  1 
ATOM   439  C  CG  . MET A 1 84  ? -17.300 -11.019 3.671   1.00 12.24 ? 61  MET A CG  1 
ATOM   440  S  SD  . MET A 1 84  ? -18.890 -10.214 3.827   1.00 12.43 ? 61  MET A SD  1 
ATOM   441  N  N   . THR A 1 85  ? -14.817 -11.975 7.366   1.00 12.01 ? 62  THR A N   1 
ATOM   442  C  CA  . THR A 1 85  ? -14.366 -12.888 8.424   1.00 12.52 ? 62  THR A CA  1 
ATOM   443  C  C   . THR A 1 85  ? -13.021 -12.468 9.014   1.00 12.04 ? 62  THR A C   1 
ATOM   444  O  O   . THR A 1 85  ? -12.293 -11.671 8.408   1.00 11.53 ? 62  THR A O   1 
ATOM   445  C  CB  . THR A 1 85  ? -14.141 -14.305 7.887   1.00 13.83 ? 62  THR A CB  1 
ATOM   446  O  OG1 . THR A 1 85  ? -13.074 -14.287 6.910   1.00 15.29 ? 62  THR A OG1 1 
ATOM   447  C  CG2 . THR A 1 85  ? -15.425 -14.863 7.291   1.00 14.40 ? 62  THR A CG2 1 
ATOM   448  N  N   . THR A 1 86  ? -12.717 -12.983 10.188  1.00 11.90 ? 63  THR A N   1 
ATOM   449  C  CA  . THR A 1 86  ? -11.426 -12.828 10.824  1.00 12.38 ? 63  THR A CA  1 
ATOM   450  C  C   . THR A 1 86  ? -10.536 -13.921 10.333  1.00 12.83 ? 63  THR A C   1 
ATOM   451  O  O   . THR A 1 86  ? -10.902 -15.103 10.342  1.00 15.12 ? 63  THR A O   1 
ATOM   452  C  CB  . THR A 1 86  ? -11.574 -12.914 12.342  1.00 12.86 ? 63  THR A CB  1 
ATOM   453  O  OG1 . THR A 1 86  ? -12.363 -11.796 12.779  1.00 14.54 ? 63  THR A OG1 1 
ATOM   454  C  CG2 . THR A 1 86  ? -10.199 -12.906 13.039  1.00 13.77 ? 63  THR A CG2 1 
ATOM   455  N  N   . GLY A 1 87  ? -9.339  -13.558 9.882   1.00 11.09 ? 64  GLY A N   1 
ATOM   456  C  CA  . GLY A 1 87  ? -8.378  -14.548 9.439   1.00 11.18 ? 64  GLY A CA  1 
ATOM   457  C  C   . GLY A 1 87  ? -7.287  -13.929 8.609   1.00 10.67 ? 64  GLY A C   1 
ATOM   458  O  O   . GLY A 1 87  ? -7.137  -12.704 8.515   1.00 10.52 ? 64  GLY A O   1 
ATOM   459  N  N   . THR A 1 88  ? -6.511  -14.775 7.991   1.00 9.94  ? 65  THR A N   1 
ATOM   460  C  CA  . THR A 1 88  ? -5.394  -14.348 7.161   1.00 9.82  ? 65  THR A CA  1 
ATOM   461  C  C   . THR A 1 88  ? -5.943  -13.815 5.850   1.00 9.02  ? 65  THR A C   1 
ATOM   462  O  O   . THR A 1 88  ? -6.784  -14.435 5.200   1.00 10.01 ? 65  THR A O   1 
ATOM   463  C  CB  . THR A 1 88  ? -4.428  -15.501 6.901   1.00 10.74 ? 65  THR A CB  1 
ATOM   464  O  OG1 . THR A 1 88  ? -3.969  -15.978 8.164   1.00 12.67 ? 65  THR A OG1 1 
ATOM   465  C  CG2 . THR A 1 88  ? -3.259  -15.070 6.055   1.00 11.11 ? 65  THR A CG2 1 
ATOM   466  N  N   . LYS A 1 89  ? -5.460  -12.643 5.464   1.00 8.49  ? 66  LYS A N   1 
ATOM   467  C  CA  . LYS A 1 89  ? -5.828  -12.003 4.212   1.00 9.26  ? 66  LYS A CA  1 
ATOM   468  C  C   . LYS A 1 89  ? -4.639  -11.863 3.303   1.00 8.81  ? 66  LYS A C   1 
ATOM   469  O  O   . LYS A 1 89  ? -3.514  -11.580 3.782   1.00 9.72  ? 66  LYS A O   1 
ATOM   470  C  CB  . LYS A 1 89  ? -6.397  -10.610 4.459   1.00 9.47  ? 66  LYS A CB  1 
ATOM   471  C  CG  . LYS A 1 89  ? -7.498  -10.531 5.494   1.00 9.72  ? 66  LYS A CG  1 
ATOM   472  C  CD  . LYS A 1 89  ? -8.682  -11.442 5.231   1.00 10.28 ? 66  LYS A CD  1 
ATOM   473  C  CE  . LYS A 1 89  ? -9.671  -11.384 6.373   1.00 11.30 ? 66  LYS A CE  1 
ATOM   474  N  NZ  . LYS A 1 89  ? -10.743 -12.392 6.210   1.00 12.83 ? 66  LYS A NZ  1 
ATOM   475  N  N   . ASN A 1 90  ? -4.864  -12.024 2.008   1.00 9.38  ? 67  ASN A N   1 
ATOM   476  C  CA  . ASN A 1 90  ? -3.910  -11.658 0.958   1.00 10.52 ? 67  ASN A CA  1 
ATOM   477  C  C   . ASN A 1 90  ? -4.121  -10.208 0.616   1.00 10.37 ? 67  ASN A C   1 
ATOM   478  O  O   . ASN A 1 90  ? -5.224  -9.825  0.209   1.00 11.00 ? 67  ASN A O   1 
ATOM   479  C  CB  . ASN A 1 90  ? -4.131  -12.508 -0.287  1.00 12.55 ? 67  ASN A CB  1 
ATOM   480  C  CG  . ASN A 1 90  ? -3.829  -13.959 -0.068  1.00 15.39 ? 67  ASN A CG  1 
ATOM   481  O  OD1 . ASN A 1 90  ? -3.030  -14.314 0.760   1.00 17.25 ? 67  ASN A OD1 1 
ATOM   482  N  ND2 . ASN A 1 90  ? -4.503  -14.828 -0.819  1.00 20.59 ? 67  ASN A ND2 1 
ATOM   483  N  N   . VAL A 1 91  ? -3.139  -9.357  0.863   1.00 9.19  ? 68  VAL A N   1 
ATOM   484  C  CA  . VAL A 1 91  ? -3.199  -7.950  0.515   1.00 8.87  ? 68  VAL A CA  1 
ATOM   485  C  C   . VAL A 1 91  ? -2.250  -7.737  -0.642  1.00 8.61  ? 68  VAL A C   1 
ATOM   486  O  O   . VAL A 1 91  ? -1.032  -7.933  -0.490  1.00 8.83  ? 68  VAL A O   1 
ATOM   487  C  CB  . VAL A 1 91  ? -2.861  -7.029  1.705   1.00 9.30  ? 68  VAL A CB  1 
ATOM   488  C  CG1 . VAL A 1 91  ? -2.906  -5.584  1.277   1.00 10.10 ? 68  VAL A CG1 1 
ATOM   489  C  CG2 . VAL A 1 91  ? -3.813  -7.290  2.871   1.00 9.92  ? 68  VAL A CG2 1 
ATOM   490  N  N   . LYS A 1 92  ? -2.793  -7.402  -1.789  1.00 8.57  ? 69  LYS A N   1 
ATOM   491  C  CA  . LYS A 1 92  ? -2.047  -7.268  -3.026  1.00 8.89  ? 69  LYS A CA  1 
ATOM   492  C  C   . LYS A 1 92  ? -1.932  -5.818  -3.399  1.00 8.24  ? 69  LYS A C   1 
ATOM   493  O  O   . LYS A 1 92  ? -2.929  -5.159  -3.695  1.00 8.96  ? 69  LYS A O   1 
ATOM   494  C  CB  . LYS A 1 92  ? -2.719  -8.086  -4.124  1.00 10.78 ? 69  LYS A CB  1 
ATOM   495  C  CG  . LYS A 1 92  ? -2.016  -7.986  -5.477  1.00 12.45 ? 69  LYS A CG  1 
ATOM   496  C  CD  . LYS A 1 92  ? -2.627  -8.927  -6.508  1.00 16.07 ? 69  LYS A CD  1 
ATOM   497  C  CE  . LYS A 1 92  ? -4.058  -8.611  -6.823  1.00 18.37 ? 69  LYS A CE  1 
ATOM   498  N  NZ  . LYS A 1 92  ? -4.584  -9.608  -7.807  1.00 22.49 ? 69  LYS A NZ  1 
ATOM   499  N  N   . PHE A 1 93  ? -0.724  -5.283  -3.360  1.00 7.67  ? 70  PHE A N   1 
ATOM   500  C  CA  . PHE A 1 93  ? -0.422  -3.909  -3.705  1.00 7.58  ? 70  PHE A CA  1 
ATOM   501  C  C   . PHE A 1 93  ? -0.131  -3.807  -5.177  1.00 7.59  ? 70  PHE A C   1 
ATOM   502  O  O   . PHE A 1 93  ? 0.664   -4.613  -5.685  1.00 9.30  ? 70  PHE A O   1 
ATOM   503  C  CB  . PHE A 1 93  ? 0.846   -3.440  -2.963  1.00 8.09  ? 70  PHE A CB  1 
ATOM   504  C  CG  . PHE A 1 93  ? 0.738   -3.478  -1.469  1.00 8.50  ? 70  PHE A CG  1 
ATOM   505  C  CD1 . PHE A 1 93  ? 1.070   -4.621  -0.758  1.00 9.37  ? 70  PHE A CD1 1 
ATOM   506  C  CD2 . PHE A 1 93  ? 0.291   -2.375  -0.759  1.00 8.65  ? 70  PHE A CD2 1 
ATOM   507  C  CE1 . PHE A 1 93  ? 0.978   -4.635  0.610   1.00 10.37 ? 70  PHE A CE1 1 
ATOM   508  C  CE2 . PHE A 1 93  ? 0.179   -2.423  0.614   1.00 9.22  ? 70  PHE A CE2 1 
ATOM   509  C  CZ  . PHE A 1 93  ? 0.519   -3.560  1.289   1.00 9.86  ? 70  PHE A CZ  1 
ATOM   510  N  N   . ARG A 1 94  ? -0.722  -2.861  -5.877  1.00 6.87  ? 71  ARG A N   1 
ATOM   511  C  CA  . ARG A 1 94  ? -0.361  -2.535  -7.262  1.00 6.84  ? 71  ARG A CA  1 
ATOM   512  C  C   . ARG A 1 94  ? 0.435   -1.254  -7.188  1.00 6.41  ? 71  ARG A C   1 
ATOM   513  O  O   . ARG A 1 94  ? -0.056  -0.236  -6.664  1.00 6.96  ? 71  ARG A O   1 
ATOM   514  C  CB  . ARG A 1 94  ? -1.581  -2.383  -8.152  1.00 7.40  ? 71  ARG A CB  1 
ATOM   515  C  CG  . ARG A 1 94  ? -1.219  -2.200  -9.632  1.00 8.01  ? 71  ARG A CG  1 
ATOM   516  C  CD  . ARG A 1 94  ? -2.446  -2.347  -10.513 1.00 8.80  ? 71  ARG A CD  1 
ATOM   517  N  NE  . ARG A 1 94  ? -2.131  -2.388  -11.958 1.00 9.49  ? 71  ARG A NE  1 
ATOM   518  C  CZ  . ARG A 1 94  ? -2.190  -1.355  -12.762 1.00 9.31  ? 71  ARG A CZ  1 
ATOM   519  N  NH1 . ARG A 1 94  ? -2.467  -0.158  -12.312 1.00 10.20 ? 71  ARG A NH1 1 
ATOM   520  N  NH2 . ARG A 1 94  ? -1.930  -1.494  -14.065 1.00 9.91  ? 71  ARG A NH2 1 
ATOM   521  N  N   . TYR A 1 95  ? 1.669   -1.283  -7.690  1.00 6.32  ? 72  TYR A N   1 
ATOM   522  C  CA  . TYR A 1 95  ? 2.638   -0.206  -7.464  1.00 6.40  ? 72  TYR A CA  1 
ATOM   523  C  C   . TYR A 1 95  ? 3.623   -0.097  -8.588  1.00 6.46  ? 72  TYR A C   1 
ATOM   524  O  O   . TYR A 1 95  ? 3.784   -1.048  -9.363  1.00 6.90  ? 72  TYR A O   1 
ATOM   525  C  CB  . TYR A 1 95  ? 3.396   -0.443  -6.129  1.00 6.81  ? 72  TYR A CB  1 
ATOM   526  C  CG  . TYR A 1 95  ? 4.428   -1.545  -6.204  1.00 7.34  ? 72  TYR A CG  1 
ATOM   527  C  CD1 . TYR A 1 95  ? 4.084   -2.887  -6.060  1.00 8.01  ? 72  TYR A CD1 1 
ATOM   528  C  CD2 . TYR A 1 95  ? 5.761   -1.253  -6.445  1.00 7.48  ? 72  TYR A CD2 1 
ATOM   529  C  CE1 . TYR A 1 95  ? 5.036   -3.880  -6.161  1.00 8.72  ? 72  TYR A CE1 1 
ATOM   530  C  CE2 . TYR A 1 95  ? 6.710   -2.244  -6.535  1.00 8.26  ? 72  TYR A CE2 1 
ATOM   531  C  CZ  . TYR A 1 95  ? 6.340   -3.548  -6.416  1.00 8.46  ? 72  TYR A CZ  1 
ATOM   532  O  OH  . TYR A 1 95  ? 7.293   -4.569  -6.494  1.00 10.43 ? 72  TYR A OH  1 
ATOM   533  N  N   . ALA A 1 96  ? 4.327   1.024   -8.659  1.00 6.49  ? 73  ALA A N   1 
ATOM   534  C  CA  . ALA A 1 96  ? 5.387   1.206   -9.645  1.00 6.97  ? 73  ALA A CA  1 
ATOM   535  C  C   . ALA A 1 96  ? 6.615   1.675   -8.933  1.00 7.41  ? 73  ALA A C   1 
ATOM   536  O  O   . ALA A 1 96  ? 6.549   2.447   -7.970  1.00 7.45  ? 73  ALA A O   1 
ATOM   537  C  CB  . ALA A 1 96  ? 4.949   2.191   -10.714 1.00 7.16  ? 73  ALA A CB  1 
ATOM   538  N  N   . LEU A 1 97  ? 7.764   1.223   -9.391  1.00 7.48  ? 74  LEU A N   1 
ATOM   539  C  CA  . LEU A 1 97  ? 9.049   1.591   -8.779  1.00 7.75  ? 74  LEU A CA  1 
ATOM   540  C  C   . LEU A 1 97  ? 10.132  1.471   -9.839  1.00 8.07  ? 74  LEU A C   1 
ATOM   541  O  O   . LEU A 1 97  ? 10.481  0.349   -10.213 1.00 8.87  ? 74  LEU A O   1 
ATOM   542  C  CB  . LEU A 1 97  ? 9.321   0.699   -7.558  1.00 8.35  ? 74  LEU A CB  1 
ATOM   543  C  CG  . LEU A 1 97  ? 10.647  0.895   -6.838  1.00 9.06  ? 74  LEU A CG  1 
ATOM   544  C  CD1 . LEU A 1 97  ? 10.921  2.349   -6.517  1.00 9.26  ? 74  LEU A CD1 1 
ATOM   545  C  CD2 . LEU A 1 97  ? 10.655  0.056   -5.569  1.00 9.34  ? 74  LEU A CD2 1 
ATOM   546  N  N   . GLU A 1 98  ? 10.694  2.587   -10.292 1.00 8.98  ? 75  GLU A N   1 
ATOM   547  C  CA  . GLU A 1 98  ? 11.615  2.489   -11.430 1.00 10.69 ? 75  GLU A CA  1 
ATOM   548  C  C   . GLU A 1 98  ? 12.837  1.637   -11.159 1.00 11.41 ? 75  GLU A C   1 
ATOM   549  O  O   . GLU A 1 98  ? 13.153  0.753   -11.951 1.00 12.24 ? 75  GLU A O   1 
ATOM   550  C  CB  . GLU A 1 98  ? 12.021  3.877   -11.847 1.00 12.21 ? 75  GLU A CB  1 
ATOM   551  C  CG  . GLU A 1 98  ? 13.048  3.986   -12.987 1.00 14.94 ? 75  GLU A CG  1 
ATOM   552  C  CD  . GLU A 1 98  ? 13.387  5.452   -13.271 1.00 18.28 ? 75  GLU A CD  1 
ATOM   553  O  OE1 . GLU A 1 98  ? 14.140  6.093   -12.501 1.00 23.90 ? 75  GLU A OE1 1 
ATOM   554  O  OE2 . GLU A 1 98  ? 12.860  6.002   -14.251 1.00 23.17 ? 75  GLU A OE2 1 
ATOM   555  N  N   A SER A 1 99  ? 13.506  1.869   -10.041 0.50 11.25 ? 76  SER A N   1 
ATOM   556  N  N   B SER A 1 99  ? 13.481  1.860   -10.016 0.50 11.51 ? 76  SER A N   1 
ATOM   557  C  CA  A SER A 1 99  ? 14.699  1.098   -9.705  0.50 11.66 ? 76  SER A CA  1 
ATOM   558  C  CA  B SER A 1 99  ? 14.796  1.278   -9.723  0.50 12.23 ? 76  SER A CA  1 
ATOM   559  C  C   A SER A 1 99  ? 14.853  0.989   -8.209  0.50 11.67 ? 76  SER A C   1 
ATOM   560  C  C   B SER A 1 99  ? 14.991  1.101   -8.223  0.50 12.10 ? 76  SER A C   1 
ATOM   561  O  O   A SER A 1 99  ? 14.319  1.790   -7.438  0.50 12.75 ? 76  SER A O   1 
ATOM   562  O  O   B SER A 1 99  ? 14.652  2.016   -7.460  0.50 12.91 ? 76  SER A O   1 
ATOM   563  C  CB  A SER A 1 99  ? 15.965  1.721   -10.297 0.50 12.16 ? 76  SER A CB  1 
ATOM   564  C  CB  B SER A 1 99  ? 15.898  2.204   -10.262 0.50 13.27 ? 76  SER A CB  1 
ATOM   565  O  OG  A SER A 1 99  ? 16.231  2.966   -9.683  0.50 13.37 ? 76  SER A OG  1 
ATOM   566  O  OG  B SER A 1 99  ? 17.185  1.681   -9.997  0.50 15.64 ? 76  SER A OG  1 
ATOM   567  N  N   . GLY A 1 100 ? 15.588  -0.023  -7.809  1.00 11.83 ? 77  GLY A N   1 
ATOM   568  C  CA  . GLY A 1 100 ? 15.896  -0.233  -6.395  1.00 11.72 ? 77  GLY A CA  1 
ATOM   569  C  C   . GLY A 1 100 ? 14.770  -0.869  -5.627  1.00 11.69 ? 77  GLY A C   1 
ATOM   570  O  O   . GLY A 1 100 ? 13.667  -1.058  -6.169  1.00 14.03 ? 77  GLY A O   1 
ATOM   571  N  N   . THR A 1 101 ? 15.034  -1.159  -4.368  1.00 10.92 ? 78  THR A N   1 
ATOM   572  C  CA  . THR A 1 101 ? 14.073  -1.717  -3.438  1.00 10.46 ? 78  THR A CA  1 
ATOM   573  C  C   . THR A 1 101 ? 13.772  -0.671  -2.407  1.00 9.54  ? 78  THR A C   1 
ATOM   574  O  O   . THR A 1 101 ? 14.674  -0.026  -1.896  1.00 10.34 ? 78  THR A O   1 
ATOM   575  C  CB  . THR A 1 101 ? 14.609  -2.979  -2.771  1.00 10.82 ? 78  THR A CB  1 
ATOM   576  O  OG1 . THR A 1 101 ? 14.776  -3.966  -3.803  1.00 12.98 ? 78  THR A OG1 1 
ATOM   577  C  CG2 . THR A 1 101 ? 13.673  -3.517  -1.710  1.00 11.39 ? 78  THR A CG2 1 
ATOM   578  N  N   . ARG A 1 102 ? 12.493  -0.497  -2.070  1.00 8.47  ? 79  ARG A N   1 
ATOM   579  C  CA  . ARG A 1 102 ? 12.067  0.444   -1.042  1.00 8.23  ? 79  ARG A CA  1 
ATOM   580  C  C   . ARG A 1 102 ? 11.257  -0.299  -0.025  1.00 8.36  ? 79  ARG A C   1 
ATOM   581  O  O   . ARG A 1 102 ? 10.420  -1.142  -0.394  1.00 9.03  ? 79  ARG A O   1 
ATOM   582  C  CB  . ARG A 1 102 ? 11.308  1.614   -1.641  1.00 8.51  ? 79  ARG A CB  1 
ATOM   583  C  CG  . ARG A 1 102 ? 12.135  2.400   -2.650  1.00 8.36  ? 79  ARG A CG  1 
ATOM   584  C  CD  . ARG A 1 102 ? 11.450  3.639   -3.175  1.00 8.34  ? 79  ARG A CD  1 
ATOM   585  N  NE  . ARG A 1 102 ? 12.324  4.375   -4.072  1.00 8.68  ? 79  ARG A NE  1 
ATOM   586  C  CZ  . ARG A 1 102 ? 12.027  5.550   -4.606  1.00 9.39  ? 79  ARG A CZ  1 
ATOM   587  N  NH1 . ARG A 1 102 ? 10.892  6.138   -4.351  1.00 9.07  ? 79  ARG A NH1 1 
ATOM   588  N  NH2 . ARG A 1 102 ? 12.889  6.176   -5.397  1.00 10.92 ? 79  ARG A NH2 1 
ATOM   589  N  N   A ASN A 1 103 ? 11.489  -0.013  1.246   0.50 8.22  ? 80  ASN A N   1 
ATOM   590  N  N   B ASN A 1 103 ? 11.464  0.010   1.248   0.50 9.16  ? 80  ASN A N   1 
ATOM   591  C  CA  A ASN A 1 103 ? 10.882  -0.772  2.342   0.50 8.18  ? 80  ASN A CA  1 
ATOM   592  C  CA  B ASN A 1 103 ? 10.951  -0.808  2.361   0.50 9.79  ? 80  ASN A CA  1 
ATOM   593  C  C   A ASN A 1 103 ? 9.802   0.015   3.025   0.50 8.35  ? 80  ASN A C   1 
ATOM   594  C  C   B ASN A 1 103 ? 9.939   -0.075  3.224   0.50 9.21  ? 80  ASN A C   1 
ATOM   595  O  O   A ASN A 1 103 ? 9.904   1.231   3.165   0.50 8.55  ? 80  ASN A O   1 
ATOM   596  O  O   B ASN A 1 103 ? 10.269  1.019   3.727   0.50 9.16  ? 80  ASN A O   1 
ATOM   597  C  CB  A ASN A 1 103 ? 11.954  -1.190  3.345   0.50 8.27  ? 80  ASN A CB  1 
ATOM   598  C  CB  B ASN A 1 103 ? 12.131  -1.276  3.225   0.50 11.14 ? 80  ASN A CB  1 
ATOM   599  C  CG  A ASN A 1 103 ? 13.195  -1.721  2.668   0.50 8.16  ? 80  ASN A CG  1 
ATOM   600  C  CG  B ASN A 1 103 ? 13.043  -2.237  2.491   0.50 12.29 ? 80  ASN A CG  1 
ATOM   601  O  OD1 A ASN A 1 103 ? 14.287  -1.177  2.867   0.50 10.36 ? 80  ASN A OD1 1 
ATOM   602  O  OD1 B ASN A 1 103 ? 13.007  -3.440  2.722   0.50 16.06 ? 80  ASN A OD1 1 
ATOM   603  N  ND2 A ASN A 1 103 ? 13.058  -2.750  1.842   0.50 7.34  ? 80  ASN A ND2 1 
ATOM   604  N  ND2 B ASN A 1 103 ? 13.881  -1.703  1.615   0.50 14.69 ? 80  ASN A ND2 1 
ATOM   605  N  N   . LEU A 1 104 ? 8.745   -0.671  3.428   1.00 8.42  ? 81  LEU A N   1 
ATOM   606  C  CA  . LEU A 1 104 ? 7.651   -0.019  4.163   1.00 8.24  ? 81  LEU A CA  1 
ATOM   607  C  C   . LEU A 1 104 ? 7.318   -0.766  5.429   1.00 8.05  ? 81  LEU A C   1 
ATOM   608  O  O   . LEU A 1 104 ? 7.245   -2.012  5.411   1.00 8.89  ? 81  LEU A O   1 
ATOM   609  C  CB  . LEU A 1 104 ? 6.363   0.100   3.331   1.00 8.52  ? 81  LEU A CB  1 
ATOM   610  C  CG  . LEU A 1 104 ? 6.442   0.778   1.974   1.00 8.69  ? 81  LEU A CG  1 
ATOM   611  C  CD1 . LEU A 1 104 ? 5.104   0.768   1.270   1.00 9.34  ? 81  LEU A CD1 1 
ATOM   612  C  CD2 . LEU A 1 104 ? 6.893   2.224   2.112   1.00 9.30  ? 81  LEU A CD2 1 
ATOM   613  N  N   . ASP A 1 105 ? 7.047   -0.060  6.512   1.00 7.64  ? 82  ASP A N   1 
ATOM   614  C  CA  . ASP A 1 105 ? 6.413   -0.672  7.685   1.00 8.12  ? 82  ASP A CA  1 
ATOM   615  C  C   . ASP A 1 105 ? 4.930   -0.784  7.391   1.00 8.25  ? 82  ASP A C   1 
ATOM   616  O  O   . ASP A 1 105 ? 4.337   0.097   6.780   1.00 8.52  ? 82  ASP A O   1 
ATOM   617  C  CB  . ASP A 1 105 ? 6.628   0.196   8.932   1.00 8.93  ? 82  ASP A CB  1 
ATOM   618  C  CG  . ASP A 1 105 ? 7.982   0.046   9.580   1.00 9.63  ? 82  ASP A CG  1 
ATOM   619  O  OD1 . ASP A 1 105 ? 8.751   -0.866  9.271   1.00 10.43 ? 82  ASP A OD1 1 
ATOM   620  O  OD2 . ASP A 1 105 ? 8.227   0.890   10.488  1.00 11.67 ? 82  ASP A OD2 1 
ATOM   621  N  N   . ILE A 1 106 ? 4.315   -1.856  7.861   1.00 8.11  ? 83  ILE A N   1 
ATOM   622  C  CA  . ILE A 1 106 ? 2.892   -2.123  7.631   1.00 8.81  ? 83  ILE A CA  1 
ATOM   623  C  C   . ILE A 1 106 ? 2.206   -2.343  8.963   1.00 8.23  ? 83  ILE A C   1 
ATOM   624  O  O   . ILE A 1 106 ? 2.640   -3.183  9.767   1.00 8.72  ? 83  ILE A O   1 
ATOM   625  C  CB  . ILE A 1 106 ? 2.695   -3.313  6.666   1.00 10.63 ? 83  ILE A CB  1 
ATOM   626  C  CG1 . ILE A 1 106 ? 3.546   -3.032  5.396   1.00 14.03 ? 83  ILE A CG1 1 
ATOM   627  C  CG2 . ILE A 1 106 ? 1.216   -3.560  6.407   1.00 10.98 ? 83  ILE A CG2 1 
ATOM   628  C  CD1 . ILE A 1 106 ? 3.204   -3.749  4.132   1.00 16.49 ? 83  ILE A CD1 1 
ATOM   629  N  N   . TYR A 1 107 ? 1.158   -1.567  9.205   1.00 8.46  ? 84  TYR A N   1 
ATOM   630  C  CA  . TYR A 1 107 ? 0.351   -1.581  10.420  1.00 8.61  ? 84  TYR A CA  1 
ATOM   631  C  C   . TYR A 1 107 ? -1.033  -2.048  10.060  1.00 9.11  ? 84  TYR A C   1 
ATOM   632  O  O   . TYR A 1 107 ? -1.557  -1.696  9.015   1.00 10.07 ? 84  TYR A O   1 
ATOM   633  C  CB  . TYR A 1 107 ? 0.246   -0.170  11.013  1.00 9.24  ? 84  TYR A CB  1 
ATOM   634  C  CG  . TYR A 1 107 ? 1.531   0.469   11.500  1.00 10.56 ? 84  TYR A CG  1 
ATOM   635  C  CD1 . TYR A 1 107 ? 2.489   0.951   10.602  1.00 11.06 ? 84  TYR A CD1 1 
ATOM   636  C  CD2 . TYR A 1 107 ? 1.775   0.626   12.855  1.00 11.44 ? 84  TYR A CD2 1 
ATOM   637  C  CE1 . TYR A 1 107 ? 3.662   1.550   11.049  1.00 12.23 ? 84  TYR A CE1 1 
ATOM   638  C  CE2 . TYR A 1 107 ? 2.947   1.219   13.297  1.00 12.54 ? 84  TYR A CE2 1 
ATOM   639  C  CZ  . TYR A 1 107 ? 3.868   1.662   12.372  1.00 12.62 ? 84  TYR A CZ  1 
ATOM   640  O  OH  . TYR A 1 107 ? 5.043   2.283   12.799  1.00 15.50 ? 84  TYR A OH  1 
ATOM   641  N  N   . VAL A 1 108 ? -1.593  -2.894  10.917  1.00 8.91  ? 85  VAL A N   1 
ATOM   642  C  CA  . VAL A 1 108 ? -2.974  -3.314  10.801  1.00 9.55  ? 85  VAL A CA  1 
ATOM   643  C  C   . VAL A 1 108 ? -3.676  -2.983  12.114  1.00 9.55  ? 85  VAL A C   1 
ATOM   644  O  O   . VAL A 1 108 ? -3.201  -3.342  13.206  1.00 10.60 ? 85  VAL A O   1 
ATOM   645  C  CB  . VAL A 1 108 ? -3.112  -4.809  10.470  1.00 9.83  ? 85  VAL A CB  1 
ATOM   646  C  CG1 . VAL A 1 108 ? -4.557  -5.284  10.620  1.00 10.30 ? 85  VAL A CG1 1 
ATOM   647  C  CG2 . VAL A 1 108 ? -2.562  -5.092  9.075   1.00 10.39 ? 85  VAL A CG2 1 
ATOM   648  N  N   . ASN A 1 109 ? -4.763  -2.218  12.024  1.00 9.96  ? 86  ASN A N   1 
ATOM   649  C  CA  . ASN A 1 109 ? -5.518  -1.794  13.218  1.00 11.01 ? 86  ASN A CA  1 
ATOM   650  C  C   . ASN A 1 109 ? -4.622  -1.143  14.260  1.00 12.04 ? 86  ASN A C   1 
ATOM   651  O  O   . ASN A 1 109 ? -4.776  -1.361  15.487  1.00 13.72 ? 86  ASN A O   1 
ATOM   652  C  CB  . ASN A 1 109 ? -6.335  -2.966  13.807  1.00 11.57 ? 86  ASN A CB  1 
ATOM   653  C  CG  . ASN A 1 109 ? -7.354  -3.507  12.825  1.00 11.91 ? 86  ASN A CG  1 
ATOM   654  O  OD1 . ASN A 1 109 ? -7.518  -4.742  12.606  1.00 14.31 ? 86  ASN A OD1 1 
ATOM   655  N  ND2 . ASN A 1 109 ? -8.015  -2.615  12.196  1.00 11.19 ? 86  ASN A ND2 1 
ATOM   656  N  N   . GLY A 1 110 ? -3.669  -0.335  13.798  1.00 12.53 ? 87  GLY A N   1 
ATOM   657  C  CA  . GLY A 1 110 ? -2.816  0.444   14.676  1.00 13.54 ? 87  GLY A CA  1 
ATOM   658  C  C   . GLY A 1 110 ? -1.589  -0.238  15.206  1.00 14.38 ? 87  GLY A C   1 
ATOM   659  O  O   . GLY A 1 110 ? -0.808  0.401   15.927  1.00 17.31 ? 87  GLY A O   1 
ATOM   660  N  N   . THR A 1 111 ? -1.379  -1.507  14.889  1.00 12.69 ? 88  THR A N   1 
ATOM   661  C  CA  . THR A 1 111 ? -0.241  -2.267  15.405  1.00 13.41 ? 88  THR A CA  1 
ATOM   662  C  C   . THR A 1 111 ? 0.685   -2.596  14.243  1.00 11.70 ? 88  THR A C   1 
ATOM   663  O  O   . THR A 1 111 ? 0.216   -3.079  13.202  1.00 10.52 ? 88  THR A O   1 
ATOM   664  C  CB  . THR A 1 111 ? -0.704  -3.586  16.057  1.00 15.20 ? 88  THR A CB  1 
ATOM   665  O  OG1 . THR A 1 111 ? -1.558  -3.296  17.177  1.00 18.48 ? 88  THR A OG1 1 
ATOM   666  C  CG2 . THR A 1 111 ? 0.492   -4.414  16.538  1.00 15.94 ? 88  THR A CG2 1 
ATOM   667  N  N   . LYS A 1 112 ? 1.993   -2.395  14.413  1.00 11.24 ? 89  LYS A N   1 
ATOM   668  C  CA  . LYS A 1 112 ? 2.937   -2.771  13.373  1.00 11.08 ? 89  LYS A CA  1 
ATOM   669  C  C   . LYS A 1 112 ? 3.017   -4.271  13.260  1.00 11.27 ? 89  LYS A C   1 
ATOM   670  O  O   . LYS A 1 112 ? 3.246   -4.955  14.267  1.00 12.17 ? 89  LYS A O   1 
ATOM   671  C  CB  . LYS A 1 112 ? 4.330   -2.195  13.661  1.00 12.18 ? 89  LYS A CB  1 
ATOM   672  C  CG  . LYS A 1 112 ? 5.234   -2.292  12.442  1.00 12.72 ? 89  LYS A CG  1 
ATOM   673  C  CD  . LYS A 1 112 ? 6.703   -1.938  12.679  1.00 14.65 ? 89  LYS A CD  1 
ATOM   674  C  CE  . LYS A 1 112 ? 6.882   -0.565  13.264  1.00 16.22 ? 89  LYS A CE  1 
ATOM   675  N  NZ  . LYS A 1 112 ? 8.329   -0.302  13.430  1.00 18.55 ? 89  LYS A NZ  1 
ATOM   676  N  N   . VAL A 1 113 ? 2.795   -4.804  12.066  1.00 9.52  ? 90  VAL A N   1 
ATOM   677  C  CA  . VAL A 1 113 ? 2.825   -6.245  11.843  1.00 10.17 ? 90  VAL A CA  1 
ATOM   678  C  C   . VAL A 1 113 ? 3.851   -6.708  10.826  1.00 9.65  ? 90  VAL A C   1 
ATOM   679  O  O   . VAL A 1 113 ? 4.168   -7.896  10.763  1.00 10.90 ? 90  VAL A O   1 
ATOM   680  C  CB  . VAL A 1 113 ? 1.426   -6.805  11.506  1.00 11.60 ? 90  VAL A CB  1 
ATOM   681  C  CG1 . VAL A 1 113 ? 0.459   -6.548  12.644  1.00 13.39 ? 90  VAL A CG1 1 
ATOM   682  C  CG2 . VAL A 1 113 ? 0.875   -6.212  10.237  1.00 11.75 ? 90  VAL A CG2 1 
ATOM   683  N  N   A LEU A 1 114 ? 4.398   -5.786  10.029  0.50 8.26  ? 91  LEU A N   1 
ATOM   684  N  N   B LEU A 1 114 ? 4.365   -5.795  10.000  0.50 10.05 ? 91  LEU A N   1 
ATOM   685  C  CA  A LEU A 1 114 ? 5.555   -6.073  9.178   0.50 7.71  ? 91  LEU A CA  1 
ATOM   686  C  CA  B LEU A 1 114 ? 5.567   -6.054  9.214   0.50 10.64 ? 91  LEU A CA  1 
ATOM   687  C  C   A LEU A 1 114 ? 6.520   -4.932  9.240   0.50 7.66  ? 91  LEU A C   1 
ATOM   688  C  C   B LEU A 1 114 ? 6.525   -4.899  9.395   0.50 10.63 ? 91  LEU A C   1 
ATOM   689  O  O   A LEU A 1 114 ? 6.133   -3.774  9.062   0.50 7.25  ? 91  LEU A O   1 
ATOM   690  O  O   B LEU A 1 114 ? 6.109   -3.724  9.494   0.50 9.98  ? 91  LEU A O   1 
ATOM   691  C  CB  A LEU A 1 114 ? 5.157   -6.268  7.721   0.50 7.44  ? 91  LEU A CB  1 
ATOM   692  C  CB  B LEU A 1 114 ? 5.269   -6.280  7.721   0.50 11.52 ? 91  LEU A CB  1 
ATOM   693  C  CG  A LEU A 1 114 ? 4.077   -7.301  7.452   0.50 7.19  ? 91  LEU A CG  1 
ATOM   694  C  CG  B LEU A 1 114 ? 4.585   -7.599  7.339   0.50 12.69 ? 91  LEU A CG  1 
ATOM   695  C  CD1 A LEU A 1 114 ? 3.606   -7.180  6.037   0.50 7.18  ? 91  LEU A CD1 1 
ATOM   696  C  CD1 B LEU A 1 114 ? 3.090   -7.463  7.460   0.50 13.19 ? 91  LEU A CD1 1 
ATOM   697  C  CD2 A LEU A 1 114 ? 4.672   -8.685  7.665   0.50 7.36  ? 91  LEU A CD2 1 
ATOM   698  C  CD2 B LEU A 1 114 ? 4.925   -8.067  5.934   0.50 13.32 ? 91  LEU A CD2 1 
ATOM   699  N  N   A SER A 1 115 ? 7.786   -5.239  9.457   0.50 7.65  ? 92  SER A N   1 
ATOM   700  N  N   B SER A 1 115 ? 7.808   -5.240  9.432   0.50 10.70 ? 92  SER A N   1 
ATOM   701  C  CA  A SER A 1 115 ? 8.805   -4.212  9.562   0.50 8.09  ? 92  SER A CA  1 
ATOM   702  C  CA  B SER A 1 115 ? 8.893   -4.272  9.540   0.50 11.29 ? 92  SER A CA  1 
ATOM   703  C  C   A SER A 1 115 ? 9.661   -4.213  8.312   0.50 8.46  ? 92  SER A C   1 
ATOM   704  C  C   B SER A 1 115 ? 9.685   -4.227  8.250   0.50 10.93 ? 92  SER A C   1 
ATOM   705  O  O   A SER A 1 115 ? 10.189  -5.247  7.909   0.50 8.86  ? 92  SER A O   1 
ATOM   706  O  O   B SER A 1 115 ? 10.184  -5.248  7.775   0.50 11.47 ? 92  SER A O   1 
ATOM   707  C  CB  A SER A 1 115 ? 9.648   -4.497  10.797  0.50 8.34  ? 92  SER A CB  1 
ATOM   708  C  CB  B SER A 1 115 ? 9.836   -4.677  10.673  0.50 12.28 ? 92  SER A CB  1 
ATOM   709  O  OG  A SER A 1 115 ? 10.863  -3.788  10.797  0.50 9.01  ? 92  SER A OG  1 
ATOM   710  O  OG  B SER A 1 115 ? 9.291   -4.326  11.931  0.50 15.00 ? 92  SER A OG  1 
ATOM   711  N  N   A ASN A 1 116 ? 9.797   -3.044  7.683   0.50 9.13  ? 93  ASN A N   1 
ATOM   712  N  N   B ASN A 1 116 ? 9.825   -3.029  7.686   0.50 10.58 ? 93  ASN A N   1 
ATOM   713  C  CA  A ASN A 1 116 ? 10.673  -2.884  6.524   0.50 10.27 ? 93  ASN A CA  1 
ATOM   714  C  CA  B ASN A 1 116 ? 10.667  -2.828  6.518   0.50 10.95 ? 93  ASN A CA  1 
ATOM   715  C  C   A ASN A 1 116 ? 10.402  -3.909  5.430   0.50 10.20 ? 93  ASN A C   1 
ATOM   716  C  C   B ASN A 1 116 ? 10.403  -3.884  5.435   0.50 10.59 ? 93  ASN A C   1 
ATOM   717  O  O   A ASN A 1 116 ? 11.302  -4.520  4.880   0.50 11.16 ? 93  ASN A O   1 
ATOM   718  O  O   B ASN A 1 116 ? 11.313  -4.501  4.910   0.50 11.57 ? 93  ASN A O   1 
ATOM   719  C  CB  A ASN A 1 116 ? 12.147  -2.903  6.944   0.50 11.76 ? 93  ASN A CB  1 
ATOM   720  C  CB  B ASN A 1 116 ? 12.155  -2.794  6.911   0.50 11.80 ? 93  ASN A CB  1 
ATOM   721  C  CG  A ASN A 1 116 ? 12.654  -1.535  7.362   0.50 13.29 ? 93  ASN A CG  1 
ATOM   722  C  CG  B ASN A 1 116 ? 12.470  -1.771  8.008   0.50 12.58 ? 93  ASN A CG  1 
ATOM   723  O  OD1 A ASN A 1 116 ? 11.928  -0.568  7.329   0.50 15.14 ? 93  ASN A OD1 1 
ATOM   724  O  OD1 B ASN A 1 116 ? 13.289  -2.038  8.895   0.50 14.94 ? 93  ASN A OD1 1 
ATOM   725  N  ND2 A ASN A 1 116 ? 13.912  -1.467  7.753   0.50 15.19 ? 93  ASN A ND2 1 
ATOM   726  N  ND2 B ASN A 1 116 ? 11.849  -0.614  7.946   0.50 12.70 ? 93  ASN A ND2 1 
ATOM   727  N  N   . GLU A 1 117 ? 9.135   -4.059  5.094   1.00 9.75  ? 94  GLU A N   1 
ATOM   728  C  CA  . GLU A 1 117 ? 8.737   -5.000  4.055   1.00 9.22  ? 94  GLU A CA  1 
ATOM   729  C  C   . GLU A 1 117 ? 9.215   -4.478  2.697   1.00 8.78  ? 94  GLU A C   1 
ATOM   730  O  O   . GLU A 1 117 ? 8.877   -3.354  2.328   1.00 8.69  ? 94  GLU A O   1 
ATOM   731  C  CB  . GLU A 1 117 ? 7.226   -5.129  4.087   1.00 10.55 ? 94  GLU A CB  1 
ATOM   732  C  CG  . GLU A 1 117 ? 6.679   -6.135  3.086   1.00 11.87 ? 94  GLU A CG  1 
ATOM   733  C  CD  . GLU A 1 117 ? 7.045   -7.576  3.393   1.00 13.77 ? 94  GLU A CD  1 
ATOM   734  O  OE1 . GLU A 1 117 ? 7.414   -7.892  4.561   1.00 15.87 ? 94  GLU A OE1 1 
ATOM   735  O  OE2 . GLU A 1 117 ? 6.967   -8.410  2.466   1.00 16.22 ? 94  GLU A OE2 1 
ATOM   736  N  N   A PRO A 1 118 ? 9.907   -5.318  1.915   0.50 8.37  ? 95  PRO A N   1 
ATOM   737  N  N   B PRO A 1 118 ? 10.045  -5.256  1.974   0.50 8.96  ? 95  PRO A N   1 
ATOM   738  C  CA  A PRO A 1 118 ? 10.493  -4.861  0.668   0.50 8.25  ? 95  PRO A CA  1 
ATOM   739  C  CA  B PRO A 1 118 ? 10.567  -4.723  0.707   0.50 8.81  ? 95  PRO A CA  1 
ATOM   740  C  C   A PRO A 1 118 ? 9.489   -4.763  -0.449  0.50 8.39  ? 95  PRO A C   1 
ATOM   741  C  C   B PRO A 1 118 ? 9.635   -4.797  -0.493  0.50 8.81  ? 95  PRO A C   1 
ATOM   742  O  O   A PRO A 1 118 ? 8.650   -5.658  -0.604  0.50 9.10  ? 95  PRO A O   1 
ATOM   743  O  O   B PRO A 1 118 ? 9.040   -5.835  -0.785  0.50 9.44  ? 95  PRO A O   1 
ATOM   744  C  CB  A PRO A 1 118 ? 11.488  -5.971  0.326   0.50 8.24  ? 95  PRO A CB  1 
ATOM   745  C  CB  B PRO A 1 118 ? 11.798  -5.588  0.438   0.50 9.01  ? 95  PRO A CB  1 
ATOM   746  C  CG  A PRO A 1 118 ? 10.970  -7.195  1.017   0.50 8.27  ? 95  PRO A CG  1 
ATOM   747  C  CG  B PRO A 1 118 ? 11.539  -6.865  1.190   0.50 9.43  ? 95  PRO A CG  1 
ATOM   748  C  CD  A PRO A 1 118 ? 10.267  -6.718  2.231   0.50 8.26  ? 95  PRO A CD  1 
ATOM   749  C  CD  B PRO A 1 118 ? 10.748  -6.493  2.400   0.50 9.10  ? 95  PRO A CD  1 
ATOM   750  N  N   . PHE A 1 119 ? 9.612   -3.699  -1.241  1.00 8.11  ? 96  PHE A N   1 
ATOM   751  C  CA  . PHE A 1 119 ? 8.944   -3.575  -2.538  1.00 8.16  ? 96  PHE A CA  1 
ATOM   752  C  C   . PHE A 1 119 ? 10.075  -3.462  -3.551  1.00 8.55  ? 96  PHE A C   1 
ATOM   753  O  O   . PHE A 1 119 ? 10.830  -2.499  -3.557  1.00 9.06  ? 96  PHE A O   1 
ATOM   754  C  CB  . PHE A 1 119 ? 8.063   -2.323  -2.569  1.00 8.00  ? 96  PHE A CB  1 
ATOM   755  C  CG  . PHE A 1 119 ? 6.798   -2.473  -1.785  1.00 8.32  ? 96  PHE A CG  1 
ATOM   756  C  CD1 . PHE A 1 119 ? 6.814   -2.543  -0.389  1.00 9.00  ? 96  PHE A CD1 1 
ATOM   757  C  CD2 . PHE A 1 119 ? 5.560   -2.589  -2.438  1.00 8.78  ? 96  PHE A CD2 1 
ATOM   758  C  CE1 . PHE A 1 119 ? 5.638   -2.722  0.326   1.00 9.31  ? 96  PHE A CE1 1 
ATOM   759  C  CE2 . PHE A 1 119 ? 4.414   -2.748  -1.710  1.00 9.37  ? 96  PHE A CE2 1 
ATOM   760  C  CZ  . PHE A 1 119 ? 4.447   -2.814  -0.356  1.00 9.80  ? 96  PHE A CZ  1 
ATOM   761  N  N   . THR A 1 120 ? 10.148  -4.441  -4.448  1.00 8.88  ? 97  THR A N   1 
ATOM   762  C  CA  . THR A 1 120 ? 11.212  -4.517  -5.417  1.00 9.46  ? 97  THR A CA  1 
ATOM   763  C  C   . THR A 1 120 ? 10.855  -3.775  -6.690  1.00 9.49  ? 97  THR A C   1 
ATOM   764  O  O   . THR A 1 120 ? 9.674   -3.505  -6.989  1.00 9.42  ? 97  THR A O   1 
ATOM   765  C  CB  . THR A 1 120 ? 11.616  -5.964  -5.704  1.00 10.94 ? 97  THR A CB  1 
ATOM   766  O  OG1 . THR A 1 120 ? 10.500  -6.657  -6.252  1.00 13.55 ? 97  THR A OG1 1 
ATOM   767  C  CG2 . THR A 1 120 ? 12.119  -6.637  -4.484  1.00 11.99 ? 97  THR A CG2 1 
ATOM   768  N  N   A GLU A 1 121 ? 11.858  -3.378  -7.461  0.50 9.64  ? 98  GLU A N   1 
ATOM   769  N  N   B GLU A 1 121 ? 11.863  -3.441  -7.481  0.50 9.82  ? 98  GLU A N   1 
ATOM   770  C  CA  A GLU A 1 121 ? 11.579  -2.519  -8.602  0.50 10.31 ? 98  GLU A CA  1 
ATOM   771  C  CA  B GLU A 1 121 ? 11.661  -2.582  -8.641  0.50 10.62 ? 98  GLU A CA  1 
ATOM   772  C  C   A GLU A 1 121 ? 10.670  -3.214  -9.616  0.50 9.78  ? 98  GLU A C   1 
ATOM   773  C  C   B GLU A 1 121 ? 10.784  -3.216  -9.721  0.50 10.02 ? 98  GLU A C   1 
ATOM   774  O  O   A GLU A 1 121 ? 10.578  -4.443  -9.702  0.50 10.36 ? 98  GLU A O   1 
ATOM   775  O  O   B GLU A 1 121 ? 10.887  -4.412  -10.013 0.50 10.14 ? 98  GLU A O   1 
ATOM   776  C  CB  A GLU A 1 121 ? 12.865  -2.020  -9.282  0.50 11.35 ? 98  GLU A CB  1 
ATOM   777  C  CB  B GLU A 1 121 ? 13.013  -2.193  -9.253  0.50 11.96 ? 98  GLU A CB  1 
ATOM   778  C  CG  A GLU A 1 121 ? 13.692  -3.128  -9.927  0.50 12.79 ? 98  GLU A CG  1 
ATOM   779  C  CG  B GLU A 1 121 ? 13.811  -3.376  -9.802  0.50 13.59 ? 98  GLU A CG  1 
ATOM   780  C  CD  A GLU A 1 121 ? 14.964  -2.616  -10.584 0.50 14.47 ? 98  GLU A CD  1 
ATOM   781  C  CD  B GLU A 1 121 ? 15.178  -2.975  -10.345 0.50 15.58 ? 98  GLU A CD  1 
ATOM   782  O  OE1 A GLU A 1 121 ? 15.855  -2.106  -9.869  0.50 15.39 ? 98  GLU A OE1 1 
ATOM   783  O  OE1 B GLU A 1 121 ? 15.583  -1.799  -10.195 0.50 16.96 ? 98  GLU A OE1 1 
ATOM   784  O  OE2 A GLU A 1 121 ? 15.089  -2.769  -11.814 0.50 16.48 ? 98  GLU A OE2 1 
ATOM   785  O  OE2 B GLU A 1 121 ? 15.842  -3.839  -10.963 0.50 18.33 ? 98  GLU A OE2 1 
ATOM   786  N  N   . THR A 1 122 ? 9.981   -2.374  -10.369 1.00 9.22  ? 99  THR A N   1 
ATOM   787  C  CA  . THR A 1 122 ? 9.195   -2.802  -11.516 1.00 9.38  ? 99  THR A CA  1 
ATOM   788  C  C   . THR A 1 122 ? 9.898   -2.408  -12.813 1.00 9.87  ? 99  THR A C   1 
ATOM   789  O  O   . THR A 1 122 ? 9.492   -2.907  -13.867 1.00 11.63 ? 99  THR A O   1 
ATOM   790  C  CB  . THR A 1 122 ? 7.777   -2.206  -11.472 1.00 9.00  ? 99  THR A CB  1 
ATOM   791  O  OG1 . THR A 1 122 ? 7.856   -0.793  -11.635 1.00 8.69  ? 99  THR A OG1 1 
ATOM   792  C  CG2 . THR A 1 122 ? 7.038   -2.598  -10.221 1.00 9.19  ? 99  THR A CG2 1 
ATOM   793  N  N   . GLY A 1 123 ? 10.887  -1.526  -12.788 1.00 9.94  ? 100 GLY A N   1 
ATOM   794  C  CA  . GLY A 1 123 ? 11.663  -1.173  -13.994 1.00 10.34 ? 100 GLY A CA  1 
ATOM   795  C  C   . GLY A 1 123 ? 11.349  0.165   -14.612 1.00 10.74 ? 100 GLY A C   1 
ATOM   796  O  O   . GLY A 1 123 ? 12.149  0.737   -15.371 1.00 13.31 ? 100 GLY A O   1 
ATOM   797  N  N   A SER A 1 124 ? 10.152  0.671   -14.293 0.50 9.30  ? 101 SER A N   1 
ATOM   798  N  N   B SER A 1 124 ? 10.167  0.702   -14.326 0.50 10.74 ? 101 SER A N   1 
ATOM   799  C  CA  A SER A 1 124 ? 9.633   1.902   -14.871 0.50 8.29  ? 101 SER A CA  1 
ATOM   800  C  CA  B SER A 1 124 ? 9.837   2.052   -14.753 0.50 10.66 ? 101 SER A CA  1 
ATOM   801  C  C   A SER A 1 124 ? 8.576   2.503   -13.955 0.50 8.21  ? 101 SER A C   1 
ATOM   802  C  C   B SER A 1 124 ? 8.670   2.522   -13.933 0.50 9.44  ? 101 SER A C   1 
ATOM   803  O  O   A SER A 1 124 ? 7.816   1.771   -13.330 0.50 8.13  ? 101 SER A O   1 
ATOM   804  O  O   B SER A 1 124 ? 7.965   1.720   -13.335 0.50 9.14  ? 101 SER A O   1 
ATOM   805  C  CB  A SER A 1 124 ? 8.997   1.648   -16.243 0.50 7.54  ? 101 SER A CB  1 
ATOM   806  C  CB  B SER A 1 124 ? 9.501   2.133   -16.247 0.50 11.43 ? 101 SER A CB  1 
ATOM   807  O  OG  A SER A 1 124 ? 8.366   2.838   -16.682 0.50 6.97  ? 101 SER A OG  1 
ATOM   808  O  OG  B SER A 1 124 ? 8.157   1.848   -16.491 0.50 13.12 ? 101 SER A OG  1 
ATOM   809  N  N   . TRP A 1 125 ? 8.468   3.830   -13.939 1.00 8.61  ? 102 TRP A N   1 
ATOM   810  C  CA  . TRP A 1 125 ? 7.383   4.439   -13.209 1.00 8.29  ? 102 TRP A CA  1 
ATOM   811  C  C   . TRP A 1 125 ? 6.024   4.202   -13.858 1.00 8.53  ? 102 TRP A C   1 
ATOM   812  O  O   . TRP A 1 125 ? 4.998   4.461   -13.254 1.00 8.43  ? 102 TRP A O   1 
ATOM   813  C  CB  . TRP A 1 125 ? 7.587   5.934   -12.968 1.00 8.87  ? 102 TRP A CB  1 
ATOM   814  C  CG  . TRP A 1 125 ? 8.761   6.259   -12.120 1.00 9.33  ? 102 TRP A CG  1 
ATOM   815  C  CD1 . TRP A 1 125 ? 9.864   6.952   -12.493 1.00 10.56 ? 102 TRP A CD1 1 
ATOM   816  C  CD2 . TRP A 1 125 ? 8.922   5.938   -10.725 1.00 9.39  ? 102 TRP A CD2 1 
ATOM   817  N  NE1 . TRP A 1 125 ? 10.723  7.052   -11.410 1.00 10.81 ? 102 TRP A NE1 1 
ATOM   818  C  CE2 . TRP A 1 125 ? 10.164  6.445   -10.324 1.00 10.26 ? 102 TRP A CE2 1 
ATOM   819  C  CE3 . TRP A 1 125 ? 8.149   5.247   -9.789  1.00 9.17  ? 102 TRP A CE3 1 
ATOM   820  C  CZ2 . TRP A 1 125 ? 10.652  6.280   -9.031  1.00 10.36 ? 102 TRP A CZ2 1 
ATOM   821  C  CZ3 . TRP A 1 125 ? 8.622   5.123   -8.510  1.00 9.24  ? 102 TRP A CZ3 1 
ATOM   822  C  CH2 . TRP A 1 125 ? 9.880   5.615   -8.155  1.00 10.12 ? 102 TRP A CH2 1 
ATOM   823  N  N   . SER A 1 126 ? 6.018   3.667   -15.094 1.00 8.53  ? 103 SER A N   1 
ATOM   824  C  CA  . SER A 1 126 ? 4.745   3.246   -15.704 1.00 8.57  ? 103 SER A CA  1 
ATOM   825  C  C   . SER A 1 126 ? 4.630   1.739   -15.889 1.00 7.90  ? 103 SER A C   1 
ATOM   826  O  O   . SER A 1 126 ? 3.749   1.267   -16.597 1.00 8.21  ? 103 SER A O   1 
ATOM   827  C  CB  . SER A 1 126 ? 4.416   4.028   -16.978 1.00 8.81  ? 103 SER A CB  1 
ATOM   828  O  OG  . SER A 1 126 ? 5.228   3.659   -18.072 1.00 9.68  ? 103 SER A OG  1 
ATOM   829  N  N   . THR A 1 127 ? 5.478   0.984   -15.199 1.00 8.04  ? 104 THR A N   1 
ATOM   830  C  CA  . THR A 1 127 ? 5.298   -0.467  -15.081 1.00 8.15  ? 104 THR A CA  1 
ATOM   831  C  C   . THR A 1 127 ? 4.681   -0.713  -13.713 1.00 8.22  ? 104 THR A C   1 
ATOM   832  O  O   . THR A 1 127 ? 5.331   -0.514  -12.666 1.00 8.70  ? 104 THR A O   1 
ATOM   833  C  CB  . THR A 1 127 ? 6.578   -1.269  -15.212 1.00 8.82  ? 104 THR A CB  1 
ATOM   834  O  OG1 . THR A 1 127 ? 7.103   -1.022  -16.524 1.00 9.87  ? 104 THR A OG1 1 
ATOM   835  C  CG2 . THR A 1 127 ? 6.316   -2.753  -15.021 1.00 9.22  ? 104 THR A CG2 1 
ATOM   836  N  N   . TRP A 1 128 ? 3.442   -1.157  -13.708 1.00 7.87  ? 105 TRP A N   1 
ATOM   837  C  CA  . TRP A 1 128 ? 2.694   -1.414  -12.489 1.00 8.57  ? 105 TRP A CA  1 
ATOM   838  C  C   . TRP A 1 128 ? 2.777   -2.878  -12.169 1.00 9.53  ? 105 TRP A C   1 
ATOM   839  O  O   . TRP A 1 128 ? 2.220   -3.714  -12.893 1.00 12.42 ? 105 TRP A O   1 
ATOM   840  C  CB  . TRP A 1 128 ? 1.251   -0.958  -12.656 1.00 8.47  ? 105 TRP A CB  1 
ATOM   841  C  CG  . TRP A 1 128 ? 1.157   0.506   -12.913 1.00 8.37  ? 105 TRP A CG  1 
ATOM   842  C  CD1 . TRP A 1 128 ? 1.106   1.110   -14.127 1.00 9.00  ? 105 TRP A CD1 1 
ATOM   843  C  CD2 . TRP A 1 128 ? 1.182   1.566   -11.939 1.00 8.20  ? 105 TRP A CD2 1 
ATOM   844  N  NE1 . TRP A 1 128 ? 1.063   2.475   -13.966 1.00 9.01  ? 105 TRP A NE1 1 
ATOM   845  C  CE2 . TRP A 1 128 ? 1.093   2.783   -12.631 1.00 8.58  ? 105 TRP A CE2 1 
ATOM   846  C  CE3 . TRP A 1 128 ? 1.230   1.596   -10.537 1.00 8.06  ? 105 TRP A CE3 1 
ATOM   847  C  CZ2 . TRP A 1 128 ? 1.101   4.006   -11.983 1.00 8.53  ? 105 TRP A CZ2 1 
ATOM   848  C  CZ3 . TRP A 1 128 ? 1.259   2.809   -9.907  1.00 8.47  ? 105 TRP A CZ3 1 
ATOM   849  C  CH2 . TRP A 1 128 ? 1.154   3.985   -10.620 1.00 8.59  ? 105 TRP A CH2 1 
ATOM   850  N  N   . GLY A 1 129 ? 3.515   -3.204  -11.122 1.00 8.97  ? 106 GLY A N   1 
ATOM   851  C  CA  . GLY A 1 129 ? 3.653   -4.563  -10.650 1.00 9.01  ? 106 GLY A CA  1 
ATOM   852  C  C   . GLY A 1 129 ? 2.787   -4.828  -9.455  1.00 8.86  ? 106 GLY A C   1 
ATOM   853  O  O   . GLY A 1 129 ? 2.060   -3.955  -8.965  1.00 9.49  ? 106 GLY A O   1 
ATOM   854  N  N   . GLU A 1 130 ? 2.865   -6.034  -8.949  1.00 10.30 ? 107 GLU A N   1 
ATOM   855  C  CA  . GLU A 1 130 ? 2.074   -6.477  -7.815  1.00 11.29 ? 107 GLU A CA  1 
ATOM   856  C  C   . GLU A 1 130 ? 2.947   -7.125  -6.781  1.00 11.53 ? 107 GLU A C   1 
ATOM   857  O  O   . GLU A 1 130 ? 3.943   -7.799  -7.107  1.00 13.54 ? 107 GLU A O   1 
ATOM   858  C  CB  . GLU A 1 130 ? 0.963   -7.442  -8.286  1.00 13.84 ? 107 GLU A CB  1 
ATOM   859  C  CG  . GLU A 1 130 ? -0.090  -6.716  -9.125  1.00 16.48 ? 107 GLU A CG  1 
ATOM   860  C  CD  . GLU A 1 130 ? -1.227  -7.567  -9.670  1.00 19.93 ? 107 GLU A CD  1 
ATOM   861  O  OE1 . GLU A 1 130 ? -1.095  -8.802  -9.695  1.00 23.61 ? 107 GLU A OE1 1 
ATOM   862  O  OE2 . GLU A 1 130 ? -2.235  -6.958  -10.102 1.00 24.34 ? 107 GLU A OE2 1 
ATOM   863  N  N   . LYS A 1 131 ? 2.580   -6.938  -5.535  1.00 10.48 ? 108 LYS A N   1 
ATOM   864  C  CA  . LYS A 1 131 ? 3.219   -7.627  -4.427  1.00 10.67 ? 108 LYS A CA  1 
ATOM   865  C  C   . LYS A 1 131 ? 2.152   -8.022  -3.475  1.00 10.01 ? 108 LYS A C   1 
ATOM   866  O  O   . LYS A 1 131 ? 1.292   -7.186  -3.108  1.00 9.32  ? 108 LYS A O   1 
ATOM   867  C  CB  . LYS A 1 131 ? 4.187   -6.713  -3.731  1.00 11.66 ? 108 LYS A CB  1 
ATOM   868  C  CG  . LYS A 1 131 ? 4.742   -7.291  -2.448  1.00 13.10 ? 108 LYS A CG  1 
ATOM   869  C  CD  . LYS A 1 131 ? 5.633   -6.283  -1.758  1.00 13.96 ? 108 LYS A CD  1 
ATOM   870  C  CE  . LYS A 1 131 ? 5.840   -6.641  -0.312  1.00 14.86 ? 108 LYS A CE  1 
ATOM   871  N  NZ  . LYS A 1 131 ? 6.722   -7.809  -0.194  1.00 15.42 ? 108 LYS A NZ  1 
ATOM   872  N  N   . THR A 1 132 ? 2.161   -9.266  -3.019  1.00 10.21 ? 109 THR A N   1 
ATOM   873  C  CA  . THR A 1 132 ? 1.142   -9.760  -2.085  1.00 11.39 ? 109 THR A CA  1 
ATOM   874  C  C   . THR A 1 132 ? 1.758   -10.112 -0.774  1.00 11.00 ? 109 THR A C   1 
ATOM   875  O  O   . THR A 1 132 ? 2.812   -10.783 -0.739  1.00 12.70 ? 109 THR A O   1 
ATOM   876  C  CB  . THR A 1 132 ? 0.427   -10.990 -2.669  1.00 12.59 ? 109 THR A CB  1 
ATOM   877  O  OG1 . THR A 1 132 ? -0.220  -10.616 -3.878  1.00 13.86 ? 109 THR A OG1 1 
ATOM   878  C  CG2 . THR A 1 132 ? -0.645  -11.519 -1.738  1.00 13.63 ? 109 THR A CG2 1 
ATOM   879  N  N   . ILE A 1 133 ? 1.164   -9.632  0.308   1.00 9.70  ? 110 ILE A N   1 
ATOM   880  C  CA  . ILE A 1 133 ? 1.544   -10.031 1.652   1.00 9.81  ? 110 ILE A CA  1 
ATOM   881  C  C   . ILE A 1 133 ? 0.376   -10.808 2.260   1.00 9.61  ? 110 ILE A C   1 
ATOM   882  O  O   . ILE A 1 133 ? -0.783  -10.667 1.835   1.00 9.84  ? 110 ILE A O   1 
ATOM   883  C  CB  . ILE A 1 133 ? 1.893   -8.832  2.534   1.00 11.18 ? 110 ILE A CB  1 
ATOM   884  C  CG1 . ILE A 1 133 ? 0.702   -7.912  2.719   1.00 11.51 ? 110 ILE A CG1 1 
ATOM   885  C  CG2 . ILE A 1 133 ? 3.062   -8.034  1.961   1.00 11.59 ? 110 ILE A CG2 1 
ATOM   886  C  CD1 . ILE A 1 133 ? 0.912   -6.732  3.652   1.00 12.38 ? 110 ILE A CD1 1 
ATOM   887  N  N   A GLN A 1 134 ? 0.659   -11.676 3.223   0.50 9.77  ? 111 GLN A N   1 
ATOM   888  N  N   B GLN A 1 134 ? 0.678   -11.581 3.298   0.50 9.97  ? 111 GLN A N   1 
ATOM   889  C  CA  A GLN A 1 134 ? -0.376  -12.357 3.986   0.50 9.83  ? 111 GLN A CA  1 
ATOM   890  C  CA  B GLN A 1 134 ? -0.308  -12.316 4.064   0.50 10.06 ? 111 GLN A CA  1 
ATOM   891  C  C   A GLN A 1 134 ? -0.348  -11.864 5.415   0.50 9.37  ? 111 GLN A C   1 
ATOM   892  C  C   B GLN A 1 134 ? -0.302  -11.777 5.461   0.50 9.65  ? 111 GLN A C   1 
ATOM   893  O  O   A GLN A 1 134 ? 0.630   -12.094 6.095   0.50 9.23  ? 111 GLN A O   1 
ATOM   894  O  O   B GLN A 1 134 ? 0.704   -11.842 6.162   0.50 9.75  ? 111 GLN A O   1 
ATOM   895  C  CB  A GLN A 1 134 ? -0.133  -13.862 3.948   0.50 11.14 ? 111 GLN A CB  1 
ATOM   896  C  CB  B GLN A 1 134 ? 0.018   -13.800 4.086   0.50 11.35 ? 111 GLN A CB  1 
ATOM   897  C  CG  A GLN A 1 134 ? 0.049   -14.405 2.548   0.50 12.74 ? 111 GLN A CG  1 
ATOM   898  C  CG  B GLN A 1 134 ? -0.476  -14.531 2.866   0.50 13.02 ? 111 GLN A CG  1 
ATOM   899  C  CD  A GLN A 1 134 ? 0.578   -15.830 2.543   0.50 14.89 ? 111 GLN A CD  1 
ATOM   900  C  CD  B GLN A 1 134 ? 0.501   -14.468 1.739   0.50 14.48 ? 111 GLN A CD  1 
ATOM   901  O  OE1 A GLN A 1 134 ? 1.615   -16.108 1.949   0.50 18.39 ? 111 GLN A OE1 1 
ATOM   902  O  OE1 B GLN A 1 134 ? 1.708   -14.635 1.940   0.50 15.91 ? 111 GLN A OE1 1 
ATOM   903  N  NE2 A GLN A 1 134 ? -0.119  -16.722 3.214   0.50 16.03 ? 111 GLN A NE2 1 
ATOM   904  N  NE2 B GLN A 1 134 ? -0.009  -14.230 0.536   0.50 15.29 ? 111 GLN A NE2 1 
ATOM   905  N  N   . VAL A 1 135 ? -1.417  -11.201 5.874   1.00 8.99  ? 112 VAL A N   1 
ATOM   906  C  CA  . VAL A 1 135 ? -1.514  -10.578 7.187   1.00 10.06 ? 112 VAL A CA  1 
ATOM   907  C  C   . VAL A 1 135 ? -2.845  -10.949 7.836   1.00 9.46  ? 112 VAL A C   1 
ATOM   908  O  O   . VAL A 1 135 ? -3.849  -11.129 7.135   1.00 10.77 ? 112 VAL A O   1 
ATOM   909  C  CB  . VAL A 1 135 ? -1.355  -9.043  7.129   1.00 10.98 ? 112 VAL A CB  1 
ATOM   910  C  CG1 . VAL A 1 135 ? 0.071   -8.645  6.772   1.00 12.19 ? 112 VAL A CG1 1 
ATOM   911  C  CG2 . VAL A 1 135 ? -2.365  -8.408  6.180   1.00 11.94 ? 112 VAL A CG2 1 
ATOM   912  N  N   . ALA A 1 136 ? -2.870  -10.953 9.157   1.00 9.90  ? 113 ALA A N   1 
ATOM   913  C  CA  . ALA A 1 136 ? -4.089  -11.223 9.902   1.00 10.27 ? 113 ALA A CA  1 
ATOM   914  C  C   . ALA A 1 136 ? -4.934  -9.977  9.941   1.00 10.73 ? 113 ALA A C   1 
ATOM   915  O  O   . ALA A 1 136 ? -4.442  -8.885  10.186  1.00 11.14 ? 113 ALA A O   1 
ATOM   916  C  CB  . ALA A 1 136 ? -3.738  -11.642 11.315  1.00 10.75 ? 113 ALA A CB  1 
ATOM   917  N  N   . MET A 1 137 ? -6.218  -10.120 9.685   1.00 10.51 ? 114 MET A N   1 
ATOM   918  C  CA  . MET A 1 137 ? -7.151  -9.036  9.883   1.00 10.58 ? 114 MET A CA  1 
ATOM   919  C  C   . MET A 1 137 ? -8.420  -9.573  10.529  1.00 10.72 ? 114 MET A C   1 
ATOM   920  O  O   . MET A 1 137 ? -8.656  -10.769 10.570  1.00 12.18 ? 114 MET A O   1 
ATOM   921  C  CB  . MET A 1 137 ? -7.508  -8.324  8.589   1.00 10.68 ? 114 MET A CB  1 
ATOM   922  C  CG  . MET A 1 137 ? -6.320  -7.844  7.778   1.00 11.40 ? 114 MET A CG  1 
ATOM   923  S  SD  . MET A 1 137 ? -6.774  -6.845  6.357   1.00 13.52 ? 114 MET A SD  1 
ATOM   924  C  CE  . MET A 1 137 ? -6.853  -5.268  7.162   1.00 14.26 ? 114 MET A CE  1 
ATOM   925  N  N   . ASN A 1 138 ? -9.217  -8.669  11.055  1.00 11.09 ? 115 ASN A N   1 
ATOM   926  C  CA  . ASN A 1 138 ? -10.507 -9.007  11.682  1.00 11.54 ? 115 ASN A CA  1 
ATOM   927  C  C   . ASN A 1 138 ? -11.621 -8.868  10.709  1.00 11.49 ? 115 ASN A C   1 
ATOM   928  O  O   . ASN A 1 138 ? -11.537 -8.186  9.704   1.00 10.96 ? 115 ASN A O   1 
ATOM   929  C  CB  . ASN A 1 138 ? -10.769 -8.056  12.832  1.00 12.47 ? 115 ASN A CB  1 
ATOM   930  C  CG  . ASN A 1 138 ? -9.776  -8.233  13.945  1.00 14.51 ? 115 ASN A CG  1 
ATOM   931  O  OD1 . ASN A 1 138 ? -9.220  -9.308  14.105  1.00 16.83 ? 115 ASN A OD1 1 
ATOM   932  N  ND2 . ASN A 1 138 ? -9.502  -7.173  14.666  1.00 17.39 ? 115 ASN A ND2 1 
ATOM   933  N  N   . SER A 1 139 ? -12.731 -9.530  11.029  1.00 11.82 ? 116 SER A N   1 
ATOM   934  C  CA  . SER A 1 139 ? -13.987 -9.252  10.373  1.00 11.76 ? 116 SER A CA  1 
ATOM   935  C  C   . SER A 1 139 ? -14.413 -7.806  10.640  1.00 10.53 ? 116 SER A C   1 
ATOM   936  O  O   . SER A 1 139 ? -13.935 -7.177  11.578  1.00 11.27 ? 116 SER A O   1 
ATOM   937  C  CB  . SER A 1 139 ? -15.062 -10.185 10.872  1.00 11.97 ? 116 SER A CB  1 
ATOM   938  O  OG  . SER A 1 139 ? -15.368 -9.906  12.200  1.00 13.44 ? 116 SER A OG  1 
ATOM   939  N  N   . GLY A 1 140 ? -15.260 -7.290  9.777   1.00 10.90 ? 117 GLY A N   1 
ATOM   940  C  CA  . GLY A 1 140 ? -15.746 -5.925  9.928   1.00 10.27 ? 117 GLY A CA  1 
ATOM   941  C  C   . GLY A 1 140 ? -14.748 -4.918  9.412   1.00 9.82  ? 117 GLY A C   1 
ATOM   942  O  O   . GLY A 1 140 ? -13.900 -5.271  8.561   1.00 10.92 ? 117 GLY A O   1 
ATOM   943  N  N   . VAL A 1 141 ? -14.823 -3.686  9.899   1.00 9.91  ? 118 VAL A N   1 
ATOM   944  C  CA  . VAL A 1 141 ? -13.979 -2.596  9.429   1.00 10.30 ? 118 VAL A CA  1 
ATOM   945  C  C   . VAL A 1 141 ? -12.657 -2.565  10.133  1.00 10.20 ? 118 VAL A C   1 
ATOM   946  O  O   . VAL A 1 141 ? -12.571 -2.640  11.349  1.00 11.90 ? 118 VAL A O   1 
ATOM   947  C  CB  . VAL A 1 141 ? -14.701 -1.253  9.600   1.00 10.98 ? 118 VAL A CB  1 
ATOM   948  C  CG1 . VAL A 1 141 ? -13.834 -0.128  9.085   1.00 11.43 ? 118 VAL A CG1 1 
ATOM   949  C  CG2 . VAL A 1 141 ? -15.991 -1.265  8.820   1.00 12.40 ? 118 VAL A CG2 1 
ATOM   950  N  N   . ASN A 1 142 ? -11.590 -2.476  9.314   1.00 10.22 ? 119 ASN A N   1 
ATOM   951  C  CA  . ASN A 1 142 ? -10.212 -2.464  9.774   1.00 10.70 ? 119 ASN A CA  1 
ATOM   952  C  C   . ASN A 1 142 ? -9.473  -1.269  9.161   1.00 10.24 ? 119 ASN A C   1 
ATOM   953  O  O   . ASN A 1 142 ? -9.907  -0.686  8.185   1.00 10.65 ? 119 ASN A O   1 
ATOM   954  C  CB  . ASN A 1 142 ? -9.442  -3.696  9.259   1.00 10.97 ? 119 ASN A CB  1 
ATOM   955  C  CG  . ASN A 1 142 ? -10.001 -5.026  9.736   1.00 10.93 ? 119 ASN A CG  1 
ATOM   956  O  OD1 . ASN A 1 142 ? -11.120 -5.437  9.339   1.00 13.52 ? 119 ASN A OD1 1 
ATOM   957  N  ND2 . ASN A 1 142 ? -9.229  -5.724  10.500  1.00 10.00 ? 119 ASN A ND2 1 
ATOM   958  N  N   . THR A 1 143 ? -8.330  -0.956  9.766   1.00 10.10 ? 120 THR A N   1 
ATOM   959  C  CA  . THR A 1 143 ? -7.397  0.016   9.183   1.00 10.41 ? 120 THR A CA  1 
ATOM   960  C  C   . THR A 1 143 ? -6.108  -0.688  8.770   1.00 9.35  ? 120 THR A C   1 
ATOM   961  O  O   . THR A 1 143 ? -5.705  -1.718  9.348   1.00 9.63  ? 120 THR A O   1 
ATOM   962  C  CB  . THR A 1 143 ? -7.070  1.165   10.130  1.00 11.78 ? 120 THR A CB  1 
ATOM   963  O  OG1 . THR A 1 143 ? -6.327  0.685   11.218  1.00 13.81 ? 120 THR A OG1 1 
ATOM   964  C  CG2 . THR A 1 143 ? -8.320  1.849   10.636  1.00 12.62 ? 120 THR A CG2 1 
ATOM   965  N  N   A LEU A 1 144 ? -5.442  -0.130  7.767   0.50 8.58  ? 121 LEU A N   1 
ATOM   966  N  N   B LEU A 1 144 ? -5.468  -0.110  7.751   0.50 9.02  ? 121 LEU A N   1 
ATOM   967  C  CA  A LEU A 1 144 ? -4.125  -0.619  7.347   0.50 8.34  ? 121 LEU A CA  1 
ATOM   968  C  CA  B LEU A 1 144 ? -4.168  -0.553  7.221   0.50 9.10  ? 121 LEU A CA  1 
ATOM   969  C  C   A LEU A 1 144 ? -3.334  0.586   6.913   0.50 7.78  ? 121 LEU A C   1 
ATOM   970  C  C   B LEU A 1 144 ? -3.351  0.715   6.999   0.50 8.57  ? 121 LEU A C   1 
ATOM   971  O  O   A LEU A 1 144 ? -3.800  1.364   6.065   0.50 7.40  ? 121 LEU A O   1 
ATOM   972  O  O   B LEU A 1 144 ? -3.866  1.684   6.441   0.50 8.48  ? 121 LEU A O   1 
ATOM   973  C  CB  A LEU A 1 144 ? -4.281  -1.611  6.199   0.50 8.81  ? 121 LEU A CB  1 
ATOM   974  C  CB  B LEU A 1 144 ? -4.388  -1.276  5.892   0.50 9.83  ? 121 LEU A CB  1 
ATOM   975  C  CG  A LEU A 1 144 ? -3.053  -2.367  5.718   0.50 9.34  ? 121 LEU A CG  1 
ATOM   976  C  CG  B LEU A 1 144 ? -3.125  -1.781  5.210   0.50 10.54 ? 121 LEU A CG  1 
ATOM   977  C  CD1 A LEU A 1 144 ? -3.419  -3.724  5.132   0.50 9.77  ? 121 LEU A CD1 1 
ATOM   978  C  CD1 B LEU A 1 144 ? -2.552  -2.962  5.976   0.50 10.99 ? 121 LEU A CD1 1 
ATOM   979  C  CD2 A LEU A 1 144 ? -2.295  -1.547  4.689   0.50 9.61  ? 121 LEU A CD2 1 
ATOM   980  C  CD2 B LEU A 1 144 ? -3.388  -2.191  3.772   0.50 11.30 ? 121 LEU A CD2 1 
ATOM   981  N  N   A ARG A 1 145 ? -2.139  0.744   7.489   0.50 7.65  ? 122 ARG A N   1 
ATOM   982  N  N   B ARG A 1 145 ? -2.087  0.732   7.427   0.50 8.44  ? 122 ARG A N   1 
ATOM   983  C  CA  A ARG A 1 145 ? -1.283  1.863   7.159   0.50 7.98  ? 122 ARG A CA  1 
ATOM   984  C  CA  B ARG A 1 145 ? -1.249  1.930   7.282   0.50 8.86  ? 122 ARG A CA  1 
ATOM   985  C  C   A ARG A 1 145 ? 0.070   1.332   6.687   0.50 7.63  ? 122 ARG A C   1 
ATOM   986  C  C   B ARG A 1 145 ? 0.125   1.487   6.833   0.50 8.12  ? 122 ARG A C   1 
ATOM   987  O  O   A ARG A 1 145 ? 0.588   0.306   7.162   0.50 7.31  ? 122 ARG A O   1 
ATOM   988  O  O   B ARG A 1 145 ? 0.728   0.666   7.533   0.50 7.84  ? 122 ARG A O   1 
ATOM   989  C  CB  A ARG A 1 145 ? -1.118  2.816   8.355   0.50 8.91  ? 122 ARG A CB  1 
ATOM   990  C  CB  B ARG A 1 145 ? -1.121  2.647   8.640   0.50 10.28 ? 122 ARG A CB  1 
ATOM   991  C  CG  A ARG A 1 145 ? -0.352  4.076   7.991   0.50 9.64  ? 122 ARG A CG  1 
ATOM   992  C  CG  B ARG A 1 145 ? -0.412  3.989   8.628   0.50 11.75 ? 122 ARG A CG  1 
ATOM   993  C  CD  A ARG A 1 145 ? -0.466  5.123   9.056   0.50 10.99 ? 122 ARG A CD  1 
ATOM   994  C  CD  B ARG A 1 145 ? -0.878  4.794   9.860   0.50 13.92 ? 122 ARG A CD  1 
ATOM   995  N  NE  A ARG A 1 145 ? 0.079   4.516   10.238  0.50 12.40 ? 122 ARG A NE  1 
ATOM   996  N  NE  B ARG A 1 145 ? -0.099  4.502   11.064  0.50 16.58 ? 122 ARG A NE  1 
ATOM   997  C  CZ  A ARG A 1 145 ? 1.116   4.938   10.949  0.50 14.32 ? 122 ARG A CZ  1 
ATOM   998  C  CZ  B ARG A 1 145 ? -0.386  3.633   12.045  0.50 17.53 ? 122 ARG A CZ  1 
ATOM   999  N  NH1 A ARG A 1 145 ? 1.774   6.040   10.625  0.50 15.42 ? 122 ARG A NH1 1 
ATOM   1000 N  NH1 B ARG A 1 145 ? -1.486  2.867   12.073  0.50 16.35 ? 122 ARG A NH1 1 
ATOM   1001 N  NH2 A ARG A 1 145 ? 1.468   4.238   12.015  0.50 15.70 ? 122 ARG A NH2 1 
ATOM   1002 N  NH2 B ARG A 1 145 ? 0.484   3.533   13.035  0.50 19.38 ? 122 ARG A NH2 1 
ATOM   1003 N  N   . ILE A 1 146 ? 0.616   2.010   5.695   1.00 7.31  ? 123 ILE A N   1 
ATOM   1004 C  CA  . ILE A 1 146 ? 1.965   1.720   5.191   1.00 7.35  ? 123 ILE A CA  1 
ATOM   1005 C  C   . ILE A 1 146 ? 2.807   2.988   5.265   1.00 6.93  ? 123 ILE A C   1 
ATOM   1006 O  O   . ILE A 1 146 ? 2.318   4.067   4.935   1.00 7.46  ? 123 ILE A O   1 
ATOM   1007 C  CB  . ILE A 1 146 ? 1.886   1.116   3.797   1.00 8.05  ? 123 ILE A CB  1 
ATOM   1008 C  CG1 . ILE A 1 146 ? 1.369   2.083   2.721   1.00 8.38  ? 123 ILE A CG1 1 
ATOM   1009 C  CG2 . ILE A 1 146 ? 1.032   -0.132  3.837   1.00 9.04  ? 123 ILE A CG2 1 
ATOM   1010 C  CD1 . ILE A 1 146 ? 1.266   1.456   1.351   1.00 8.57  ? 123 ILE A CD1 1 
ATOM   1011 N  N   . VAL A 1 147 ? 4.044   2.832   5.721   1.00 6.81  ? 124 VAL A N   1 
ATOM   1012 C  CA  . VAL A 1 147 ? 4.851   3.969   6.155   1.00 7.53  ? 124 VAL A CA  1 
ATOM   1013 C  C   . VAL A 1 147 ? 6.265   3.807   5.649   1.00 7.38  ? 124 VAL A C   1 
ATOM   1014 O  O   . VAL A 1 147 ? 6.872   2.749   5.798   1.00 7.69  ? 124 VAL A O   1 
ATOM   1015 C  CB  . VAL A 1 147 ? 4.860   4.079   7.685   1.00 8.26  ? 124 VAL A CB  1 
ATOM   1016 C  CG1 . VAL A 1 147 ? 5.472   5.406   8.110   1.00 8.88  ? 124 VAL A CG1 1 
ATOM   1017 C  CG2 . VAL A 1 147 ? 3.460   3.977   8.284   1.00 8.62  ? 124 VAL A CG2 1 
ATOM   1018 N  N   . THR A 1 148 ? 6.851   4.885   5.122   1.00 7.40  ? 125 THR A N   1 
ATOM   1019 C  CA  . THR A 1 148 ? 8.255   4.862   4.723   1.00 7.43  ? 125 THR A CA  1 
ATOM   1020 C  C   . THR A 1 148 ? 9.159   4.908   5.967   1.00 7.38  ? 125 THR A C   1 
ATOM   1021 O  O   . THR A 1 148 ? 8.751   5.390   7.017   1.00 8.36  ? 125 THR A O   1 
ATOM   1022 C  CB  . THR A 1 148 ? 8.584   5.977   3.712   1.00 7.32  ? 125 THR A CB  1 
ATOM   1023 O  OG1 . THR A 1 148 ? 8.472   7.244   4.355   1.00 7.35  ? 125 THR A OG1 1 
ATOM   1024 C  CG2 . THR A 1 148 ? 7.711   5.917   2.517   1.00 7.50  ? 125 THR A CG2 1 
ATOM   1025 N  N   . THR A 1 149 ? 10.354  4.336   5.817   1.00 7.96  ? 126 THR A N   1 
ATOM   1026 C  CA  . THR A 1 149 ? 11.239  4.042   6.949   1.00 9.16  ? 126 THR A CA  1 
ATOM   1027 C  C   . THR A 1 149 ? 12.678  4.396   6.660   1.00 9.59  ? 126 THR A C   1 
ATOM   1028 O  O   . THR A 1 149 ? 13.569  4.011   7.422   1.00 11.21 ? 126 THR A O   1 
ATOM   1029 C  CB  . THR A 1 149 ? 11.179  2.539   7.305   1.00 10.07 ? 126 THR A CB  1 
ATOM   1030 O  OG1 . THR A 1 149 ? 11.670  1.795   6.214   1.00 11.10 ? 126 THR A OG1 1 
ATOM   1031 C  CG2 . THR A 1 149 ? 9.749   2.068   7.650   1.00 10.80 ? 126 THR A CG2 1 
ATOM   1032 N  N   . GLY A 1 150 ? 12.953  5.072   5.560   1.00 8.79  ? 127 GLY A N   1 
ATOM   1033 C  CA  . GLY A 1 150 ? 14.313  5.491   5.226   1.00 8.93  ? 127 GLY A CA  1 
ATOM   1034 C  C   . GLY A 1 150 ? 14.678  5.346   3.782   1.00 8.88  ? 127 GLY A C   1 
ATOM   1035 O  O   . GLY A 1 150 ? 15.680  5.913   3.344   1.00 9.88  ? 127 GLY A O   1 
ATOM   1036 N  N   . THR A 1 151 ? 13.879  4.631   2.987   1.00 8.61  ? 128 THR A N   1 
ATOM   1037 C  CA  . THR A 1 151 ? 14.140  4.434   1.577   1.00 8.65  ? 128 THR A CA  1 
ATOM   1038 C  C   . THR A 1 151 ? 13.022  5.003   0.682   1.00 8.14  ? 128 THR A C   1 
ATOM   1039 O  O   . THR A 1 151 ? 12.982  4.734   -0.509  1.00 9.11  ? 128 THR A O   1 
ATOM   1040 C  CB  . THR A 1 151 ? 14.419  2.951   1.241   1.00 8.95  ? 128 THR A CB  1 
ATOM   1041 O  OG1 . THR A 1 151 ? 13.434  2.105   1.855   1.00 9.46  ? 128 THR A OG1 1 
ATOM   1042 C  CG2 . THR A 1 151 ? 15.806  2.551   1.746   1.00 9.94  ? 128 THR A CG2 1 
ATOM   1043 N  N   . GLU A 1 152 ? 12.174  5.855   1.237   1.00 7.85  ? 129 GLU A N   1 
ATOM   1044 C  CA  . GLU A 1 152 ? 11.046  6.432   0.484   1.00 8.00  ? 129 GLU A CA  1 
ATOM   1045 C  C   . GLU A 1 152 ? 10.103  5.274   0.102   1.00 7.78  ? 129 GLU A C   1 
ATOM   1046 O  O   . GLU A 1 152 ? 10.092  4.230   0.768   1.00 8.15  ? 129 GLU A O   1 
ATOM   1047 C  CB  . GLU A 1 152 ? 11.541  7.315   -0.681  1.00 8.88  ? 129 GLU A CB  1 
ATOM   1048 C  CG  . GLU A 1 152 ? 10.843  8.661   -0.806  1.00 9.45  ? 129 GLU A CG  1 
ATOM   1049 C  CD  . GLU A 1 152 ? 9.986   8.841   -2.040  1.00 9.56  ? 129 GLU A CD  1 
ATOM   1050 O  OE1 . GLU A 1 152 ? 9.232   7.912   -2.413  1.00 9.15  ? 129 GLU A OE1 1 
ATOM   1051 O  OE2 . GLU A 1 152 ? 10.010  9.931   -2.656  1.00 9.78  ? 129 GLU A OE2 1 
ATOM   1052 N  N   . GLY A 1 153 ? 9.261   5.464   -0.897  1.00 7.72  ? 130 GLY A N   1 
ATOM   1053 C  CA  . GLY A 1 153 ? 8.286   4.414   -1.206  1.00 7.60  ? 130 GLY A CA  1 
ATOM   1054 C  C   . GLY A 1 153 ? 8.031   4.264   -2.667  1.00 7.47  ? 130 GLY A C   1 
ATOM   1055 O  O   . GLY A 1 153 ? 8.302   5.153   -3.455  1.00 7.61  ? 130 GLY A O   1 
ATOM   1056 N  N   . PRO A 1 154 ? 7.423   3.146   -3.063  1.00 7.51  ? 131 PRO A N   1 
ATOM   1057 C  CA  . PRO A 1 154 ? 6.942   3.011   -4.425  1.00 7.53  ? 131 PRO A CA  1 
ATOM   1058 C  C   . PRO A 1 154 ? 5.755   3.930   -4.671  1.00 7.33  ? 131 PRO A C   1 
ATOM   1059 O  O   . PRO A 1 154 ? 5.070   4.305   -3.729  1.00 7.94  ? 131 PRO A O   1 
ATOM   1060 C  CB  . PRO A 1 154 ? 6.510   1.558   -4.472  1.00 8.03  ? 131 PRO A CB  1 
ATOM   1061 C  CG  . PRO A 1 154 ? 6.029   1.282   -3.099  1.00 8.63  ? 131 PRO A CG  1 
ATOM   1062 C  CD  . PRO A 1 154 ? 6.947   2.069   -2.194  1.00 7.95  ? 131 PRO A CD  1 
ATOM   1063 N  N   . ASN A 1 155 ? 5.478   4.278   -5.915  1.00 6.96  ? 132 ASN A N   1 
ATOM   1064 C  CA  . ASN A 1 155 ? 4.237   4.945   -6.207  1.00 6.84  ? 132 ASN A CA  1 
ATOM   1065 C  C   . ASN A 1 155 ? 3.112   3.910   -6.070  1.00 6.97  ? 132 ASN A C   1 
ATOM   1066 O  O   . ASN A 1 155 ? 3.225   2.797   -6.609  1.00 8.19  ? 132 ASN A O   1 
ATOM   1067 C  CB  . ASN A 1 155 ? 4.225   5.551   -7.588  1.00 6.90  ? 132 ASN A CB  1 
ATOM   1068 C  CG  . ASN A 1 155 ? 5.111   6.760   -7.720  1.00 7.57  ? 132 ASN A CG  1 
ATOM   1069 O  OD1 . ASN A 1 155 ? 5.557   7.352   -6.740  1.00 7.88  ? 132 ASN A OD1 1 
ATOM   1070 N  ND2 . ASN A 1 155 ? 5.318   7.180   -8.958  1.00 8.20  ? 132 ASN A ND2 1 
ATOM   1071 N  N   . MET A 1 156 ? 2.042   4.219   -5.356  1.00 6.70  ? 133 MET A N   1 
ATOM   1072 C  CA  . MET A 1 156 ? 1.081   3.218   -4.916  1.00 6.85  ? 133 MET A CA  1 
ATOM   1073 C  C   . MET A 1 156 ? -0.256  3.451   -5.562  1.00 6.83  ? 133 MET A C   1 
ATOM   1074 O  O   . MET A 1 156 ? -0.857  4.525   -5.404  1.00 6.96  ? 133 MET A O   1 
ATOM   1075 C  CB  . MET A 1 156 ? 0.931   3.268   -3.393  1.00 7.93  ? 133 MET A CB  1 
ATOM   1076 C  CG  . MET A 1 156 ? 0.090   2.144   -2.815  1.00 8.93  ? 133 MET A CG  1 
ATOM   1077 S  SD  . MET A 1 156 ? 0.705   0.495   -3.137  1.00 10.99 ? 133 MET A SD  1 
ATOM   1078 C  CE  . MET A 1 156 ? 2.226   0.464   -2.314  1.00 11.08 ? 133 MET A CE  1 
ATOM   1079 N  N   . ASP A 1 157 ? -0.746  2.466   -6.305  1.00 6.48  ? 134 ASP A N   1 
ATOM   1080 C  CA  . ASP A 1 157 ? -2.003  2.624   -7.049  1.00 7.46  ? 134 ASP A CA  1 
ATOM   1081 C  C   . ASP A 1 157 ? -3.218  2.208   -6.256  1.00 7.49  ? 134 ASP A C   1 
ATOM   1082 O  O   . ASP A 1 157 ? -4.203  2.951   -6.201  1.00 7.85  ? 134 ASP A O   1 
ATOM   1083 C  CB  . ASP A 1 157 ? -1.924  1.832   -8.356  1.00 7.89  ? 134 ASP A CB  1 
ATOM   1084 C  CG  . ASP A 1 157 ? -3.095  2.072   -9.263  1.00 8.73  ? 134 ASP A CG  1 
ATOM   1085 O  OD1 . ASP A 1 157 ? -3.797  3.087   -9.137  1.00 8.82  ? 134 ASP A OD1 1 
ATOM   1086 O  OD2 . ASP A 1 157 ? -3.282  1.196   -10.127 1.00 10.64 ? 134 ASP A OD2 1 
ATOM   1087 N  N   . ASN A 1 158 ? -3.170  1.032   -5.679  1.00 7.27  ? 135 ASN A N   1 
ATOM   1088 C  CA  . ASN A 1 158 ? -4.338  0.437   -5.009  1.00 8.03  ? 135 ASN A CA  1 
ATOM   1089 C  C   . ASN A 1 158 ? -3.879  -0.758  -4.218  1.00 8.35  ? 135 ASN A C   1 
ATOM   1090 O  O   . ASN A 1 158 ? -2.714  -1.195  -4.362  1.00 7.91  ? 135 ASN A O   1 
ATOM   1091 C  CB  . ASN A 1 158 ? -5.472  0.082   -6.028  1.00 8.93  ? 135 ASN A CB  1 
ATOM   1092 C  CG  . ASN A 1 158 ? -5.142  -1.068  -6.942  1.00 9.46  ? 135 ASN A CG  1 
ATOM   1093 O  OD1 . ASN A 1 158 ? -5.430  -1.026  -8.163  1.00 13.78 ? 135 ASN A OD1 1 
ATOM   1094 N  ND2 . ASN A 1 158 ? -4.644  -2.085  -6.408  1.00 9.40  ? 135 ASN A ND2 1 
ATOM   1095 N  N   . ILE A 1 159 ? -4.756  -1.268  -3.371  1.00 8.13  ? 136 ILE A N   1 
ATOM   1096 C  CA  . ILE A 1 159 ? -4.610  -2.590  -2.782  1.00 8.99  ? 136 ILE A CA  1 
ATOM   1097 C  C   . ILE A 1 159 ? -5.837  -3.418  -3.065  1.00 8.78  ? 136 ILE A C   1 
ATOM   1098 O  O   . ILE A 1 159 ? -6.957  -2.885  -3.268  1.00 9.27  ? 136 ILE A O   1 
ATOM   1099 C  CB  . ILE A 1 159 ? -4.381  -2.568  -1.266  1.00 9.51  ? 136 ILE A CB  1 
ATOM   1100 C  CG1 . ILE A 1 159 ? -5.519  -1.844  -0.538  1.00 10.21 ? 136 ILE A CG1 1 
ATOM   1101 C  CG2 . ILE A 1 159 ? -3.031  -1.970  -0.985  1.00 10.07 ? 136 ILE A CG2 1 
ATOM   1102 C  CD1 . ILE A 1 159 ? -5.443  -1.923  0.961   1.00 11.16 ? 136 ILE A CD1 1 
ATOM   1103 N  N   . THR A 1 160 ? -5.650  -4.721  -3.136  1.00 8.59  ? 137 THR A N   1 
ATOM   1104 C  CA  . THR A 1 160 ? -6.780  -5.672  -3.210  1.00 9.56  ? 137 THR A CA  1 
ATOM   1105 C  C   . THR A 1 160 ? -6.662  -6.583  -2.034  1.00 9.79  ? 137 THR A C   1 
ATOM   1106 O  O   . THR A 1 160 ? -5.577  -7.132  -1.774  1.00 11.20 ? 137 THR A O   1 
ATOM   1107 C  CB  . THR A 1 160 ? -6.785  -6.440  -4.516  1.00 10.57 ? 137 THR A CB  1 
ATOM   1108 O  OG1 . THR A 1 160 ? -6.831  -5.519  -5.606  1.00 12.32 ? 137 THR A OG1 1 
ATOM   1109 C  CG2 . THR A 1 160 ? -7.976  -7.389  -4.607  1.00 11.35 ? 137 THR A CG2 1 
ATOM   1110 N  N   . VAL A 1 161 ? -7.744  -6.795  -1.309  1.00 9.56  ? 138 VAL A N   1 
ATOM   1111 C  CA  . VAL A 1 161 ? -7.759  -7.626  -0.100  1.00 9.84  ? 138 VAL A CA  1 
ATOM   1112 C  C   . VAL A 1 161 ? -8.662  -8.806  -0.381  1.00 10.67 ? 138 VAL A C   1 
ATOM   1113 O  O   . VAL A 1 161 ? -9.817  -8.628  -0.805  1.00 10.87 ? 138 VAL A O   1 
ATOM   1114 C  CB  . VAL A 1 161 ? -8.304  -6.828  1.095   1.00 10.02 ? 138 VAL A CB  1 
ATOM   1115 C  CG1 . VAL A 1 161 ? -8.305  -7.672  2.354   1.00 11.05 ? 138 VAL A CG1 1 
ATOM   1116 C  CG2 . VAL A 1 161 ? -7.479  -5.556  1.286   1.00 10.30 ? 138 VAL A CG2 1 
ATOM   1117 N  N   A THR A 1 162 ? -8.169  -9.992  -0.093  0.50 10.35 ? 139 THR A N   1 
ATOM   1118 N  N   B THR A 1 162 ? -8.153  -10.015 -0.223  0.50 10.93 ? 139 THR A N   1 
ATOM   1119 C  CA  A THR A 1 162 ? -8.861  -11.246 -0.381  0.50 11.03 ? 139 THR A CA  1 
ATOM   1120 C  CA  B THR A 1 162 ? -8.941  -11.247 -0.439  0.50 12.16 ? 139 THR A CA  1 
ATOM   1121 C  C   A THR A 1 162 ? -8.656  -12.142 0.836   0.50 11.35 ? 139 THR A C   1 
ATOM   1122 C  C   B THR A 1 162 ? -8.627  -12.244 0.679   0.50 12.00 ? 139 THR A C   1 
ATOM   1123 O  O   A THR A 1 162 ? -7.619  -12.110 1.495   0.50 10.34 ? 139 THR A O   1 
ATOM   1124 O  O   B THR A 1 162 ? -7.457  -12.419 1.063   0.50 10.99 ? 139 THR A O   1 
ATOM   1125 C  CB  A THR A 1 162 ? -8.274  -11.860 -1.677  0.50 11.34 ? 139 THR A CB  1 
ATOM   1126 C  CB  B THR A 1 162 ? -8.598  -11.863 -1.813  0.50 13.24 ? 139 THR A CB  1 
ATOM   1127 O  OG1 A THR A 1 162 ? -8.419  -10.909 -2.761  0.50 10.96 ? 139 THR A OG1 1 
ATOM   1128 O  OG1 B THR A 1 162 ? -9.560  -12.857 -2.195  0.50 15.57 ? 139 THR A OG1 1 
ATOM   1129 C  CG2 A THR A 1 162 ? -8.935  -13.178 -2.038  0.50 12.00 ? 139 THR A CG2 1 
ATOM   1130 C  CG2 B THR A 1 162 ? -7.223  -12.458 -1.776  0.50 13.66 ? 139 THR A CG2 1 
ATOM   1131 N  N   . ALA A 1 163 ? -9.646  -12.946 1.190   1.00 12.08 ? 140 ALA A N   1 
ATOM   1132 C  CA  . ALA A 1 163 ? -9.457  -13.915 2.230   1.00 13.40 ? 140 ALA A CA  1 
ATOM   1133 C  C   . ALA A 1 163 ? -8.550  -15.004 1.717   1.00 15.91 ? 140 ALA A C   1 
ATOM   1134 O  O   . ALA A 1 163 ? -8.713  -15.447 0.585   1.00 16.70 ? 140 ALA A O   1 
ATOM   1135 C  CB  . ALA A 1 163 ? -10.792 -14.511 2.634   1.00 14.56 ? 140 ALA A CB  1 
ATOM   1136 N  N   . SER A 1 164 ? -7.577  -15.418 2.523   1.00 18.11 ? 141 SER A N   1 
ATOM   1137 C  CA  . SER A 1 164 ? -6.561  -16.379 2.053   1.00 23.17 ? 141 SER A CA  1 
ATOM   1138 C  C   . SER A 1 164 ? -7.144  -17.780 1.948   1.00 28.32 ? 141 SER A C   1 
ATOM   1139 O  O   . SER A 1 164 ? -8.159  -18.103 2.566   1.00 31.37 ? 141 SER A O   1 
ATOM   1140 C  CB  . SER A 1 164 ? -5.333  -16.382 2.968   1.00 24.26 ? 141 SER A CB  1 
ATOM   1141 O  OG  . SER A 1 164 ? -4.631  -15.146 2.909   1.00 28.20 ? 141 SER A OG  1 
ATOM   1142 O  OXT . SER A 1 164 ? -6.598  -18.618 1.223   1.00 34.36 ? 141 SER A OXT 1 
HETATM 1143 C  C1  . XYP B 2 .   ? 11.554  13.075  -10.283 1.00 39.75 ? 1   XYP B C1  1 
HETATM 1144 C  C2  . XYP B 2 .   ? 11.444  12.439  -8.892  1.00 36.36 ? 1   XYP B C2  1 
HETATM 1145 C  C3  . XYP B 2 .   ? 11.184  13.497  -7.832  1.00 39.19 ? 1   XYP B C3  1 
HETATM 1146 C  C4  . XYP B 2 .   ? 12.422  14.363  -7.847  1.00 41.13 ? 1   XYP B C4  1 
HETATM 1147 C  C5  . XYP B 2 .   ? 12.550  14.976  -9.241  1.00 39.25 ? 1   XYP B C5  1 
HETATM 1148 O  O2  . XYP B 2 .   ? 10.112  12.108  -9.141  1.00 20.88 ? 1   XYP B O2  1 
HETATM 1149 O  O3  . XYP B 2 .   ? 10.965  12.934  -6.533  1.00 38.13 ? 1   XYP B O3  1 
HETATM 1150 O  O4  . XYP B 2 .   ? 12.258  15.367  -6.843  1.00 40.89 ? 1   XYP B O4  1 
HETATM 1151 O  O5  . XYP B 2 .   ? 12.667  13.967  -10.262 1.00 38.39 ? 1   XYP B O5  1 
HETATM 1152 C  C1  . GCU B 2 .   ? 10.240  10.747  -9.608  1.00 17.30 ? 2   GCU B C1  1 
HETATM 1153 C  C2  . GCU B 2 .   ? 8.852   10.353  -10.042 1.00 16.50 ? 2   GCU B C2  1 
HETATM 1154 C  C3  . GCU B 2 .   ? 7.919   10.178  -8.864  1.00 16.47 ? 2   GCU B C3  1 
HETATM 1155 C  C4  . GCU B 2 .   ? 8.587   9.200   -7.808  1.00 13.77 ? 2   GCU B C4  1 
HETATM 1156 C  C5  . GCU B 2 .   ? 9.937   9.773   -7.418  1.00 14.37 ? 2   GCU B C5  1 
HETATM 1157 C  C6  . GCU B 2 .   ? 10.654  8.944   -6.435  1.00 13.87 ? 2   GCU B C6  1 
HETATM 1158 O  O2  . GCU B 2 .   ? 8.355   11.295  -11.027 1.00 18.07 ? 2   GCU B O2  1 
HETATM 1159 O  O3  . GCU B 2 .   ? 6.640   9.650   -9.200  1.00 15.22 ? 2   GCU B O3  1 
HETATM 1160 O  O4  . GCU B 2 .   ? 7.760   9.190   -6.625  1.00 10.35 ? 2   GCU B O4  1 
HETATM 1161 O  O5  . GCU B 2 .   ? 10.684  9.822   -8.616  1.00 16.25 ? 2   GCU B O5  1 
HETATM 1162 O  O6A . GCU B 2 .   ? 10.097  8.678   -5.360  1.00 10.58 ? 2   GCU B O6A 1 
HETATM 1163 O  O6B . GCU B 2 .   ? 11.780  8.533   -6.686  1.00 16.45 ? 2   GCU B O6B 1 
HETATM 1164 CA CA  . CA  C 3 .   ? 8.190   9.423   -4.189  1.00 8.23  ? 203 CA  A CA  1 
HETATM 1165 CA CA  . CA  D 3 .   ? -5.365  4.314   -8.069  1.00 8.45  ? 204 CA  A CA  1 
HETATM 1166 O  O   . HOH E 4 .   ? 5.067   17.101  6.898   1.00 20.51 ? 301 HOH A O   1 
HETATM 1167 O  O   . HOH E 4 .   ? -3.539  6.133   -17.626 1.00 16.55 ? 302 HOH A O   1 
HETATM 1168 O  O   . HOH E 4 .   ? 6.791   7.401   -4.227  1.00 8.50  ? 303 HOH A O   1 
HETATM 1169 O  O   . HOH E 4 .   ? -12.942 -11.547 4.208   1.00 12.33 ? 304 HOH A O   1 
HETATM 1170 O  O   . HOH E 4 .   ? -3.367  0.744   10.899  1.00 8.72  ? 305 HOH A O   1 
HETATM 1171 O  O   . HOH E 4 .   ? 11.144  3.543   3.220   1.00 8.02  ? 306 HOH A O   1 
HETATM 1172 O  O   . HOH E 4 .   ? 13.869  1.625   4.498   1.00 13.50 ? 307 HOH A O   1 
HETATM 1173 O  O   . HOH E 4 .   ? -5.815  -9.871  -2.827  1.00 14.06 ? 308 HOH A O   1 
HETATM 1174 O  O   . HOH E 4 .   ? 4.031   5.699   -11.039 1.00 8.97  ? 309 HOH A O   1 
HETATM 1175 O  O   . HOH E 4 .   ? 6.640   16.261  2.444   1.00 12.04 ? 310 HOH A O   1 
HETATM 1176 O  O   . HOH E 4 .   ? 14.625  -4.110  -6.565  1.00 15.31 ? 311 HOH A O   1 
HETATM 1177 O  O   . HOH E 4 .   ? -1.341  8.742   6.766   1.00 14.67 ? 312 HOH A O   1 
HETATM 1178 O  O   . HOH E 4 .   ? 3.428   -12.339 3.343   1.00 16.32 ? 313 HOH A O   1 
HETATM 1179 O  O   . HOH E 4 .   ? 12.422  12.998  -0.761  1.00 10.74 ? 314 HOH A O   1 
HETATM 1180 O  O   . HOH E 4 .   ? 8.696   11.730  -4.666  1.00 12.71 ? 315 HOH A O   1 
HETATM 1181 O  O   . HOH E 4 .   ? 1.376   -10.356 -6.128  1.00 22.37 ? 316 HOH A O   1 
HETATM 1182 O  O   . HOH E 4 .   ? -9.427  -14.860 6.106   1.00 15.72 ? 317 HOH A O   1 
HETATM 1183 O  O   . HOH E 4 .   ? -3.100  -6.063  13.884  1.00 15.21 ? 318 HOH A O   1 
HETATM 1184 O  O   . HOH E 4 .   ? -13.569 -3.943  -5.475  1.00 21.42 ? 319 HOH A O   1 
HETATM 1185 O  O   . HOH E 4 .   ? 14.698  3.113   -5.021  1.00 13.22 ? 320 HOH A O   1 
HETATM 1186 O  O   . HOH E 4 .   ? -11.620 -6.193  2.203   1.00 13.86 ? 321 HOH A O   1 
HETATM 1187 O  O   . HOH E 4 .   ? 12.078  11.533  -3.107  1.00 17.31 ? 322 HOH A O   1 
HETATM 1188 O  O   . HOH E 4 .   ? -4.215  -4.679  -6.197  1.00 13.01 ? 323 HOH A O   1 
HETATM 1189 O  O   . HOH E 4 .   ? -0.562  -9.765  10.537  1.00 14.53 ? 324 HOH A O   1 
HETATM 1190 O  O   . HOH E 4 .   ? 15.409  4.651   -1.828  1.00 13.68 ? 325 HOH A O   1 
HETATM 1191 O  O   . HOH E 4 .   ? 16.031  2.134   -2.839  1.00 15.41 ? 326 HOH A O   1 
HETATM 1192 O  O   . HOH E 4 .   ? 4.039   -8.050  -10.700 1.00 24.36 ? 327 HOH A O   1 
HETATM 1193 O  O   . HOH E 4 .   ? -12.221 -8.408  0.595   1.00 20.67 ? 328 HOH A O   1 
HETATM 1194 O  O   . HOH E 4 .   ? -13.311 -4.844  12.783  1.00 13.92 ? 329 HOH A O   1 
HETATM 1195 O  O   . HOH E 4 .   ? -5.054  12.946  3.529   1.00 18.96 ? 330 HOH A O   1 
HETATM 1196 O  O   . HOH E 4 .   ? 4.351   -11.016 -4.079  1.00 22.44 ? 331 HOH A O   1 
HETATM 1197 O  O   . HOH E 4 .   ? 6.793   3.148   10.786  1.00 17.05 ? 332 HOH A O   1 
HETATM 1198 O  O   . HOH E 4 .   ? -2.841  14.973  -2.607  1.00 18.80 ? 333 HOH A O   1 
HETATM 1199 O  O   . HOH E 4 .   ? 8.276   -6.703  -4.394  1.00 20.49 ? 334 HOH A O   1 
HETATM 1200 O  O   . HOH E 4 .   ? -5.803  -6.647  14.078  1.00 19.91 ? 335 HOH A O   1 
HETATM 1201 O  O   . HOH E 4 .   ? -2.499  -8.150  11.942  1.00 18.57 ? 336 HOH A O   1 
HETATM 1202 O  O   . HOH E 4 .   ? 0.387   14.611  -11.282 1.00 21.90 ? 337 HOH A O   1 
HETATM 1203 O  O   . HOH E 4 .   ? 8.723   5.202   9.815   1.00 15.34 ? 338 HOH A O   1 
HETATM 1204 O  O   . HOH E 4 .   ? -11.519 2.619   -3.715  1.00 18.11 ? 339 HOH A O   1 
HETATM 1205 O  O   . HOH E 4 .   ? 9.470   13.557  -2.821  1.00 16.53 ? 340 HOH A O   1 
HETATM 1206 O  O   . HOH E 4 .   ? 5.439   -10.277 -0.722  1.00 20.76 ? 341 HOH A O   1 
HETATM 1207 O  O   . HOH E 4 .   ? 1.140   15.605  5.337   1.00 23.27 ? 342 HOH A O   1 
HETATM 1208 O  O   . HOH E 4 .   ? -7.384  -17.573 7.891   1.00 21.86 ? 343 HOH A O   1 
HETATM 1209 O  O   . HOH E 4 .   ? 8.153   13.495  -6.949  1.00 18.81 ? 344 HOH A O   1 
HETATM 1210 O  O   . HOH E 4 .   ? -4.162  -5.541  -8.844  1.00 20.85 ? 345 HOH A O   1 
HETATM 1211 O  O   . HOH E 4 .   ? -10.211 2.384   3.276   1.00 22.78 ? 346 HOH A O   1 
HETATM 1212 O  O   . HOH E 4 .   ? -9.207  -0.649  13.624  1.00 25.50 ? 347 HOH A O   1 
HETATM 1213 O  O   . HOH E 4 .   ? 4.515   15.734  0.702   1.00 19.64 ? 348 HOH A O   1 
HETATM 1214 O  O   . HOH E 4 .   ? 2.990   -1.233  16.894  1.00 20.84 ? 349 HOH A O   1 
HETATM 1215 O  O   . HOH E 4 .   ? 8.471   12.812  7.120   1.00 14.43 ? 350 HOH A O   1 
HETATM 1216 O  O   . HOH E 4 .   ? -7.758  4.942   -14.246 1.00 23.04 ? 351 HOH A O   1 
HETATM 1217 O  O   . HOH E 4 .   ? 14.949  -4.746  1.676   1.00 26.76 ? 352 HOH A O   1 
HETATM 1218 O  O   . HOH E 4 .   ? -6.724  10.378  -0.066  1.00 21.42 ? 353 HOH A O   1 
HETATM 1219 O  O   . HOH E 4 .   ? 16.337  -1.119  0.332   1.00 28.25 ? 354 HOH A O   1 
HETATM 1220 O  O   . HOH E 4 .   ? -5.754  -3.485  -9.882  1.00 17.79 ? 355 HOH A O   1 
HETATM 1221 O  O   . HOH E 4 .   ? -6.174  12.838  0.616   1.00 28.78 ? 356 HOH A O   1 
HETATM 1222 O  O   . HOH E 4 .   ? 9.768   5.584   -15.787 1.00 24.10 ? 357 HOH A O   1 
HETATM 1223 O  O   . HOH E 4 .   ? -2.849  8.415   9.091   1.00 25.03 ? 358 HOH A O   1 
HETATM 1224 O  O   . HOH E 4 .   ? -11.267 -4.994  14.624  1.00 27.34 ? 359 HOH A O   1 
HETATM 1225 O  O   . HOH E 4 .   ? 15.964  6.677   -3.641  1.00 23.37 ? 360 HOH A O   1 
HETATM 1226 O  O   . HOH E 4 .   ? 10.301  -1.323  11.447  1.00 19.22 ? 361 HOH A O   1 
HETATM 1227 O  O   . HOH E 4 .   ? -4.490  -12.071 -3.913  1.00 25.36 ? 362 HOH A O   1 
HETATM 1228 O  O   . HOH E 4 .   ? -0.844  9.658   -17.136 1.00 27.74 ? 363 HOH A O   1 
HETATM 1229 O  O   . HOH E 4 .   ? -7.945  11.885  -4.410  1.00 29.91 ? 364 HOH A O   1 
HETATM 1230 O  O   . HOH E 4 .   ? -6.813  -13.010 11.984  1.00 25.48 ? 365 HOH A O   1 
HETATM 1231 O  O   . HOH E 4 .   ? -1.954  -12.385 -4.885  1.00 23.62 ? 366 HOH A O   1 
HETATM 1232 O  O   . HOH E 4 .   ? -14.745 -14.482 11.726  1.00 23.91 ? 367 HOH A O   1 
HETATM 1233 O  O   . HOH E 4 .   ? 5.372   14.986  -5.526  1.00 24.81 ? 368 HOH A O   1 
HETATM 1234 O  O   . HOH E 4 .   ? 17.815  5.156   -0.328  1.00 22.40 ? 369 HOH A O   1 
HETATM 1235 O  O   . HOH E 4 .   ? -5.251  -3.458  -12.684 1.00 26.12 ? 370 HOH A O   1 
HETATM 1236 O  O   . HOH E 4 .   ? -13.650 -0.383  -2.300  1.00 29.95 ? 371 HOH A O   1 
HETATM 1237 O  O   . HOH E 4 .   ? -1.773  14.981  0.140   1.00 23.70 ? 372 HOH A O   1 
HETATM 1238 O  O   . HOH E 4 .   ? -10.059 2.291   -13.020 1.00 27.62 ? 373 HOH A O   1 
HETATM 1239 O  O   . HOH E 4 .   ? 8.399   -5.548  -13.814 1.00 27.93 ? 374 HOH A O   1 
HETATM 1240 O  O   . HOH E 4 .   ? 6.482   -6.362  -8.616  1.00 30.51 ? 375 HOH A O   1 
HETATM 1241 O  O   . HOH E 4 .   ? -13.926 -15.694 13.969  1.00 36.43 ? 376 HOH A O   1 
HETATM 1242 O  O   . HOH E 4 .   ? 17.049  -3.298  -7.569  1.00 33.33 ? 377 HOH A O   1 
HETATM 1243 O  O   . HOH E 4 .   ? -2.166  13.468  7.629   1.00 38.86 ? 378 HOH A O   1 
HETATM 1244 O  O   . HOH E 4 .   ? 5.696   -10.865 3.374   1.00 26.84 ? 379 HOH A O   1 
HETATM 1245 O  O   . HOH E 4 .   ? 16.330  2.335   5.526   1.00 25.54 ? 380 HOH A O   1 
HETATM 1246 O  O   . HOH E 4 .   ? 12.138  -6.664  -8.967  1.00 30.15 ? 381 HOH A O   1 
HETATM 1247 O  O   . HOH E 4 .   ? 13.163  8.747   -11.454 1.00 29.87 ? 382 HOH A O   1 
HETATM 1248 O  O   . HOH E 4 .   ? 13.328  -4.820  9.863   1.00 25.78 ? 383 HOH A O   1 
HETATM 1249 O  O   . HOH E 4 .   ? 10.710  1.582   11.240  1.00 28.42 ? 384 HOH A O   1 
HETATM 1250 O  O   . HOH E 4 .   ? -1.620  -5.225  -12.312 1.00 29.75 ? 385 HOH A O   1 
HETATM 1251 O  O   . HOH E 4 .   ? -15.246 -5.596  1.225   1.00 23.89 ? 386 HOH A O   1 
HETATM 1252 O  O   . HOH E 4 .   ? -14.386 -9.947  2.587   1.00 35.39 ? 387 HOH A O   1 
HETATM 1253 O  O   . HOH E 4 .   ? 7.075   5.790   -17.808 1.00 20.30 ? 388 HOH A O   1 
HETATM 1254 O  O   . HOH E 4 .   ? 3.778   8.918   9.552   1.00 26.67 ? 389 HOH A O   1 
HETATM 1255 O  O   . HOH E 4 .   ? 0.995   15.307  2.375   1.00 31.99 ? 390 HOH A O   1 
HETATM 1256 O  O   . HOH E 4 .   ? 3.063   -13.436 0.372   1.00 34.05 ? 391 HOH A O   1 
HETATM 1257 O  O   . HOH E 4 .   ? 17.920  -0.962  -3.632  1.00 23.10 ? 392 HOH A O   1 
HETATM 1258 O  O   . HOH E 4 .   ? -7.116  10.475  -13.797 1.00 36.72 ? 393 HOH A O   1 
HETATM 1259 O  O   . HOH E 4 .   ? -10.159 7.018   -7.217  1.00 27.40 ? 394 HOH A O   1 
HETATM 1260 O  O   . HOH E 4 .   ? -16.951 -13.094 11.039  1.00 14.63 ? 395 HOH A O   1 
HETATM 1261 O  O   . HOH E 4 .   ? 7.887   -7.884  -9.995  1.00 27.46 ? 396 HOH A O   1 
HETATM 1262 O  O   . HOH E 4 .   ? 15.822  -6.217  -2.810  1.00 27.09 ? 397 HOH A O   1 
HETATM 1263 O  O   . HOH E 4 .   ? -15.294 -0.819  0.112   1.00 33.86 ? 398 HOH A O   1 
HETATM 1264 O  O   . HOH E 4 .   ? 13.512  9.055   -8.808  1.00 24.34 ? 399 HOH A O   1 
HETATM 1265 O  O   . HOH E 4 .   ? 13.934  -7.905  -1.375  1.00 34.68 ? 400 HOH A O   1 
# 
loop_
_pdbx_poly_seq_scheme.asym_id 
_pdbx_poly_seq_scheme.entity_id 
_pdbx_poly_seq_scheme.seq_id 
_pdbx_poly_seq_scheme.mon_id 
_pdbx_poly_seq_scheme.ndb_seq_num 
_pdbx_poly_seq_scheme.pdb_seq_num 
_pdbx_poly_seq_scheme.auth_seq_num 
_pdbx_poly_seq_scheme.pdb_mon_id 
_pdbx_poly_seq_scheme.auth_mon_id 
_pdbx_poly_seq_scheme.pdb_strand_id 
_pdbx_poly_seq_scheme.pdb_ins_code 
_pdbx_poly_seq_scheme.hetero 
A 1 1   MET 1   -22 ?   ?   ?   A . n 
A 1 2   GLY 2   -21 ?   ?   ?   A . n 
A 1 3   SER 3   -20 ?   ?   ?   A . n 
A 1 4   SER 4   -19 ?   ?   ?   A . n 
A 1 5   HIS 5   -18 ?   ?   ?   A . n 
A 1 6   HIS 6   -17 ?   ?   ?   A . n 
A 1 7   HIS 7   -16 ?   ?   ?   A . n 
A 1 8   HIS 8   -15 ?   ?   ?   A . n 
A 1 9   HIS 9   -14 ?   ?   ?   A . n 
A 1 10  HIS 10  -13 ?   ?   ?   A . n 
A 1 11  SER 11  -12 ?   ?   ?   A . n 
A 1 12  SER 12  -11 ?   ?   ?   A . n 
A 1 13  GLY 13  -10 ?   ?   ?   A . n 
A 1 14  LEU 14  -9  ?   ?   ?   A . n 
A 1 15  VAL 15  -8  ?   ?   ?   A . n 
A 1 16  PRO 16  -7  ?   ?   ?   A . n 
A 1 17  ARG 17  -6  ?   ?   ?   A . n 
A 1 18  GLY 18  -5  ?   ?   ?   A . n 
A 1 19  HIS 19  -4  ?   ?   ?   A . n 
A 1 20  SER 20  -3  ?   ?   ?   A . n 
A 1 21  MET 21  -2  ?   ?   ?   A . n 
A 1 22  ALA 22  -1  ?   ?   ?   A . n 
A 1 23  SER 23  0   ?   ?   ?   A . n 
A 1 24  LEU 24  1   ?   ?   ?   A . n 
A 1 25  SER 25  2   ?   ?   ?   A . n 
A 1 26  GLY 26  3   ?   ?   ?   A . n 
A 1 27  GLY 27  4   ?   ?   ?   A . n 
A 1 28  ASN 28  5   ?   ?   ?   A . n 
A 1 29  SER 29  6   ?   ?   ?   A . n 
A 1 30  GLY 30  7   ?   ?   ?   A . n 
A 1 31  GLY 31  8   ?   ?   ?   A . n 
A 1 32  GLY 32  9   ?   ?   ?   A . n 
A 1 33  ASN 33  10  ?   ?   ?   A . n 
A 1 34  VAL 34  11  ?   ?   ?   A . n 
A 1 35  ASN 35  12  ?   ?   ?   A . n 
A 1 36  THR 36  13  13  THR THR A . n 
A 1 37  GLY 37  14  14  GLY GLY A . n 
A 1 38  THR 38  15  15  THR THR A . n 
A 1 39  THR 39  16  16  THR THR A . n 
A 1 40  TYR 40  17  17  TYR TYR A . n 
A 1 41  GLU 41  18  18  GLU GLU A . n 
A 1 42  ALA 42  19  19  ALA ALA A . n 
A 1 43  GLU 43  20  20  GLU GLU A . n 
A 1 44  THR 44  21  21  THR THR A . n 
A 1 45  GLY 45  22  22  GLY GLY A . n 
A 1 46  THR 46  23  23  THR THR A . n 
A 1 47  THR 47  24  24  THR THR A . n 
A 1 48  LEU 48  25  25  LEU LEU A . n 
A 1 49  THR 49  26  26  THR THR A . n 
A 1 50  ASP 50  27  27  ASP ASP A . n 
A 1 51  ALA 51  28  28  ALA ALA A . n 
A 1 52  VAL 52  29  29  VAL VAL A . n 
A 1 53  VAL 53  30  30  VAL VAL A . n 
A 1 54  GLU 54  31  31  GLU GLU A . n 
A 1 55  THR 55  32  32  THR THR A . n 
A 1 56  LEU 56  33  33  LEU LEU A . n 
A 1 57  TYR 57  34  34  TYR TYR A . n 
A 1 58  PRO 58  35  35  PRO PRO A . n 
A 1 59  GLY 59  36  36  GLY GLY A . n 
A 1 60  TYR 60  37  37  TYR TYR A . n 
A 1 61  THR 61  38  38  THR THR A . n 
A 1 62  GLY 62  39  39  GLY GLY A . n 
A 1 63  SER 63  40  40  SER SER A . n 
A 1 64  GLY 64  41  41  GLY GLY A . n 
A 1 65  TYR 65  42  42  TYR TYR A . n 
A 1 66  VAL 66  43  43  VAL VAL A . n 
A 1 67  ASN 67  44  44  ASN ASN A . n 
A 1 68  PHE 68  45  45  PHE PHE A . n 
A 1 69  ASN 69  46  46  ASN ASN A . n 
A 1 70  ALA 70  47  47  ALA ALA A . n 
A 1 71  TYR 71  48  48  TYR TYR A . n 
A 1 72  THR 72  49  49  THR THR A . n 
A 1 73  ASN 73  50  50  ASN ASN A . n 
A 1 74  SER 74  51  51  SER SER A . n 
A 1 75  ALA 75  52  52  ALA ALA A . n 
A 1 76  ILE 76  53  53  ILE ILE A . n 
A 1 77  GLU 77  54  54  GLU GLU A . n 
A 1 78  TRP 78  55  55  TRP TRP A . n 
A 1 79  ASN 79  56  56  ASN ASN A . n 
A 1 80  ALA 80  57  57  ALA ALA A . n 
A 1 81  ILE 81  58  58  ILE ILE A . n 
A 1 82  ASN 82  59  59  ASN ASN A . n 
A 1 83  ASN 83  60  60  ASN ASN A . n 
A 1 84  MET 84  61  61  MET MET A . n 
A 1 85  THR 85  62  62  THR THR A . n 
A 1 86  THR 86  63  63  THR THR A . n 
A 1 87  GLY 87  64  64  GLY GLY A . n 
A 1 88  THR 88  65  65  THR THR A . n 
A 1 89  LYS 89  66  66  LYS LYS A . n 
A 1 90  ASN 90  67  67  ASN ASN A . n 
A 1 91  VAL 91  68  68  VAL VAL A . n 
A 1 92  LYS 92  69  69  LYS LYS A . n 
A 1 93  PHE 93  70  70  PHE PHE A . n 
A 1 94  ARG 94  71  71  ARG ARG A . n 
A 1 95  TYR 95  72  72  TYR TYR A . n 
A 1 96  ALA 96  73  73  ALA ALA A . n 
A 1 97  LEU 97  74  74  LEU LEU A . n 
A 1 98  GLU 98  75  75  GLU GLU A . n 
A 1 99  SER 99  76  76  SER SER A . n 
A 1 100 GLY 100 77  77  GLY GLY A . n 
A 1 101 THR 101 78  78  THR THR A . n 
A 1 102 ARG 102 79  79  ARG ARG A . n 
A 1 103 ASN 103 80  80  ASN ASN A . n 
A 1 104 LEU 104 81  81  LEU LEU A . n 
A 1 105 ASP 105 82  82  ASP ASP A . n 
A 1 106 ILE 106 83  83  ILE ILE A . n 
A 1 107 TYR 107 84  84  TYR TYR A . n 
A 1 108 VAL 108 85  85  VAL VAL A . n 
A 1 109 ASN 109 86  86  ASN ASN A . n 
A 1 110 GLY 110 87  87  GLY GLY A . n 
A 1 111 THR 111 88  88  THR THR A . n 
A 1 112 LYS 112 89  89  LYS LYS A . n 
A 1 113 VAL 113 90  90  VAL VAL A . n 
A 1 114 LEU 114 91  91  LEU LEU A . n 
A 1 115 SER 115 92  92  SER SER A . n 
A 1 116 ASN 116 93  93  ASN ASN A . n 
A 1 117 GLU 117 94  94  GLU GLU A . n 
A 1 118 PRO 118 95  95  PRO PRO A . n 
A 1 119 PHE 119 96  96  PHE PHE A . n 
A 1 120 THR 120 97  97  THR THR A . n 
A 1 121 GLU 121 98  98  GLU GLU A . n 
A 1 122 THR 122 99  99  THR THR A . n 
A 1 123 GLY 123 100 100 GLY GLY A . n 
A 1 124 SER 124 101 101 SER SER A . n 
A 1 125 TRP 125 102 102 TRP TRP A . n 
A 1 126 SER 126 103 103 SER SER A . n 
A 1 127 THR 127 104 104 THR THR A . n 
A 1 128 TRP 128 105 105 TRP TRP A . n 
A 1 129 GLY 129 106 106 GLY GLY A . n 
A 1 130 GLU 130 107 107 GLU GLU A . n 
A 1 131 LYS 131 108 108 LYS LYS A . n 
A 1 132 THR 132 109 109 THR THR A . n 
A 1 133 ILE 133 110 110 ILE ILE A . n 
A 1 134 GLN 134 111 111 GLN GLN A . n 
A 1 135 VAL 135 112 112 VAL VAL A . n 
A 1 136 ALA 136 113 113 ALA ALA A . n 
A 1 137 MET 137 114 114 MET MET A . n 
A 1 138 ASN 138 115 115 ASN ASN A . n 
A 1 139 SER 139 116 116 SER SER A . n 
A 1 140 GLY 140 117 117 GLY GLY A . n 
A 1 141 VAL 141 118 118 VAL VAL A . n 
A 1 142 ASN 142 119 119 ASN ASN A . n 
A 1 143 THR 143 120 120 THR THR A . n 
A 1 144 LEU 144 121 121 LEU LEU A . n 
A 1 145 ARG 145 122 122 ARG ARG A . n 
A 1 146 ILE 146 123 123 ILE ILE A . n 
A 1 147 VAL 147 124 124 VAL VAL A . n 
A 1 148 THR 148 125 125 THR THR A . n 
A 1 149 THR 149 126 126 THR THR A . n 
A 1 150 GLY 150 127 127 GLY GLY A . n 
A 1 151 THR 151 128 128 THR THR A . n 
A 1 152 GLU 152 129 129 GLU GLU A . n 
A 1 153 GLY 153 130 130 GLY GLY A . n 
A 1 154 PRO 154 131 131 PRO PRO A . n 
A 1 155 ASN 155 132 132 ASN ASN A . n 
A 1 156 MET 156 133 133 MET MET A . n 
A 1 157 ASP 157 134 134 ASP ASP A . n 
A 1 158 ASN 158 135 135 ASN ASN A . n 
A 1 159 ILE 159 136 136 ILE ILE A . n 
A 1 160 THR 160 137 137 THR THR A . n 
A 1 161 VAL 161 138 138 VAL VAL A . n 
A 1 162 THR 162 139 139 THR THR A . n 
A 1 163 ALA 163 140 140 ALA ALA A . n 
A 1 164 SER 164 141 141 SER SER A . n 
# 
loop_
_pdbx_nonpoly_scheme.asym_id 
_pdbx_nonpoly_scheme.entity_id 
_pdbx_nonpoly_scheme.mon_id 
_pdbx_nonpoly_scheme.ndb_seq_num 
_pdbx_nonpoly_scheme.pdb_seq_num 
_pdbx_nonpoly_scheme.auth_seq_num 
_pdbx_nonpoly_scheme.pdb_mon_id 
_pdbx_nonpoly_scheme.auth_mon_id 
_pdbx_nonpoly_scheme.pdb_strand_id 
_pdbx_nonpoly_scheme.pdb_ins_code 
C 3 CA  1   203 1   CA  CA  A . 
D 3 CA  1   204 2   CA  CA  A . 
E 4 HOH 1   301 1   HOH HOH A . 
E 4 HOH 2   302 2   HOH HOH A . 
E 4 HOH 3   303 3   HOH HOH A . 
E 4 HOH 4   304 4   HOH HOH A . 
E 4 HOH 5   305 5   HOH HOH A . 
E 4 HOH 6   306 6   HOH HOH A . 
E 4 HOH 7   307 7   HOH HOH A . 
E 4 HOH 8   308 8   HOH HOH A . 
E 4 HOH 9   309 9   HOH HOH A . 
E 4 HOH 10  310 10  HOH HOH A . 
E 4 HOH 11  311 11  HOH HOH A . 
E 4 HOH 12  312 13  HOH HOH A . 
E 4 HOH 13  313 14  HOH HOH A . 
E 4 HOH 14  314 15  HOH HOH A . 
E 4 HOH 15  315 16  HOH HOH A . 
E 4 HOH 16  316 17  HOH HOH A . 
E 4 HOH 17  317 18  HOH HOH A . 
E 4 HOH 18  318 19  HOH HOH A . 
E 4 HOH 19  319 20  HOH HOH A . 
E 4 HOH 20  320 21  HOH HOH A . 
E 4 HOH 21  321 22  HOH HOH A . 
E 4 HOH 22  322 23  HOH HOH A . 
E 4 HOH 23  323 24  HOH HOH A . 
E 4 HOH 24  324 25  HOH HOH A . 
E 4 HOH 25  325 26  HOH HOH A . 
E 4 HOH 26  326 27  HOH HOH A . 
E 4 HOH 27  327 28  HOH HOH A . 
E 4 HOH 28  328 29  HOH HOH A . 
E 4 HOH 29  329 31  HOH HOH A . 
E 4 HOH 30  330 32  HOH HOH A . 
E 4 HOH 31  331 33  HOH HOH A . 
E 4 HOH 32  332 34  HOH HOH A . 
E 4 HOH 33  333 36  HOH HOH A . 
E 4 HOH 34  334 38  HOH HOH A . 
E 4 HOH 35  335 39  HOH HOH A . 
E 4 HOH 36  336 40  HOH HOH A . 
E 4 HOH 37  337 41  HOH HOH A . 
E 4 HOH 38  338 42  HOH HOH A . 
E 4 HOH 39  339 43  HOH HOH A . 
E 4 HOH 40  340 44  HOH HOH A . 
E 4 HOH 41  341 45  HOH HOH A . 
E 4 HOH 42  342 46  HOH HOH A . 
E 4 HOH 43  343 47  HOH HOH A . 
E 4 HOH 44  344 48  HOH HOH A . 
E 4 HOH 45  345 49  HOH HOH A . 
E 4 HOH 46  346 50  HOH HOH A . 
E 4 HOH 47  347 51  HOH HOH A . 
E 4 HOH 48  348 52  HOH HOH A . 
E 4 HOH 49  349 53  HOH HOH A . 
E 4 HOH 50  350 54  HOH HOH A . 
E 4 HOH 51  351 55  HOH HOH A . 
E 4 HOH 52  352 56  HOH HOH A . 
E 4 HOH 53  353 57  HOH HOH A . 
E 4 HOH 54  354 58  HOH HOH A . 
E 4 HOH 55  355 59  HOH HOH A . 
E 4 HOH 56  356 60  HOH HOH A . 
E 4 HOH 57  357 61  HOH HOH A . 
E 4 HOH 58  358 62  HOH HOH A . 
E 4 HOH 59  359 63  HOH HOH A . 
E 4 HOH 60  360 64  HOH HOH A . 
E 4 HOH 61  361 65  HOH HOH A . 
E 4 HOH 62  362 66  HOH HOH A . 
E 4 HOH 63  363 68  HOH HOH A . 
E 4 HOH 64  364 69  HOH HOH A . 
E 4 HOH 65  365 70  HOH HOH A . 
E 4 HOH 66  366 71  HOH HOH A . 
E 4 HOH 67  367 72  HOH HOH A . 
E 4 HOH 68  368 73  HOH HOH A . 
E 4 HOH 69  369 74  HOH HOH A . 
E 4 HOH 70  370 75  HOH HOH A . 
E 4 HOH 71  371 78  HOH HOH A . 
E 4 HOH 72  372 79  HOH HOH A . 
E 4 HOH 73  373 80  HOH HOH A . 
E 4 HOH 74  374 81  HOH HOH A . 
E 4 HOH 75  375 82  HOH HOH A . 
E 4 HOH 76  376 84  HOH HOH A . 
E 4 HOH 77  377 85  HOH HOH A . 
E 4 HOH 78  378 88  HOH HOH A . 
E 4 HOH 79  379 90  HOH HOH A . 
E 4 HOH 80  380 91  HOH HOH A . 
E 4 HOH 81  381 92  HOH HOH A . 
E 4 HOH 82  382 93  HOH HOH A . 
E 4 HOH 83  383 94  HOH HOH A . 
E 4 HOH 84  384 95  HOH HOH A . 
E 4 HOH 85  385 96  HOH HOH A . 
E 4 HOH 86  386 97  HOH HOH A . 
E 4 HOH 87  387 99  HOH HOH A . 
E 4 HOH 88  388 100 HOH HOH A . 
E 4 HOH 89  389 101 HOH HOH A . 
E 4 HOH 90  390 102 HOH HOH A . 
E 4 HOH 91  391 106 HOH HOH A . 
E 4 HOH 92  392 107 HOH HOH A . 
E 4 HOH 93  393 108 HOH HOH A . 
E 4 HOH 94  394 109 HOH HOH A . 
E 4 HOH 95  395 110 HOH HOH A . 
E 4 HOH 96  396 111 HOH HOH A . 
E 4 HOH 97  397 112 HOH HOH A . 
E 4 HOH 98  398 114 HOH HOH A . 
E 4 HOH 99  399 115 HOH HOH A . 
E 4 HOH 100 400 116 HOH HOH A . 
# 
_pdbx_struct_assembly.id                   1 
_pdbx_struct_assembly.details              author_and_software_defined_assembly 
_pdbx_struct_assembly.method_details       PISA 
_pdbx_struct_assembly.oligomeric_details   monomeric 
_pdbx_struct_assembly.oligomeric_count     1 
# 
_pdbx_struct_assembly_gen.assembly_id       1 
_pdbx_struct_assembly_gen.oper_expression   1 
_pdbx_struct_assembly_gen.asym_id_list      A,B,C,D,E 
# 
_pdbx_struct_oper_list.id                   1 
_pdbx_struct_oper_list.type                 'identity operation' 
_pdbx_struct_oper_list.name                 1_555 
_pdbx_struct_oper_list.symmetry_operation   x,y,z 
_pdbx_struct_oper_list.matrix[1][1]         1.0000000000 
_pdbx_struct_oper_list.matrix[1][2]         0.0000000000 
_pdbx_struct_oper_list.matrix[1][3]         0.0000000000 
_pdbx_struct_oper_list.vector[1]            0.0000000000 
_pdbx_struct_oper_list.matrix[2][1]         0.0000000000 
_pdbx_struct_oper_list.matrix[2][2]         1.0000000000 
_pdbx_struct_oper_list.matrix[2][3]         0.0000000000 
_pdbx_struct_oper_list.vector[2]            0.0000000000 
_pdbx_struct_oper_list.matrix[3][1]         0.0000000000 
_pdbx_struct_oper_list.matrix[3][2]         0.0000000000 
_pdbx_struct_oper_list.matrix[3][3]         1.0000000000 
_pdbx_struct_oper_list.vector[3]            0.0000000000 
# 
loop_
_pdbx_struct_conn_angle.id 
_pdbx_struct_conn_angle.ptnr1_label_atom_id 
_pdbx_struct_conn_angle.ptnr1_label_alt_id 
_pdbx_struct_conn_angle.ptnr1_label_asym_id 
_pdbx_struct_conn_angle.ptnr1_label_comp_id 
_pdbx_struct_conn_angle.ptnr1_label_seq_id 
_pdbx_struct_conn_angle.ptnr1_auth_atom_id 
_pdbx_struct_conn_angle.ptnr1_auth_asym_id 
_pdbx_struct_conn_angle.ptnr1_auth_comp_id 
_pdbx_struct_conn_angle.ptnr1_auth_seq_id 
_pdbx_struct_conn_angle.ptnr1_PDB_ins_code 
_pdbx_struct_conn_angle.ptnr1_symmetry 
_pdbx_struct_conn_angle.ptnr2_label_atom_id 
_pdbx_struct_conn_angle.ptnr2_label_alt_id 
_pdbx_struct_conn_angle.ptnr2_label_asym_id 
_pdbx_struct_conn_angle.ptnr2_label_comp_id 
_pdbx_struct_conn_angle.ptnr2_label_seq_id 
_pdbx_struct_conn_angle.ptnr2_auth_atom_id 
_pdbx_struct_conn_angle.ptnr2_auth_asym_id 
_pdbx_struct_conn_angle.ptnr2_auth_comp_id 
_pdbx_struct_conn_angle.ptnr2_auth_seq_id 
_pdbx_struct_conn_angle.ptnr2_PDB_ins_code 
_pdbx_struct_conn_angle.ptnr2_symmetry 
_pdbx_struct_conn_angle.ptnr3_label_atom_id 
_pdbx_struct_conn_angle.ptnr3_label_alt_id 
_pdbx_struct_conn_angle.ptnr3_label_asym_id 
_pdbx_struct_conn_angle.ptnr3_label_comp_id 
_pdbx_struct_conn_angle.ptnr3_label_seq_id 
_pdbx_struct_conn_angle.ptnr3_auth_atom_id 
_pdbx_struct_conn_angle.ptnr3_auth_asym_id 
_pdbx_struct_conn_angle.ptnr3_auth_comp_id 
_pdbx_struct_conn_angle.ptnr3_auth_seq_id 
_pdbx_struct_conn_angle.ptnr3_PDB_ins_code 
_pdbx_struct_conn_angle.ptnr3_symmetry 
_pdbx_struct_conn_angle.value 
_pdbx_struct_conn_angle.value_esd 
1  OE1 A A GLU 41  ? A GLU 18  ? 1_555 CA ? D CA . ? A CA 204 ? 1_555 OE1 B A GLU 41  ? A GLU 18  ? 1_555 10.3  ? 
2  OE1 A A GLU 41  ? A GLU 18  ? 1_555 CA ? D CA . ? A CA 204 ? 1_555 OE2 ? A GLU 43  ? A GLU 20  ? 1_555 90.6  ? 
3  OE1 B A GLU 41  ? A GLU 18  ? 1_555 CA ? D CA . ? A CA 204 ? 1_555 OE2 ? A GLU 43  ? A GLU 20  ? 1_555 100.7 ? 
4  OE1 A A GLU 41  ? A GLU 18  ? 1_555 CA ? D CA . ? A CA 204 ? 1_555 OE1 ? A GLU 43  ? A GLU 20  ? 1_555 81.2  ? 
5  OE1 B A GLU 41  ? A GLU 18  ? 1_555 CA ? D CA . ? A CA 204 ? 1_555 OE1 ? A GLU 43  ? A GLU 20  ? 1_555 88.9  ? 
6  OE2 ? A GLU 43  ? A GLU 20  ? 1_555 CA ? D CA . ? A CA 204 ? 1_555 OE1 ? A GLU 43  ? A GLU 20  ? 1_555 52.0  ? 
7  OE1 A A GLU 41  ? A GLU 18  ? 1_555 CA ? D CA . ? A CA 204 ? 1_555 O   A A THR 61  ? A THR 38  ? 1_555 86.9  ? 
8  OE1 B A GLU 41  ? A GLU 18  ? 1_555 CA ? D CA . ? A CA 204 ? 1_555 O   A A THR 61  ? A THR 38  ? 1_555 81.3  ? 
9  OE2 ? A GLU 43  ? A GLU 20  ? 1_555 CA ? D CA . ? A CA 204 ? 1_555 O   A A THR 61  ? A THR 38  ? 1_555 132.5 ? 
10 OE1 ? A GLU 43  ? A GLU 20  ? 1_555 CA ? D CA . ? A CA 204 ? 1_555 O   A A THR 61  ? A THR 38  ? 1_555 80.8  ? 
11 OE1 A A GLU 41  ? A GLU 18  ? 1_555 CA ? D CA . ? A CA 204 ? 1_555 O   B A THR 61  ? A THR 38  ? 1_555 89.1  ? 
12 OE1 B A GLU 41  ? A GLU 18  ? 1_555 CA ? D CA . ? A CA 204 ? 1_555 O   B A THR 61  ? A THR 38  ? 1_555 83.5  ? 
13 OE2 ? A GLU 43  ? A GLU 20  ? 1_555 CA ? D CA . ? A CA 204 ? 1_555 O   B A THR 61  ? A THR 38  ? 1_555 132.2 ? 
14 OE1 ? A GLU 43  ? A GLU 20  ? 1_555 CA ? D CA . ? A CA 204 ? 1_555 O   B A THR 61  ? A THR 38  ? 1_555 80.8  ? 
15 O   A A THR 61  ? A THR 38  ? 1_555 CA ? D CA . ? A CA 204 ? 1_555 O   B A THR 61  ? A THR 38  ? 1_555 2.2   ? 
16 OE1 A A GLU 41  ? A GLU 18  ? 1_555 CA ? D CA . ? A CA 204 ? 1_555 O   ? A GLY 64  ? A GLY 41  ? 1_555 156.5 ? 
17 OE1 B A GLU 41  ? A GLU 18  ? 1_555 CA ? D CA . ? A CA 204 ? 1_555 O   ? A GLY 64  ? A GLY 41  ? 1_555 161.4 ? 
18 OE2 ? A GLU 43  ? A GLU 20  ? 1_555 CA ? D CA . ? A CA 204 ? 1_555 O   ? A GLY 64  ? A GLY 41  ? 1_555 77.8  ? 
19 OE1 ? A GLU 43  ? A GLU 20  ? 1_555 CA ? D CA . ? A CA 204 ? 1_555 O   ? A GLY 64  ? A GLY 41  ? 1_555 75.5  ? 
20 O   A A THR 61  ? A THR 38  ? 1_555 CA ? D CA . ? A CA 204 ? 1_555 O   ? A GLY 64  ? A GLY 41  ? 1_555 86.1  ? 
21 O   B A THR 61  ? A THR 38  ? 1_555 CA ? D CA . ? A CA 204 ? 1_555 O   ? A GLY 64  ? A GLY 41  ? 1_555 84.0  ? 
22 OE1 A A GLU 41  ? A GLU 18  ? 1_555 CA ? D CA . ? A CA 204 ? 1_555 OD1 ? A ASP 157 ? A ASP 134 ? 1_555 114.4 ? 
23 OE1 B A GLU 41  ? A GLU 18  ? 1_555 CA ? D CA . ? A CA 204 ? 1_555 OD1 ? A ASP 157 ? A ASP 134 ? 1_555 105.2 ? 
24 OE2 ? A GLU 43  ? A GLU 20  ? 1_555 CA ? D CA . ? A CA 204 ? 1_555 OD1 ? A ASP 157 ? A ASP 134 ? 1_555 137.2 ? 
25 OE1 ? A GLU 43  ? A GLU 20  ? 1_555 CA ? D CA . ? A CA 204 ? 1_555 OD1 ? A ASP 157 ? A ASP 134 ? 1_555 158.5 ? 
26 O   A A THR 61  ? A THR 38  ? 1_555 CA ? D CA . ? A CA 204 ? 1_555 OD1 ? A ASP 157 ? A ASP 134 ? 1_555 85.2  ? 
27 O   B A THR 61  ? A THR 38  ? 1_555 CA ? D CA . ? A CA 204 ? 1_555 OD1 ? A ASP 157 ? A ASP 134 ? 1_555 84.6  ? 
28 O   ? A GLY 64  ? A GLY 41  ? 1_555 CA ? D CA . ? A CA 204 ? 1_555 OD1 ? A ASP 157 ? A ASP 134 ? 1_555 87.3  ? 
29 OE1 A A GLU 41  ? A GLU 18  ? 1_555 CA ? D CA . ? A CA 204 ? 1_555 O   ? A ASP 157 ? A ASP 134 ? 1_555 78.2  ? 
30 OE1 B A GLU 41  ? A GLU 18  ? 1_555 CA ? D CA . ? A CA 204 ? 1_555 O   ? A ASP 157 ? A ASP 134 ? 1_555 79.2  ? 
31 OE2 ? A GLU 43  ? A GLU 20  ? 1_555 CA ? D CA . ? A CA 204 ? 1_555 O   ? A ASP 157 ? A ASP 134 ? 1_555 77.1  ? 
32 OE1 ? A GLU 43  ? A GLU 20  ? 1_555 CA ? D CA . ? A CA 204 ? 1_555 O   ? A ASP 157 ? A ASP 134 ? 1_555 124.4 ? 
33 O   A A THR 61  ? A THR 38  ? 1_555 CA ? D CA . ? A CA 204 ? 1_555 O   ? A ASP 157 ? A ASP 134 ? 1_555 147.4 ? 
34 O   B A THR 61  ? A THR 38  ? 1_555 CA ? D CA . ? A CA 204 ? 1_555 O   ? A ASP 157 ? A ASP 134 ? 1_555 148.7 ? 
35 O   ? A GLY 64  ? A GLY 41  ? 1_555 CA ? D CA . ? A CA 204 ? 1_555 O   ? A ASP 157 ? A ASP 134 ? 1_555 118.0 ? 
36 OD1 ? A ASP 157 ? A ASP 134 ? 1_555 CA ? D CA . ? A CA 204 ? 1_555 O   ? A ASP 157 ? A ASP 134 ? 1_555 75.1  ? 
37 OD1 ? A ASN 67  ? A ASN 44  ? 1_555 CA ? C CA . ? A CA 203 ? 1_555 O   ? A PHE 68  ? A PHE 45  ? 1_555 73.9  ? 
38 OD1 ? A ASN 67  ? A ASN 44  ? 1_555 CA ? C CA . ? A CA 203 ? 1_555 OE2 ? A GLU 152 ? A GLU 129 ? 1_555 139.6 ? 
39 O   ? A PHE 68  ? A PHE 45  ? 1_555 CA ? C CA . ? A CA 203 ? 1_555 OE2 ? A GLU 152 ? A GLU 129 ? 1_555 73.7  ? 
40 OD1 ? A ASN 67  ? A ASN 44  ? 1_555 CA ? C CA . ? A CA 203 ? 1_555 OE1 ? A GLU 152 ? A GLU 129 ? 1_555 137.6 ? 
41 O   ? A PHE 68  ? A PHE 45  ? 1_555 CA ? C CA . ? A CA 203 ? 1_555 OE1 ? A GLU 152 ? A GLU 129 ? 1_555 75.0  ? 
42 OE2 ? A GLU 152 ? A GLU 129 ? 1_555 CA ? C CA . ? A CA 203 ? 1_555 OE1 ? A GLU 152 ? A GLU 129 ? 1_555 51.7  ? 
43 OD1 ? A ASN 67  ? A ASN 44  ? 1_555 CA ? C CA . ? A CA 203 ? 1_555 O   ? E HOH .   ? A HOH 303 ? 1_555 75.9  ? 
44 O   ? A PHE 68  ? A PHE 45  ? 1_555 CA ? C CA . ? A CA 203 ? 1_555 O   ? E HOH .   ? A HOH 303 ? 1_555 90.0  ? 
45 OE2 ? A GLU 152 ? A GLU 129 ? 1_555 CA ? C CA . ? A CA 203 ? 1_555 O   ? E HOH .   ? A HOH 303 ? 1_555 127.4 ? 
46 OE1 ? A GLU 152 ? A GLU 129 ? 1_555 CA ? C CA . ? A CA 203 ? 1_555 O   ? E HOH .   ? A HOH 303 ? 1_555 75.9  ? 
47 OD1 ? A ASN 67  ? A ASN 44  ? 1_555 CA ? C CA . ? A CA 203 ? 1_555 O   ? E HOH .   ? A HOH 315 ? 1_555 79.6  ? 
48 O   ? A PHE 68  ? A PHE 45  ? 1_555 CA ? C CA . ? A CA 203 ? 1_555 O   ? E HOH .   ? A HOH 315 ? 1_555 89.6  ? 
49 OE2 ? A GLU 152 ? A GLU 129 ? 1_555 CA ? C CA . ? A CA 203 ? 1_555 O   ? E HOH .   ? A HOH 315 ? 1_555 76.6  ? 
50 OE1 ? A GLU 152 ? A GLU 129 ? 1_555 CA ? C CA . ? A CA 203 ? 1_555 O   ? E HOH .   ? A HOH 315 ? 1_555 128.2 ? 
51 O   ? E HOH .   ? A HOH 303 ? 1_555 CA ? C CA . ? A CA 203 ? 1_555 O   ? E HOH .   ? A HOH 315 ? 1_555 154.6 ? 
52 OD1 ? A ASN 67  ? A ASN 44  ? 1_555 CA ? C CA . ? A CA 203 ? 1_555 O6A ? B GCU .   ? B GCU 2   ? 1_555 136.3 ? 
53 O   ? A PHE 68  ? A PHE 45  ? 1_555 CA ? C CA . ? A CA 203 ? 1_555 O6A ? B GCU .   ? B GCU 2   ? 1_555 149.4 ? 
54 OE2 ? A GLU 152 ? A GLU 129 ? 1_555 CA ? C CA . ? A CA 203 ? 1_555 O6A ? B GCU .   ? B GCU 2   ? 1_555 76.9  ? 
55 OE1 ? A GLU 152 ? A GLU 129 ? 1_555 CA ? C CA . ? A CA 203 ? 1_555 O6A ? B GCU .   ? B GCU 2   ? 1_555 80.1  ? 
56 O   ? E HOH .   ? A HOH 303 ? 1_555 CA ? C CA . ? A CA 203 ? 1_555 O6A ? B GCU .   ? B GCU 2   ? 1_555 101.1 ? 
57 O   ? E HOH .   ? A HOH 315 ? 1_555 CA ? C CA . ? A CA 203 ? 1_555 O6A ? B GCU .   ? B GCU 2   ? 1_555 92.0  ? 
58 OD1 ? A ASN 67  ? A ASN 44  ? 1_555 CA ? C CA . ? A CA 203 ? 1_555 O4  ? B GCU .   ? B GCU 2   ? 1_555 68.8  ? 
59 O   ? A PHE 68  ? A PHE 45  ? 1_555 CA ? C CA . ? A CA 203 ? 1_555 O4  ? B GCU .   ? B GCU 2   ? 1_555 142.7 ? 
60 OE2 ? A GLU 152 ? A GLU 129 ? 1_555 CA ? C CA . ? A CA 203 ? 1_555 O4  ? B GCU .   ? B GCU 2   ? 1_555 140.1 ? 
61 OE1 ? A GLU 152 ? A GLU 129 ? 1_555 CA ? C CA . ? A CA 203 ? 1_555 O4  ? B GCU .   ? B GCU 2   ? 1_555 134.2 ? 
62 O   ? E HOH .   ? A HOH 303 ? 1_555 CA ? C CA . ? A CA 203 ? 1_555 O4  ? B GCU .   ? B GCU 2   ? 1_555 79.0  ? 
63 O   ? E HOH .   ? A HOH 315 ? 1_555 CA ? C CA . ? A CA 203 ? 1_555 O4  ? B GCU .   ? B GCU 2   ? 1_555 86.1  ? 
64 O6A ? B GCU .   ? B GCU 2   ? 1_555 CA ? C CA . ? A CA 203 ? 1_555 O4  ? B GCU .   ? B GCU 2   ? 1_555 67.9  ? 
# 
loop_
_pdbx_audit_revision_history.ordinal 
_pdbx_audit_revision_history.data_content_type 
_pdbx_audit_revision_history.major_revision 
_pdbx_audit_revision_history.minor_revision 
_pdbx_audit_revision_history.revision_date 
1 'Structure model' 1 0 2014-10-08 
2 'Structure model' 1 1 2014-11-26 
3 'Structure model' 1 2 2017-11-22 
4 'Structure model' 1 3 2018-01-24 
5 'Structure model' 2 0 2020-07-29 
6 'Structure model' 2 1 2023-09-20 
# 
loop_
_pdbx_audit_revision_details.ordinal 
_pdbx_audit_revision_details.revision_ordinal 
_pdbx_audit_revision_details.data_content_type 
_pdbx_audit_revision_details.provider 
_pdbx_audit_revision_details.type 
_pdbx_audit_revision_details.description 
_pdbx_audit_revision_details.details 
1 1 'Structure model' repository 'Initial release' ?                          ? 
2 5 'Structure model' repository Remediation       'Carbohydrate remediation' ? 
# 
loop_
_pdbx_audit_revision_group.ordinal 
_pdbx_audit_revision_group.revision_ordinal 
_pdbx_audit_revision_group.data_content_type 
_pdbx_audit_revision_group.group 
1  2 'Structure model' 'Database references'    
2  3 'Structure model' 'Refinement description' 
3  4 'Structure model' 'Refinement description' 
4  5 'Structure model' Advisory                 
5  5 'Structure model' 'Atomic model'           
6  5 'Structure model' 'Data collection'        
7  5 'Structure model' 'Database references'    
8  5 'Structure model' 'Derived calculations'   
9  5 'Structure model' 'Structure summary'      
10 6 'Structure model' 'Data collection'        
11 6 'Structure model' 'Database references'    
12 6 'Structure model' 'Refinement description' 
13 6 'Structure model' 'Structure summary'      
# 
loop_
_pdbx_audit_revision_category.ordinal 
_pdbx_audit_revision_category.revision_ordinal 
_pdbx_audit_revision_category.data_content_type 
_pdbx_audit_revision_category.category 
1  3 'Structure model' software                      
2  4 'Structure model' refine                        
3  5 'Structure model' atom_site                     
4  5 'Structure model' chem_comp                     
5  5 'Structure model' entity                        
6  5 'Structure model' pdbx_branch_scheme            
7  5 'Structure model' pdbx_chem_comp_identifier     
8  5 'Structure model' pdbx_entity_branch            
9  5 'Structure model' pdbx_entity_branch_descriptor 
10 5 'Structure model' pdbx_entity_branch_link       
11 5 'Structure model' pdbx_entity_branch_list       
12 5 'Structure model' pdbx_entity_nonpoly           
13 5 'Structure model' pdbx_nonpoly_scheme           
14 5 'Structure model' pdbx_struct_assembly_gen      
15 5 'Structure model' pdbx_struct_conn_angle        
16 5 'Structure model' pdbx_unobs_or_zero_occ_atoms  
17 5 'Structure model' pdbx_validate_close_contact   
18 5 'Structure model' struct_asym                   
19 5 'Structure model' struct_conn                   
20 5 'Structure model' struct_ref_seq_dif            
21 5 'Structure model' struct_site                   
22 5 'Structure model' struct_site_gen               
23 6 'Structure model' chem_comp                     
24 6 'Structure model' chem_comp_atom                
25 6 'Structure model' chem_comp_bond                
26 6 'Structure model' database_2                    
27 6 'Structure model' pdbx_initial_refinement_model 
# 
loop_
_pdbx_audit_revision_item.ordinal 
_pdbx_audit_revision_item.revision_ordinal 
_pdbx_audit_revision_item.data_content_type 
_pdbx_audit_revision_item.item 
1  4 'Structure model' '_refine.pdbx_starting_model'                 
2  5 'Structure model' '_atom_site.B_iso_or_equiv'                   
3  5 'Structure model' '_atom_site.Cartn_x'                          
4  5 'Structure model' '_atom_site.Cartn_y'                          
5  5 'Structure model' '_atom_site.Cartn_z'                          
6  5 'Structure model' '_atom_site.auth_asym_id'                     
7  5 'Structure model' '_atom_site.auth_atom_id'                     
8  5 'Structure model' '_atom_site.auth_comp_id'                     
9  5 'Structure model' '_atom_site.auth_seq_id'                      
10 5 'Structure model' '_atom_site.label_asym_id'                    
11 5 'Structure model' '_atom_site.label_atom_id'                    
12 5 'Structure model' '_atom_site.label_comp_id'                    
13 5 'Structure model' '_atom_site.label_entity_id'                  
14 5 'Structure model' '_atom_site.type_symbol'                      
15 5 'Structure model' '_chem_comp.name'                             
16 5 'Structure model' '_chem_comp.type'                             
17 5 'Structure model' '_pdbx_struct_assembly_gen.asym_id_list'      
18 5 'Structure model' '_pdbx_struct_conn_angle.ptnr1_auth_asym_id'  
19 5 'Structure model' '_pdbx_struct_conn_angle.ptnr1_auth_comp_id'  
20 5 'Structure model' '_pdbx_struct_conn_angle.ptnr1_auth_seq_id'   
21 5 'Structure model' '_pdbx_struct_conn_angle.ptnr1_label_alt_id'  
22 5 'Structure model' '_pdbx_struct_conn_angle.ptnr1_label_asym_id' 
23 5 'Structure model' '_pdbx_struct_conn_angle.ptnr1_label_atom_id' 
24 5 'Structure model' '_pdbx_struct_conn_angle.ptnr1_label_comp_id' 
25 5 'Structure model' '_pdbx_struct_conn_angle.ptnr1_label_seq_id'  
26 5 'Structure model' '_pdbx_struct_conn_angle.ptnr2_label_asym_id' 
27 5 'Structure model' '_pdbx_struct_conn_angle.ptnr3_auth_asym_id'  
28 5 'Structure model' '_pdbx_struct_conn_angle.ptnr3_auth_comp_id'  
29 5 'Structure model' '_pdbx_struct_conn_angle.ptnr3_auth_seq_id'   
30 5 'Structure model' '_pdbx_struct_conn_angle.ptnr3_label_alt_id'  
31 5 'Structure model' '_pdbx_struct_conn_angle.ptnr3_label_asym_id' 
32 5 'Structure model' '_pdbx_struct_conn_angle.ptnr3_label_atom_id' 
33 5 'Structure model' '_pdbx_struct_conn_angle.ptnr3_label_comp_id' 
34 5 'Structure model' '_pdbx_struct_conn_angle.ptnr3_label_seq_id'  
35 5 'Structure model' '_pdbx_struct_conn_angle.value'               
36 5 'Structure model' '_pdbx_unobs_or_zero_occ_atoms.auth_asym_id'  
37 5 'Structure model' '_pdbx_unobs_or_zero_occ_atoms.auth_atom_id'  
38 5 'Structure model' '_pdbx_unobs_or_zero_occ_atoms.auth_seq_id'   
39 5 'Structure model' '_pdbx_unobs_or_zero_occ_atoms.label_atom_id' 
40 5 'Structure model' '_pdbx_unobs_or_zero_occ_atoms.label_seq_id'  
41 5 'Structure model' '_struct_conn.pdbx_dist_value'                
42 5 'Structure model' '_struct_conn.pdbx_leaving_atom_flag'         
43 5 'Structure model' '_struct_conn.pdbx_ptnr1_label_alt_id'        
44 5 'Structure model' '_struct_conn.pdbx_value_order'               
45 5 'Structure model' '_struct_conn.ptnr1_auth_asym_id'             
46 5 'Structure model' '_struct_conn.ptnr1_auth_comp_id'             
47 5 'Structure model' '_struct_conn.ptnr1_auth_seq_id'              
48 5 'Structure model' '_struct_conn.ptnr1_label_asym_id'            
49 5 'Structure model' '_struct_conn.ptnr1_label_atom_id'            
50 5 'Structure model' '_struct_conn.ptnr1_label_comp_id'            
51 5 'Structure model' '_struct_conn.ptnr1_label_seq_id'             
52 5 'Structure model' '_struct_conn.ptnr2_auth_asym_id'             
53 5 'Structure model' '_struct_conn.ptnr2_auth_comp_id'             
54 5 'Structure model' '_struct_conn.ptnr2_auth_seq_id'              
55 5 'Structure model' '_struct_conn.ptnr2_label_asym_id'            
56 5 'Structure model' '_struct_conn.ptnr2_label_atom_id'            
57 5 'Structure model' '_struct_conn.ptnr2_label_comp_id'            
58 5 'Structure model' '_struct_ref_seq_dif.details'                 
59 6 'Structure model' '_chem_comp.pdbx_synonyms'                    
60 6 'Structure model' '_database_2.pdbx_DOI'                        
61 6 'Structure model' '_database_2.pdbx_database_accession'         
# 
loop_
_software.name 
_software.classification 
_software.version 
_software.citation_id 
_software.pdbx_ordinal 
_software.date 
_software.type 
_software.location 
_software.language 
MOLREP phasing          .        ? 1 ? ? ? ? 
REFMAC refinement       5.8.0049 ? 2 ? ? ? ? 
XDS    'data reduction' .        ? 3 ? ? ? ? 
SCALA  'data scaling'   .        ? 4 ? ? ? ? 
# 
loop_
_pdbx_validate_rmsd_angle.id 
_pdbx_validate_rmsd_angle.PDB_model_num 
_pdbx_validate_rmsd_angle.auth_atom_id_1 
_pdbx_validate_rmsd_angle.auth_asym_id_1 
_pdbx_validate_rmsd_angle.auth_comp_id_1 
_pdbx_validate_rmsd_angle.auth_seq_id_1 
_pdbx_validate_rmsd_angle.PDB_ins_code_1 
_pdbx_validate_rmsd_angle.label_alt_id_1 
_pdbx_validate_rmsd_angle.auth_atom_id_2 
_pdbx_validate_rmsd_angle.auth_asym_id_2 
_pdbx_validate_rmsd_angle.auth_comp_id_2 
_pdbx_validate_rmsd_angle.auth_seq_id_2 
_pdbx_validate_rmsd_angle.PDB_ins_code_2 
_pdbx_validate_rmsd_angle.label_alt_id_2 
_pdbx_validate_rmsd_angle.auth_atom_id_3 
_pdbx_validate_rmsd_angle.auth_asym_id_3 
_pdbx_validate_rmsd_angle.auth_comp_id_3 
_pdbx_validate_rmsd_angle.auth_seq_id_3 
_pdbx_validate_rmsd_angle.PDB_ins_code_3 
_pdbx_validate_rmsd_angle.label_alt_id_3 
_pdbx_validate_rmsd_angle.angle_value 
_pdbx_validate_rmsd_angle.angle_target_value 
_pdbx_validate_rmsd_angle.angle_deviation 
_pdbx_validate_rmsd_angle.angle_standard_deviation 
_pdbx_validate_rmsd_angle.linker_flag 
1 1 NE A ARG 122 ? B CZ A ARG 122 ? B NH1 A ARG 122 ? B 124.12 120.30 3.82  0.50 N 
2 1 NE A ARG 122 ? B CZ A ARG 122 ? B NH2 A ARG 122 ? B 117.15 120.30 -3.15 0.50 N 
# 
loop_
_pdbx_validate_torsion.id 
_pdbx_validate_torsion.PDB_model_num 
_pdbx_validate_torsion.auth_comp_id 
_pdbx_validate_torsion.auth_asym_id 
_pdbx_validate_torsion.auth_seq_id 
_pdbx_validate_torsion.PDB_ins_code 
_pdbx_validate_torsion.label_alt_id 
_pdbx_validate_torsion.phi 
_pdbx_validate_torsion.psi 
1 1 THR A 32  ? ? -141.70 15.80   
2 1 ALA A 57  ? ? -147.64 52.41   
3 1 GLU A 129 ? ? 64.02   -159.73 
# 
loop_
_pdbx_unobs_or_zero_occ_atoms.id 
_pdbx_unobs_or_zero_occ_atoms.PDB_model_num 
_pdbx_unobs_or_zero_occ_atoms.polymer_flag 
_pdbx_unobs_or_zero_occ_atoms.occupancy_flag 
_pdbx_unobs_or_zero_occ_atoms.auth_asym_id 
_pdbx_unobs_or_zero_occ_atoms.auth_comp_id 
_pdbx_unobs_or_zero_occ_atoms.auth_seq_id 
_pdbx_unobs_or_zero_occ_atoms.PDB_ins_code 
_pdbx_unobs_or_zero_occ_atoms.auth_atom_id 
_pdbx_unobs_or_zero_occ_atoms.label_alt_id 
_pdbx_unobs_or_zero_occ_atoms.label_asym_id 
_pdbx_unobs_or_zero_occ_atoms.label_comp_id 
_pdbx_unobs_or_zero_occ_atoms.label_seq_id 
_pdbx_unobs_or_zero_occ_atoms.label_atom_id 
1 1 Y 1 A MET 61 ? CE ? A MET 84 CE 
2 1 N 1 B XYP 1  ? O1 ? B XYP 1  O1 
# 
loop_
_pdbx_unobs_or_zero_occ_residues.id 
_pdbx_unobs_or_zero_occ_residues.PDB_model_num 
_pdbx_unobs_or_zero_occ_residues.polymer_flag 
_pdbx_unobs_or_zero_occ_residues.occupancy_flag 
_pdbx_unobs_or_zero_occ_residues.auth_asym_id 
_pdbx_unobs_or_zero_occ_residues.auth_comp_id 
_pdbx_unobs_or_zero_occ_residues.auth_seq_id 
_pdbx_unobs_or_zero_occ_residues.PDB_ins_code 
_pdbx_unobs_or_zero_occ_residues.label_asym_id 
_pdbx_unobs_or_zero_occ_residues.label_comp_id 
_pdbx_unobs_or_zero_occ_residues.label_seq_id 
1  1 Y 1 A MET -22 ? A MET 1  
2  1 Y 1 A GLY -21 ? A GLY 2  
3  1 Y 1 A SER -20 ? A SER 3  
4  1 Y 1 A SER -19 ? A SER 4  
5  1 Y 1 A HIS -18 ? A HIS 5  
6  1 Y 1 A HIS -17 ? A HIS 6  
7  1 Y 1 A HIS -16 ? A HIS 7  
8  1 Y 1 A HIS -15 ? A HIS 8  
9  1 Y 1 A HIS -14 ? A HIS 9  
10 1 Y 1 A HIS -13 ? A HIS 10 
11 1 Y 1 A SER -12 ? A SER 11 
12 1 Y 1 A SER -11 ? A SER 12 
13 1 Y 1 A GLY -10 ? A GLY 13 
14 1 Y 1 A LEU -9  ? A LEU 14 
15 1 Y 1 A VAL -8  ? A VAL 15 
16 1 Y 1 A PRO -7  ? A PRO 16 
17 1 Y 1 A ARG -6  ? A ARG 17 
18 1 Y 1 A GLY -5  ? A GLY 18 
19 1 Y 1 A HIS -4  ? A HIS 19 
20 1 Y 1 A SER -3  ? A SER 20 
21 1 Y 1 A MET -2  ? A MET 21 
22 1 Y 1 A ALA -1  ? A ALA 22 
23 1 Y 1 A SER 0   ? A SER 23 
24 1 Y 1 A LEU 1   ? A LEU 24 
25 1 Y 1 A SER 2   ? A SER 25 
26 1 Y 1 A GLY 3   ? A GLY 26 
27 1 Y 1 A GLY 4   ? A GLY 27 
28 1 Y 1 A ASN 5   ? A ASN 28 
29 1 Y 1 A SER 6   ? A SER 29 
30 1 Y 1 A GLY 7   ? A GLY 30 
31 1 Y 1 A GLY 8   ? A GLY 31 
32 1 Y 1 A GLY 9   ? A GLY 32 
33 1 Y 1 A ASN 10  ? A ASN 33 
34 1 Y 1 A VAL 11  ? A VAL 34 
35 1 Y 1 A ASN 12  ? A ASN 35 
# 
loop_
_chem_comp_atom.comp_id 
_chem_comp_atom.atom_id 
_chem_comp_atom.type_symbol 
_chem_comp_atom.pdbx_aromatic_flag 
_chem_comp_atom.pdbx_stereo_config 
_chem_comp_atom.pdbx_ordinal 
ALA N    N  N N 1   
ALA CA   C  N S 2   
ALA C    C  N N 3   
ALA O    O  N N 4   
ALA CB   C  N N 5   
ALA OXT  O  N N 6   
ALA H    H  N N 7   
ALA H2   H  N N 8   
ALA HA   H  N N 9   
ALA HB1  H  N N 10  
ALA HB2  H  N N 11  
ALA HB3  H  N N 12  
ALA HXT  H  N N 13  
ARG N    N  N N 14  
ARG CA   C  N S 15  
ARG C    C  N N 16  
ARG O    O  N N 17  
ARG CB   C  N N 18  
ARG CG   C  N N 19  
ARG CD   C  N N 20  
ARG NE   N  N N 21  
ARG CZ   C  N N 22  
ARG NH1  N  N N 23  
ARG NH2  N  N N 24  
ARG OXT  O  N N 25  
ARG H    H  N N 26  
ARG H2   H  N N 27  
ARG HA   H  N N 28  
ARG HB2  H  N N 29  
ARG HB3  H  N N 30  
ARG HG2  H  N N 31  
ARG HG3  H  N N 32  
ARG HD2  H  N N 33  
ARG HD3  H  N N 34  
ARG HE   H  N N 35  
ARG HH11 H  N N 36  
ARG HH12 H  N N 37  
ARG HH21 H  N N 38  
ARG HH22 H  N N 39  
ARG HXT  H  N N 40  
ASN N    N  N N 41  
ASN CA   C  N S 42  
ASN C    C  N N 43  
ASN O    O  N N 44  
ASN CB   C  N N 45  
ASN CG   C  N N 46  
ASN OD1  O  N N 47  
ASN ND2  N  N N 48  
ASN OXT  O  N N 49  
ASN H    H  N N 50  
ASN H2   H  N N 51  
ASN HA   H  N N 52  
ASN HB2  H  N N 53  
ASN HB3  H  N N 54  
ASN HD21 H  N N 55  
ASN HD22 H  N N 56  
ASN HXT  H  N N 57  
ASP N    N  N N 58  
ASP CA   C  N S 59  
ASP C    C  N N 60  
ASP O    O  N N 61  
ASP CB   C  N N 62  
ASP CG   C  N N 63  
ASP OD1  O  N N 64  
ASP OD2  O  N N 65  
ASP OXT  O  N N 66  
ASP H    H  N N 67  
ASP H2   H  N N 68  
ASP HA   H  N N 69  
ASP HB2  H  N N 70  
ASP HB3  H  N N 71  
ASP HD2  H  N N 72  
ASP HXT  H  N N 73  
CA  CA   CA N N 74  
GCU C1   C  N S 75  
GCU C2   C  N R 76  
GCU C3   C  N S 77  
GCU C4   C  N S 78  
GCU C5   C  N S 79  
GCU C6   C  N N 80  
GCU O1   O  N N 81  
GCU O2   O  N N 82  
GCU O3   O  N N 83  
GCU O4   O  N N 84  
GCU O5   O  N N 85  
GCU O6A  O  N N 86  
GCU O6B  O  N N 87  
GCU H1   H  N N 88  
GCU H2   H  N N 89  
GCU H3   H  N N 90  
GCU H4   H  N N 91  
GCU H5   H  N N 92  
GCU HO1  H  N N 93  
GCU HO2  H  N N 94  
GCU HO3  H  N N 95  
GCU HO4  H  N N 96  
GCU HO6B H  N N 97  
GLN N    N  N N 98  
GLN CA   C  N S 99  
GLN C    C  N N 100 
GLN O    O  N N 101 
GLN CB   C  N N 102 
GLN CG   C  N N 103 
GLN CD   C  N N 104 
GLN OE1  O  N N 105 
GLN NE2  N  N N 106 
GLN OXT  O  N N 107 
GLN H    H  N N 108 
GLN H2   H  N N 109 
GLN HA   H  N N 110 
GLN HB2  H  N N 111 
GLN HB3  H  N N 112 
GLN HG2  H  N N 113 
GLN HG3  H  N N 114 
GLN HE21 H  N N 115 
GLN HE22 H  N N 116 
GLN HXT  H  N N 117 
GLU N    N  N N 118 
GLU CA   C  N S 119 
GLU C    C  N N 120 
GLU O    O  N N 121 
GLU CB   C  N N 122 
GLU CG   C  N N 123 
GLU CD   C  N N 124 
GLU OE1  O  N N 125 
GLU OE2  O  N N 126 
GLU OXT  O  N N 127 
GLU H    H  N N 128 
GLU H2   H  N N 129 
GLU HA   H  N N 130 
GLU HB2  H  N N 131 
GLU HB3  H  N N 132 
GLU HG2  H  N N 133 
GLU HG3  H  N N 134 
GLU HE2  H  N N 135 
GLU HXT  H  N N 136 
GLY N    N  N N 137 
GLY CA   C  N N 138 
GLY C    C  N N 139 
GLY O    O  N N 140 
GLY OXT  O  N N 141 
GLY H    H  N N 142 
GLY H2   H  N N 143 
GLY HA2  H  N N 144 
GLY HA3  H  N N 145 
GLY HXT  H  N N 146 
HIS N    N  N N 147 
HIS CA   C  N S 148 
HIS C    C  N N 149 
HIS O    O  N N 150 
HIS CB   C  N N 151 
HIS CG   C  Y N 152 
HIS ND1  N  Y N 153 
HIS CD2  C  Y N 154 
HIS CE1  C  Y N 155 
HIS NE2  N  Y N 156 
HIS OXT  O  N N 157 
HIS H    H  N N 158 
HIS H2   H  N N 159 
HIS HA   H  N N 160 
HIS HB2  H  N N 161 
HIS HB3  H  N N 162 
HIS HD1  H  N N 163 
HIS HD2  H  N N 164 
HIS HE1  H  N N 165 
HIS HE2  H  N N 166 
HIS HXT  H  N N 167 
HOH O    O  N N 168 
HOH H1   H  N N 169 
HOH H2   H  N N 170 
ILE N    N  N N 171 
ILE CA   C  N S 172 
ILE C    C  N N 173 
ILE O    O  N N 174 
ILE CB   C  N S 175 
ILE CG1  C  N N 176 
ILE CG2  C  N N 177 
ILE CD1  C  N N 178 
ILE OXT  O  N N 179 
ILE H    H  N N 180 
ILE H2   H  N N 181 
ILE HA   H  N N 182 
ILE HB   H  N N 183 
ILE HG12 H  N N 184 
ILE HG13 H  N N 185 
ILE HG21 H  N N 186 
ILE HG22 H  N N 187 
ILE HG23 H  N N 188 
ILE HD11 H  N N 189 
ILE HD12 H  N N 190 
ILE HD13 H  N N 191 
ILE HXT  H  N N 192 
LEU N    N  N N 193 
LEU CA   C  N S 194 
LEU C    C  N N 195 
LEU O    O  N N 196 
LEU CB   C  N N 197 
LEU CG   C  N N 198 
LEU CD1  C  N N 199 
LEU CD2  C  N N 200 
LEU OXT  O  N N 201 
LEU H    H  N N 202 
LEU H2   H  N N 203 
LEU HA   H  N N 204 
LEU HB2  H  N N 205 
LEU HB3  H  N N 206 
LEU HG   H  N N 207 
LEU HD11 H  N N 208 
LEU HD12 H  N N 209 
LEU HD13 H  N N 210 
LEU HD21 H  N N 211 
LEU HD22 H  N N 212 
LEU HD23 H  N N 213 
LEU HXT  H  N N 214 
LYS N    N  N N 215 
LYS CA   C  N S 216 
LYS C    C  N N 217 
LYS O    O  N N 218 
LYS CB   C  N N 219 
LYS CG   C  N N 220 
LYS CD   C  N N 221 
LYS CE   C  N N 222 
LYS NZ   N  N N 223 
LYS OXT  O  N N 224 
LYS H    H  N N 225 
LYS H2   H  N N 226 
LYS HA   H  N N 227 
LYS HB2  H  N N 228 
LYS HB3  H  N N 229 
LYS HG2  H  N N 230 
LYS HG3  H  N N 231 
LYS HD2  H  N N 232 
LYS HD3  H  N N 233 
LYS HE2  H  N N 234 
LYS HE3  H  N N 235 
LYS HZ1  H  N N 236 
LYS HZ2  H  N N 237 
LYS HZ3  H  N N 238 
LYS HXT  H  N N 239 
MET N    N  N N 240 
MET CA   C  N S 241 
MET C    C  N N 242 
MET O    O  N N 243 
MET CB   C  N N 244 
MET CG   C  N N 245 
MET SD   S  N N 246 
MET CE   C  N N 247 
MET OXT  O  N N 248 
MET H    H  N N 249 
MET H2   H  N N 250 
MET HA   H  N N 251 
MET HB2  H  N N 252 
MET HB3  H  N N 253 
MET HG2  H  N N 254 
MET HG3  H  N N 255 
MET HE1  H  N N 256 
MET HE2  H  N N 257 
MET HE3  H  N N 258 
MET HXT  H  N N 259 
PHE N    N  N N 260 
PHE CA   C  N S 261 
PHE C    C  N N 262 
PHE O    O  N N 263 
PHE CB   C  N N 264 
PHE CG   C  Y N 265 
PHE CD1  C  Y N 266 
PHE CD2  C  Y N 267 
PHE CE1  C  Y N 268 
PHE CE2  C  Y N 269 
PHE CZ   C  Y N 270 
PHE OXT  O  N N 271 
PHE H    H  N N 272 
PHE H2   H  N N 273 
PHE HA   H  N N 274 
PHE HB2  H  N N 275 
PHE HB3  H  N N 276 
PHE HD1  H  N N 277 
PHE HD2  H  N N 278 
PHE HE1  H  N N 279 
PHE HE2  H  N N 280 
PHE HZ   H  N N 281 
PHE HXT  H  N N 282 
PRO N    N  N N 283 
PRO CA   C  N S 284 
PRO C    C  N N 285 
PRO O    O  N N 286 
PRO CB   C  N N 287 
PRO CG   C  N N 288 
PRO CD   C  N N 289 
PRO OXT  O  N N 290 
PRO H    H  N N 291 
PRO HA   H  N N 292 
PRO HB2  H  N N 293 
PRO HB3  H  N N 294 
PRO HG2  H  N N 295 
PRO HG3  H  N N 296 
PRO HD2  H  N N 297 
PRO HD3  H  N N 298 
PRO HXT  H  N N 299 
SER N    N  N N 300 
SER CA   C  N S 301 
SER C    C  N N 302 
SER O    O  N N 303 
SER CB   C  N N 304 
SER OG   O  N N 305 
SER OXT  O  N N 306 
SER H    H  N N 307 
SER H2   H  N N 308 
SER HA   H  N N 309 
SER HB2  H  N N 310 
SER HB3  H  N N 311 
SER HG   H  N N 312 
SER HXT  H  N N 313 
THR N    N  N N 314 
THR CA   C  N S 315 
THR C    C  N N 316 
THR O    O  N N 317 
THR CB   C  N R 318 
THR OG1  O  N N 319 
THR CG2  C  N N 320 
THR OXT  O  N N 321 
THR H    H  N N 322 
THR H2   H  N N 323 
THR HA   H  N N 324 
THR HB   H  N N 325 
THR HG1  H  N N 326 
THR HG21 H  N N 327 
THR HG22 H  N N 328 
THR HG23 H  N N 329 
THR HXT  H  N N 330 
TRP N    N  N N 331 
TRP CA   C  N S 332 
TRP C    C  N N 333 
TRP O    O  N N 334 
TRP CB   C  N N 335 
TRP CG   C  Y N 336 
TRP CD1  C  Y N 337 
TRP CD2  C  Y N 338 
TRP NE1  N  Y N 339 
TRP CE2  C  Y N 340 
TRP CE3  C  Y N 341 
TRP CZ2  C  Y N 342 
TRP CZ3  C  Y N 343 
TRP CH2  C  Y N 344 
TRP OXT  O  N N 345 
TRP H    H  N N 346 
TRP H2   H  N N 347 
TRP HA   H  N N 348 
TRP HB2  H  N N 349 
TRP HB3  H  N N 350 
TRP HD1  H  N N 351 
TRP HE1  H  N N 352 
TRP HE3  H  N N 353 
TRP HZ2  H  N N 354 
TRP HZ3  H  N N 355 
TRP HH2  H  N N 356 
TRP HXT  H  N N 357 
TYR N    N  N N 358 
TYR CA   C  N S 359 
TYR C    C  N N 360 
TYR O    O  N N 361 
TYR CB   C  N N 362 
TYR CG   C  Y N 363 
TYR CD1  C  Y N 364 
TYR CD2  C  Y N 365 
TYR CE1  C  Y N 366 
TYR CE2  C  Y N 367 
TYR CZ   C  Y N 368 
TYR OH   O  N N 369 
TYR OXT  O  N N 370 
TYR H    H  N N 371 
TYR H2   H  N N 372 
TYR HA   H  N N 373 
TYR HB2  H  N N 374 
TYR HB3  H  N N 375 
TYR HD1  H  N N 376 
TYR HD2  H  N N 377 
TYR HE1  H  N N 378 
TYR HE2  H  N N 379 
TYR HH   H  N N 380 
TYR HXT  H  N N 381 
VAL N    N  N N 382 
VAL CA   C  N S 383 
VAL C    C  N N 384 
VAL O    O  N N 385 
VAL CB   C  N N 386 
VAL CG1  C  N N 387 
VAL CG2  C  N N 388 
VAL OXT  O  N N 389 
VAL H    H  N N 390 
VAL H2   H  N N 391 
VAL HA   H  N N 392 
VAL HB   H  N N 393 
VAL HG11 H  N N 394 
VAL HG12 H  N N 395 
VAL HG13 H  N N 396 
VAL HG21 H  N N 397 
VAL HG22 H  N N 398 
VAL HG23 H  N N 399 
VAL HXT  H  N N 400 
XYP O1   O  N N 401 
XYP C1   C  N R 402 
XYP C2   C  N R 403 
XYP C3   C  N S 404 
XYP C4   C  N R 405 
XYP C5   C  N N 406 
XYP O2   O  N N 407 
XYP O3   O  N N 408 
XYP O4   O  N N 409 
XYP O5   O  N N 410 
XYP HO1  H  N N 411 
XYP H1   H  N N 412 
XYP H2   H  N N 413 
XYP H3   H  N N 414 
XYP H4   H  N N 415 
XYP H51  H  N N 416 
XYP H52  H  N N 417 
XYP HO2  H  N N 418 
XYP HO3  H  N N 419 
XYP HO4  H  N N 420 
# 
loop_
_chem_comp_bond.comp_id 
_chem_comp_bond.atom_id_1 
_chem_comp_bond.atom_id_2 
_chem_comp_bond.value_order 
_chem_comp_bond.pdbx_aromatic_flag 
_chem_comp_bond.pdbx_stereo_config 
_chem_comp_bond.pdbx_ordinal 
ALA N   CA   sing N N 1   
ALA N   H    sing N N 2   
ALA N   H2   sing N N 3   
ALA CA  C    sing N N 4   
ALA CA  CB   sing N N 5   
ALA CA  HA   sing N N 6   
ALA C   O    doub N N 7   
ALA C   OXT  sing N N 8   
ALA CB  HB1  sing N N 9   
ALA CB  HB2  sing N N 10  
ALA CB  HB3  sing N N 11  
ALA OXT HXT  sing N N 12  
ARG N   CA   sing N N 13  
ARG N   H    sing N N 14  
ARG N   H2   sing N N 15  
ARG CA  C    sing N N 16  
ARG CA  CB   sing N N 17  
ARG CA  HA   sing N N 18  
ARG C   O    doub N N 19  
ARG C   OXT  sing N N 20  
ARG CB  CG   sing N N 21  
ARG CB  HB2  sing N N 22  
ARG CB  HB3  sing N N 23  
ARG CG  CD   sing N N 24  
ARG CG  HG2  sing N N 25  
ARG CG  HG3  sing N N 26  
ARG CD  NE   sing N N 27  
ARG CD  HD2  sing N N 28  
ARG CD  HD3  sing N N 29  
ARG NE  CZ   sing N N 30  
ARG NE  HE   sing N N 31  
ARG CZ  NH1  sing N N 32  
ARG CZ  NH2  doub N N 33  
ARG NH1 HH11 sing N N 34  
ARG NH1 HH12 sing N N 35  
ARG NH2 HH21 sing N N 36  
ARG NH2 HH22 sing N N 37  
ARG OXT HXT  sing N N 38  
ASN N   CA   sing N N 39  
ASN N   H    sing N N 40  
ASN N   H2   sing N N 41  
ASN CA  C    sing N N 42  
ASN CA  CB   sing N N 43  
ASN CA  HA   sing N N 44  
ASN C   O    doub N N 45  
ASN C   OXT  sing N N 46  
ASN CB  CG   sing N N 47  
ASN CB  HB2  sing N N 48  
ASN CB  HB3  sing N N 49  
ASN CG  OD1  doub N N 50  
ASN CG  ND2  sing N N 51  
ASN ND2 HD21 sing N N 52  
ASN ND2 HD22 sing N N 53  
ASN OXT HXT  sing N N 54  
ASP N   CA   sing N N 55  
ASP N   H    sing N N 56  
ASP N   H2   sing N N 57  
ASP CA  C    sing N N 58  
ASP CA  CB   sing N N 59  
ASP CA  HA   sing N N 60  
ASP C   O    doub N N 61  
ASP C   OXT  sing N N 62  
ASP CB  CG   sing N N 63  
ASP CB  HB2  sing N N 64  
ASP CB  HB3  sing N N 65  
ASP CG  OD1  doub N N 66  
ASP CG  OD2  sing N N 67  
ASP OD2 HD2  sing N N 68  
ASP OXT HXT  sing N N 69  
GCU C1  C2   sing N N 70  
GCU C1  O1   sing N N 71  
GCU C1  O5   sing N N 72  
GCU C1  H1   sing N N 73  
GCU C2  C3   sing N N 74  
GCU C2  O2   sing N N 75  
GCU C2  H2   sing N N 76  
GCU C3  C4   sing N N 77  
GCU C3  O3   sing N N 78  
GCU C3  H3   sing N N 79  
GCU C4  C5   sing N N 80  
GCU C4  O4   sing N N 81  
GCU C4  H4   sing N N 82  
GCU C5  C6   sing N N 83  
GCU C5  O5   sing N N 84  
GCU C5  H5   sing N N 85  
GCU C6  O6A  doub N N 86  
GCU C6  O6B  sing N N 87  
GCU O1  HO1  sing N N 88  
GCU O2  HO2  sing N N 89  
GCU O3  HO3  sing N N 90  
GCU O4  HO4  sing N N 91  
GCU O6B HO6B sing N N 92  
GLN N   CA   sing N N 93  
GLN N   H    sing N N 94  
GLN N   H2   sing N N 95  
GLN CA  C    sing N N 96  
GLN CA  CB   sing N N 97  
GLN CA  HA   sing N N 98  
GLN C   O    doub N N 99  
GLN C   OXT  sing N N 100 
GLN CB  CG   sing N N 101 
GLN CB  HB2  sing N N 102 
GLN CB  HB3  sing N N 103 
GLN CG  CD   sing N N 104 
GLN CG  HG2  sing N N 105 
GLN CG  HG3  sing N N 106 
GLN CD  OE1  doub N N 107 
GLN CD  NE2  sing N N 108 
GLN NE2 HE21 sing N N 109 
GLN NE2 HE22 sing N N 110 
GLN OXT HXT  sing N N 111 
GLU N   CA   sing N N 112 
GLU N   H    sing N N 113 
GLU N   H2   sing N N 114 
GLU CA  C    sing N N 115 
GLU CA  CB   sing N N 116 
GLU CA  HA   sing N N 117 
GLU C   O    doub N N 118 
GLU C   OXT  sing N N 119 
GLU CB  CG   sing N N 120 
GLU CB  HB2  sing N N 121 
GLU CB  HB3  sing N N 122 
GLU CG  CD   sing N N 123 
GLU CG  HG2  sing N N 124 
GLU CG  HG3  sing N N 125 
GLU CD  OE1  doub N N 126 
GLU CD  OE2  sing N N 127 
GLU OE2 HE2  sing N N 128 
GLU OXT HXT  sing N N 129 
GLY N   CA   sing N N 130 
GLY N   H    sing N N 131 
GLY N   H2   sing N N 132 
GLY CA  C    sing N N 133 
GLY CA  HA2  sing N N 134 
GLY CA  HA3  sing N N 135 
GLY C   O    doub N N 136 
GLY C   OXT  sing N N 137 
GLY OXT HXT  sing N N 138 
HIS N   CA   sing N N 139 
HIS N   H    sing N N 140 
HIS N   H2   sing N N 141 
HIS CA  C    sing N N 142 
HIS CA  CB   sing N N 143 
HIS CA  HA   sing N N 144 
HIS C   O    doub N N 145 
HIS C   OXT  sing N N 146 
HIS CB  CG   sing N N 147 
HIS CB  HB2  sing N N 148 
HIS CB  HB3  sing N N 149 
HIS CG  ND1  sing Y N 150 
HIS CG  CD2  doub Y N 151 
HIS ND1 CE1  doub Y N 152 
HIS ND1 HD1  sing N N 153 
HIS CD2 NE2  sing Y N 154 
HIS CD2 HD2  sing N N 155 
HIS CE1 NE2  sing Y N 156 
HIS CE1 HE1  sing N N 157 
HIS NE2 HE2  sing N N 158 
HIS OXT HXT  sing N N 159 
HOH O   H1   sing N N 160 
HOH O   H2   sing N N 161 
ILE N   CA   sing N N 162 
ILE N   H    sing N N 163 
ILE N   H2   sing N N 164 
ILE CA  C    sing N N 165 
ILE CA  CB   sing N N 166 
ILE CA  HA   sing N N 167 
ILE C   O    doub N N 168 
ILE C   OXT  sing N N 169 
ILE CB  CG1  sing N N 170 
ILE CB  CG2  sing N N 171 
ILE CB  HB   sing N N 172 
ILE CG1 CD1  sing N N 173 
ILE CG1 HG12 sing N N 174 
ILE CG1 HG13 sing N N 175 
ILE CG2 HG21 sing N N 176 
ILE CG2 HG22 sing N N 177 
ILE CG2 HG23 sing N N 178 
ILE CD1 HD11 sing N N 179 
ILE CD1 HD12 sing N N 180 
ILE CD1 HD13 sing N N 181 
ILE OXT HXT  sing N N 182 
LEU N   CA   sing N N 183 
LEU N   H    sing N N 184 
LEU N   H2   sing N N 185 
LEU CA  C    sing N N 186 
LEU CA  CB   sing N N 187 
LEU CA  HA   sing N N 188 
LEU C   O    doub N N 189 
LEU C   OXT  sing N N 190 
LEU CB  CG   sing N N 191 
LEU CB  HB2  sing N N 192 
LEU CB  HB3  sing N N 193 
LEU CG  CD1  sing N N 194 
LEU CG  CD2  sing N N 195 
LEU CG  HG   sing N N 196 
LEU CD1 HD11 sing N N 197 
LEU CD1 HD12 sing N N 198 
LEU CD1 HD13 sing N N 199 
LEU CD2 HD21 sing N N 200 
LEU CD2 HD22 sing N N 201 
LEU CD2 HD23 sing N N 202 
LEU OXT HXT  sing N N 203 
LYS N   CA   sing N N 204 
LYS N   H    sing N N 205 
LYS N   H2   sing N N 206 
LYS CA  C    sing N N 207 
LYS CA  CB   sing N N 208 
LYS CA  HA   sing N N 209 
LYS C   O    doub N N 210 
LYS C   OXT  sing N N 211 
LYS CB  CG   sing N N 212 
LYS CB  HB2  sing N N 213 
LYS CB  HB3  sing N N 214 
LYS CG  CD   sing N N 215 
LYS CG  HG2  sing N N 216 
LYS CG  HG3  sing N N 217 
LYS CD  CE   sing N N 218 
LYS CD  HD2  sing N N 219 
LYS CD  HD3  sing N N 220 
LYS CE  NZ   sing N N 221 
LYS CE  HE2  sing N N 222 
LYS CE  HE3  sing N N 223 
LYS NZ  HZ1  sing N N 224 
LYS NZ  HZ2  sing N N 225 
LYS NZ  HZ3  sing N N 226 
LYS OXT HXT  sing N N 227 
MET N   CA   sing N N 228 
MET N   H    sing N N 229 
MET N   H2   sing N N 230 
MET CA  C    sing N N 231 
MET CA  CB   sing N N 232 
MET CA  HA   sing N N 233 
MET C   O    doub N N 234 
MET C   OXT  sing N N 235 
MET CB  CG   sing N N 236 
MET CB  HB2  sing N N 237 
MET CB  HB3  sing N N 238 
MET CG  SD   sing N N 239 
MET CG  HG2  sing N N 240 
MET CG  HG3  sing N N 241 
MET SD  CE   sing N N 242 
MET CE  HE1  sing N N 243 
MET CE  HE2  sing N N 244 
MET CE  HE3  sing N N 245 
MET OXT HXT  sing N N 246 
PHE N   CA   sing N N 247 
PHE N   H    sing N N 248 
PHE N   H2   sing N N 249 
PHE CA  C    sing N N 250 
PHE CA  CB   sing N N 251 
PHE CA  HA   sing N N 252 
PHE C   O    doub N N 253 
PHE C   OXT  sing N N 254 
PHE CB  CG   sing N N 255 
PHE CB  HB2  sing N N 256 
PHE CB  HB3  sing N N 257 
PHE CG  CD1  doub Y N 258 
PHE CG  CD2  sing Y N 259 
PHE CD1 CE1  sing Y N 260 
PHE CD1 HD1  sing N N 261 
PHE CD2 CE2  doub Y N 262 
PHE CD2 HD2  sing N N 263 
PHE CE1 CZ   doub Y N 264 
PHE CE1 HE1  sing N N 265 
PHE CE2 CZ   sing Y N 266 
PHE CE2 HE2  sing N N 267 
PHE CZ  HZ   sing N N 268 
PHE OXT HXT  sing N N 269 
PRO N   CA   sing N N 270 
PRO N   CD   sing N N 271 
PRO N   H    sing N N 272 
PRO CA  C    sing N N 273 
PRO CA  CB   sing N N 274 
PRO CA  HA   sing N N 275 
PRO C   O    doub N N 276 
PRO C   OXT  sing N N 277 
PRO CB  CG   sing N N 278 
PRO CB  HB2  sing N N 279 
PRO CB  HB3  sing N N 280 
PRO CG  CD   sing N N 281 
PRO CG  HG2  sing N N 282 
PRO CG  HG3  sing N N 283 
PRO CD  HD2  sing N N 284 
PRO CD  HD3  sing N N 285 
PRO OXT HXT  sing N N 286 
SER N   CA   sing N N 287 
SER N   H    sing N N 288 
SER N   H2   sing N N 289 
SER CA  C    sing N N 290 
SER CA  CB   sing N N 291 
SER CA  HA   sing N N 292 
SER C   O    doub N N 293 
SER C   OXT  sing N N 294 
SER CB  OG   sing N N 295 
SER CB  HB2  sing N N 296 
SER CB  HB3  sing N N 297 
SER OG  HG   sing N N 298 
SER OXT HXT  sing N N 299 
THR N   CA   sing N N 300 
THR N   H    sing N N 301 
THR N   H2   sing N N 302 
THR CA  C    sing N N 303 
THR CA  CB   sing N N 304 
THR CA  HA   sing N N 305 
THR C   O    doub N N 306 
THR C   OXT  sing N N 307 
THR CB  OG1  sing N N 308 
THR CB  CG2  sing N N 309 
THR CB  HB   sing N N 310 
THR OG1 HG1  sing N N 311 
THR CG2 HG21 sing N N 312 
THR CG2 HG22 sing N N 313 
THR CG2 HG23 sing N N 314 
THR OXT HXT  sing N N 315 
TRP N   CA   sing N N 316 
TRP N   H    sing N N 317 
TRP N   H2   sing N N 318 
TRP CA  C    sing N N 319 
TRP CA  CB   sing N N 320 
TRP CA  HA   sing N N 321 
TRP C   O    doub N N 322 
TRP C   OXT  sing N N 323 
TRP CB  CG   sing N N 324 
TRP CB  HB2  sing N N 325 
TRP CB  HB3  sing N N 326 
TRP CG  CD1  doub Y N 327 
TRP CG  CD2  sing Y N 328 
TRP CD1 NE1  sing Y N 329 
TRP CD1 HD1  sing N N 330 
TRP CD2 CE2  doub Y N 331 
TRP CD2 CE3  sing Y N 332 
TRP NE1 CE2  sing Y N 333 
TRP NE1 HE1  sing N N 334 
TRP CE2 CZ2  sing Y N 335 
TRP CE3 CZ3  doub Y N 336 
TRP CE3 HE3  sing N N 337 
TRP CZ2 CH2  doub Y N 338 
TRP CZ2 HZ2  sing N N 339 
TRP CZ3 CH2  sing Y N 340 
TRP CZ3 HZ3  sing N N 341 
TRP CH2 HH2  sing N N 342 
TRP OXT HXT  sing N N 343 
TYR N   CA   sing N N 344 
TYR N   H    sing N N 345 
TYR N   H2   sing N N 346 
TYR CA  C    sing N N 347 
TYR CA  CB   sing N N 348 
TYR CA  HA   sing N N 349 
TYR C   O    doub N N 350 
TYR C   OXT  sing N N 351 
TYR CB  CG   sing N N 352 
TYR CB  HB2  sing N N 353 
TYR CB  HB3  sing N N 354 
TYR CG  CD1  doub Y N 355 
TYR CG  CD2  sing Y N 356 
TYR CD1 CE1  sing Y N 357 
TYR CD1 HD1  sing N N 358 
TYR CD2 CE2  doub Y N 359 
TYR CD2 HD2  sing N N 360 
TYR CE1 CZ   doub Y N 361 
TYR CE1 HE1  sing N N 362 
TYR CE2 CZ   sing Y N 363 
TYR CE2 HE2  sing N N 364 
TYR CZ  OH   sing N N 365 
TYR OH  HH   sing N N 366 
TYR OXT HXT  sing N N 367 
VAL N   CA   sing N N 368 
VAL N   H    sing N N 369 
VAL N   H2   sing N N 370 
VAL CA  C    sing N N 371 
VAL CA  CB   sing N N 372 
VAL CA  HA   sing N N 373 
VAL C   O    doub N N 374 
VAL C   OXT  sing N N 375 
VAL CB  CG1  sing N N 376 
VAL CB  CG2  sing N N 377 
VAL CB  HB   sing N N 378 
VAL CG1 HG11 sing N N 379 
VAL CG1 HG12 sing N N 380 
VAL CG1 HG13 sing N N 381 
VAL CG2 HG21 sing N N 382 
VAL CG2 HG22 sing N N 383 
VAL CG2 HG23 sing N N 384 
VAL OXT HXT  sing N N 385 
XYP O1  C1   sing N N 386 
XYP O1  HO1  sing N N 387 
XYP C1  C2   sing N N 388 
XYP C1  O5   sing N N 389 
XYP C1  H1   sing N N 390 
XYP C2  C3   sing N N 391 
XYP C2  O2   sing N N 392 
XYP C2  H2   sing N N 393 
XYP C3  C4   sing N N 394 
XYP C3  O3   sing N N 395 
XYP C3  H3   sing N N 396 
XYP C4  C5   sing N N 397 
XYP C4  O4   sing N N 398 
XYP C4  H4   sing N N 399 
XYP C5  O5   sing N N 400 
XYP C5  H51  sing N N 401 
XYP C5  H52  sing N N 402 
XYP O2  HO2  sing N N 403 
XYP O3  HO3  sing N N 404 
XYP O4  HO4  sing N N 405 
# 
loop_
_pdbx_branch_scheme.asym_id 
_pdbx_branch_scheme.entity_id 
_pdbx_branch_scheme.mon_id 
_pdbx_branch_scheme.num 
_pdbx_branch_scheme.pdb_asym_id 
_pdbx_branch_scheme.pdb_mon_id 
_pdbx_branch_scheme.pdb_seq_num 
_pdbx_branch_scheme.auth_asym_id 
_pdbx_branch_scheme.auth_mon_id 
_pdbx_branch_scheme.auth_seq_num 
_pdbx_branch_scheme.hetero 
B 2 XYP 1 B XYP 1 A XYP 1002 n 
B 2 GCU 2 B GCU 2 A GCU 1    n 
# 
loop_
_pdbx_chem_comp_identifier.comp_id 
_pdbx_chem_comp_identifier.type 
_pdbx_chem_comp_identifier.program 
_pdbx_chem_comp_identifier.program_version 
_pdbx_chem_comp_identifier.identifier 
GCU 'CONDENSED IUPAC CARBOHYDRATE SYMBOL' GMML     1.0 DGlcpAa                     
GCU 'COMMON NAME'                         GMML     1.0 'a-D-glucopyranuronic acid' 
GCU 'IUPAC CARBOHYDRATE SYMBOL'           PDB-CARE 1.0 a-D-GlcpA                   
GCU 'SNFG CARBOHYDRATE SYMBOL'            GMML     1.0 GlcA                        
XYP 'CONDENSED IUPAC CARBOHYDRATE SYMBOL' GMML     1.0 DXylpb                      
XYP 'COMMON NAME'                         GMML     1.0 b-D-xylopyranose            
XYP 'IUPAC CARBOHYDRATE SYMBOL'           PDB-CARE 1.0 b-D-Xylp                    
XYP 'SNFG CARBOHYDRATE SYMBOL'            GMML     1.0 Xyl                         
# 
_pdbx_entity_branch.entity_id   2 
_pdbx_entity_branch.type        oligosaccharide 
# 
loop_
_pdbx_entity_branch_descriptor.ordinal 
_pdbx_entity_branch_descriptor.entity_id 
_pdbx_entity_branch_descriptor.descriptor 
_pdbx_entity_branch_descriptor.type 
_pdbx_entity_branch_descriptor.program 
_pdbx_entity_branch_descriptor.program_version 
1 2 DGlcpAa1-2DXylpb1-ROH                                     'Glycam Condensed Sequence' GMML       1.0   
2 2 'WURCS=2.0/2,2,1/[a212h-1b_1-5][a2122A-1a_1-5]/1-2/a2-b1' WURCS                       PDB2Glycan 1.1.0 
3 2 '[][&lt;C5O3&gt;]{[(1+1)][a-D-GlcpA]{}}'                  LINUCS                      PDB-CARE   ?     
# 
_pdbx_entity_branch_link.link_id                    1 
_pdbx_entity_branch_link.entity_id                  2 
_pdbx_entity_branch_link.entity_branch_list_num_1   2 
_pdbx_entity_branch_link.comp_id_1                  GCU 
_pdbx_entity_branch_link.atom_id_1                  C1 
_pdbx_entity_branch_link.leaving_atom_id_1          O1 
_pdbx_entity_branch_link.entity_branch_list_num_2   1 
_pdbx_entity_branch_link.comp_id_2                  XYP 
_pdbx_entity_branch_link.atom_id_2                  O2 
_pdbx_entity_branch_link.leaving_atom_id_2          HO2 
_pdbx_entity_branch_link.value_order                sing 
_pdbx_entity_branch_link.details                    ? 
# 
loop_
_pdbx_entity_branch_list.entity_id 
_pdbx_entity_branch_list.comp_id 
_pdbx_entity_branch_list.num 
_pdbx_entity_branch_list.hetero 
2 XYP 1 n 
2 GCU 2 n 
# 
loop_
_pdbx_entity_nonpoly.entity_id 
_pdbx_entity_nonpoly.name 
_pdbx_entity_nonpoly.comp_id 
3 'CALCIUM ION' CA  
4 water         HOH 
# 
_pdbx_initial_refinement_model.id               1 
_pdbx_initial_refinement_model.entity_id_list   ? 
_pdbx_initial_refinement_model.type             'experimental model' 
_pdbx_initial_refinement_model.source_name      PDB 
_pdbx_initial_refinement_model.accession_code   4QB1 
_pdbx_initial_refinement_model.details          ? 
# 
